data_3CSX
# 
_entry.id   3CSX 
# 
_audit_conform.dict_name       mmcif_pdbx.dic 
_audit_conform.dict_version    5.387 
_audit_conform.dict_location   http://mmcif.pdb.org/dictionaries/ascii/mmcif_pdbx.dic 
# 
loop_
_database_2.database_id 
_database_2.database_code 
_database_2.pdbx_database_accession 
_database_2.pdbx_DOI 
PDB   3CSX         pdb_00003csx 10.2210/pdb3csx/pdb 
RCSB  RCSB047171   ?            ?                   
WWPDB D_1000047171 ?            ?                   
# 
loop_
_pdbx_audit_revision_history.ordinal 
_pdbx_audit_revision_history.data_content_type 
_pdbx_audit_revision_history.major_revision 
_pdbx_audit_revision_history.minor_revision 
_pdbx_audit_revision_history.revision_date 
1 'Structure model' 1 0 2008-06-10 
2 'Structure model' 1 1 2011-07-13 
3 'Structure model' 1 2 2024-02-21 
# 
_pdbx_audit_revision_details.ordinal             1 
_pdbx_audit_revision_details.revision_ordinal    1 
_pdbx_audit_revision_details.data_content_type   'Structure model' 
_pdbx_audit_revision_details.provider            repository 
_pdbx_audit_revision_details.type                'Initial release' 
_pdbx_audit_revision_details.description         ? 
_pdbx_audit_revision_details.details             ? 
# 
loop_
_pdbx_audit_revision_group.ordinal 
_pdbx_audit_revision_group.revision_ordinal 
_pdbx_audit_revision_group.data_content_type 
_pdbx_audit_revision_group.group 
1 2 'Structure model' 'Version format compliance' 
2 3 'Structure model' 'Data collection'           
3 3 'Structure model' 'Database references'       
4 3 'Structure model' 'Derived calculations'      
# 
loop_
_pdbx_audit_revision_category.ordinal 
_pdbx_audit_revision_category.revision_ordinal 
_pdbx_audit_revision_category.data_content_type 
_pdbx_audit_revision_category.category 
1 3 'Structure model' chem_comp_atom     
2 3 'Structure model' chem_comp_bond     
3 3 'Structure model' database_2         
4 3 'Structure model' struct_ref_seq_dif 
5 3 'Structure model' struct_site        
# 
loop_
_pdbx_audit_revision_item.ordinal 
_pdbx_audit_revision_item.revision_ordinal 
_pdbx_audit_revision_item.data_content_type 
_pdbx_audit_revision_item.item 
1 3 'Structure model' '_database_2.pdbx_DOI'                
2 3 'Structure model' '_database_2.pdbx_database_accession' 
3 3 'Structure model' '_struct_ref_seq_dif.details'         
4 3 'Structure model' '_struct_site.pdbx_auth_asym_id'      
5 3 'Structure model' '_struct_site.pdbx_auth_comp_id'      
6 3 'Structure model' '_struct_site.pdbx_auth_seq_id'       
# 
_pdbx_database_status.status_code                     REL 
_pdbx_database_status.entry_id                        3CSX 
_pdbx_database_status.recvd_initial_deposition_date   2008-04-10 
_pdbx_database_status.deposit_site                    RCSB 
_pdbx_database_status.process_site                    RCSB 
_pdbx_database_status.status_code_sf                  REL 
_pdbx_database_status.status_code_mr                  ? 
_pdbx_database_status.SG_entry                        ? 
_pdbx_database_status.pdb_format_compatible           Y 
_pdbx_database_status.status_code_cs                  ? 
_pdbx_database_status.status_code_nmr_data            ? 
_pdbx_database_status.methods_development_category    ? 
# 
loop_
_audit_author.name 
_audit_author.pdbx_ordinal 
'Addlagatta, A.' 1 
'Robinson, H.'   2 
'Buchko, G.W.'   3 
# 
_citation.id                        primary 
_citation.title                     
;Structural characterization of the protein cce_0567 from Cyanothece 51142, a metalloprotein associated with nitrogen fixation in the DUF683 family.
;
_citation.journal_abbrev            Biochim.Biophys.Acta 
_citation.journal_volume            1794 
_citation.page_first                627 
_citation.page_last                 633 
_citation.year                      2009 
_citation.journal_id_ASTM           BBACAQ 
_citation.country                   NE 
_citation.journal_id_ISSN           0006-3002 
_citation.journal_id_CSD            0113 
_citation.book_publisher            ? 
_citation.pdbx_database_id_PubMed   19336042 
_citation.pdbx_database_id_DOI      10.1016/j.bbapap.2009.01.002 
# 
loop_
_citation_author.citation_id 
_citation_author.name 
_citation_author.ordinal 
_citation_author.identifier_ORCID 
primary 'Buchko, G.W.'   1 ? 
primary 'Robinson, H.'   2 ? 
primary 'Addlagatta, A.' 3 ? 
# 
loop_
_entity.id 
_entity.type 
_entity.src_method 
_entity.pdbx_description 
_entity.formula_weight 
_entity.pdbx_number_of_molecules 
_entity.pdbx_ec 
_entity.pdbx_mutation 
_entity.pdbx_fragment 
_entity.details 
1 polymer     man 'Putative uncharacterized protein' 9287.580 2  ? ? ? ? 
2 non-polymer syn 'NICKEL (II) ION'                  58.693   1  ? ? ? ? 
3 water       nat water                              18.015   96 ? ? ? ? 
# 
_entity_poly.entity_id                      1 
_entity_poly.type                           'polypeptide(L)' 
_entity_poly.nstd_linkage                   no 
_entity_poly.nstd_monomer                   no 
_entity_poly.pdbx_seq_one_letter_code       
;GSHMTVATDNNPTPEAVADLKKKVRKLNSKAGQMKMDLHDLAEGLPTDYENLVETAEKTYEIFRELDQLKKKLNIWEETL
K
;
_entity_poly.pdbx_seq_one_letter_code_can   
;GSHMTVATDNNPTPEAVADLKKKVRKLNSKAGQMKMDLHDLAEGLPTDYENLVETAEKTYEIFRELDQLKKKLNIWEETL
K
;
_entity_poly.pdbx_strand_id                 A,B 
_entity_poly.pdbx_target_identifier         ? 
# 
loop_
_pdbx_entity_nonpoly.entity_id 
_pdbx_entity_nonpoly.name 
_pdbx_entity_nonpoly.comp_id 
2 'NICKEL (II) ION' NI  
3 water             HOH 
# 
loop_
_entity_poly_seq.entity_id 
_entity_poly_seq.num 
_entity_poly_seq.mon_id 
_entity_poly_seq.hetero 
1 1  GLY n 
1 2  SER n 
1 3  HIS n 
1 4  MET n 
1 5  THR n 
1 6  VAL n 
1 7  ALA n 
1 8  THR n 
1 9  ASP n 
1 10 ASN n 
1 11 ASN n 
1 12 PRO n 
1 13 THR n 
1 14 PRO n 
1 15 GLU n 
1 16 ALA n 
1 17 VAL n 
1 18 ALA n 
1 19 ASP n 
1 20 LEU n 
1 21 LYS n 
1 22 LYS n 
1 23 LYS n 
1 24 VAL n 
1 25 ARG n 
1 26 LYS n 
1 27 LEU n 
1 28 ASN n 
1 29 SER n 
1 30 LYS n 
1 31 ALA n 
1 32 GLY n 
1 33 GLN n 
1 34 MET n 
1 35 LYS n 
1 36 MET n 
1 37 ASP n 
1 38 LEU n 
1 39 HIS n 
1 40 ASP n 
1 41 LEU n 
1 42 ALA n 
1 43 GLU n 
1 44 GLY n 
1 45 LEU n 
1 46 PRO n 
1 47 THR n 
1 48 ASP n 
1 49 TYR n 
1 50 GLU n 
1 51 ASN n 
1 52 LEU n 
1 53 VAL n 
1 54 GLU n 
1 55 THR n 
1 56 ALA n 
1 57 GLU n 
1 58 LYS n 
1 59 THR n 
1 60 TYR n 
1 61 GLU n 
1 62 ILE n 
1 63 PHE n 
1 64 ARG n 
1 65 GLU n 
1 66 LEU n 
1 67 ASP n 
1 68 GLN n 
1 69 LEU n 
1 70 LYS n 
1 71 LYS n 
1 72 LYS n 
1 73 LEU n 
1 74 ASN n 
1 75 ILE n 
1 76 TRP n 
1 77 GLU n 
1 78 GLU n 
1 79 THR n 
1 80 LEU n 
1 81 LYS n 
# 
_entity_src_gen.entity_id                          1 
_entity_src_gen.pdbx_src_id                        1 
_entity_src_gen.pdbx_alt_source_flag               sample 
_entity_src_gen.pdbx_seq_type                      ? 
_entity_src_gen.pdbx_beg_seq_num                   ? 
_entity_src_gen.pdbx_end_seq_num                   ? 
_entity_src_gen.gene_src_common_name               ? 
_entity_src_gen.gene_src_genus                     ? 
_entity_src_gen.pdbx_gene_src_gene                 ? 
_entity_src_gen.gene_src_species                   ? 
_entity_src_gen.gene_src_strain                    'ATCC 51142' 
_entity_src_gen.gene_src_tissue                    ? 
_entity_src_gen.gene_src_tissue_fraction           ? 
_entity_src_gen.gene_src_details                   ? 
_entity_src_gen.pdbx_gene_src_fragment             ? 
_entity_src_gen.pdbx_gene_src_scientific_name      Cyanothece 
_entity_src_gen.pdbx_gene_src_ncbi_taxonomy_id     ? 
_entity_src_gen.pdbx_gene_src_variant              ? 
_entity_src_gen.pdbx_gene_src_cell_line            ? 
_entity_src_gen.pdbx_gene_src_atcc                 ? 
_entity_src_gen.pdbx_gene_src_organ                ? 
_entity_src_gen.pdbx_gene_src_organelle            ? 
_entity_src_gen.pdbx_gene_src_cell                 ? 
_entity_src_gen.pdbx_gene_src_cellular_location    ? 
_entity_src_gen.host_org_common_name               ? 
_entity_src_gen.pdbx_host_org_scientific_name      'Escherichia coli' 
_entity_src_gen.pdbx_host_org_ncbi_taxonomy_id     ? 
_entity_src_gen.host_org_genus                     ? 
_entity_src_gen.pdbx_host_org_gene                 ? 
_entity_src_gen.pdbx_host_org_organ                ? 
_entity_src_gen.host_org_species                   ? 
_entity_src_gen.pdbx_host_org_tissue               ? 
_entity_src_gen.pdbx_host_org_tissue_fraction      ? 
_entity_src_gen.pdbx_host_org_strain               'BL21(DE3)' 
_entity_src_gen.pdbx_host_org_variant              ? 
_entity_src_gen.pdbx_host_org_cell_line            ? 
_entity_src_gen.pdbx_host_org_atcc                 ? 
_entity_src_gen.pdbx_host_org_culture_collection   ? 
_entity_src_gen.pdbx_host_org_cell                 ? 
_entity_src_gen.pdbx_host_org_organelle            ? 
_entity_src_gen.pdbx_host_org_cellular_location    ? 
_entity_src_gen.pdbx_host_org_vector_type          Plasmid 
_entity_src_gen.pdbx_host_org_vector               ? 
_entity_src_gen.host_org_details                   ? 
_entity_src_gen.expression_system_id               ? 
_entity_src_gen.plasmid_name                       pET28b 
_entity_src_gen.plasmid_details                    ? 
_entity_src_gen.pdbx_description                   ? 
# 
loop_
_chem_comp.id 
_chem_comp.type 
_chem_comp.mon_nstd_flag 
_chem_comp.name 
_chem_comp.pdbx_synonyms 
_chem_comp.formula 
_chem_comp.formula_weight 
ALA 'L-peptide linking' y ALANINE           ? 'C3 H7 N O2'     89.093  
ARG 'L-peptide linking' y ARGININE          ? 'C6 H15 N4 O2 1' 175.209 
ASN 'L-peptide linking' y ASPARAGINE        ? 'C4 H8 N2 O3'    132.118 
ASP 'L-peptide linking' y 'ASPARTIC ACID'   ? 'C4 H7 N O4'     133.103 
GLN 'L-peptide linking' y GLUTAMINE         ? 'C5 H10 N2 O3'   146.144 
GLU 'L-peptide linking' y 'GLUTAMIC ACID'   ? 'C5 H9 N O4'     147.129 
GLY 'peptide linking'   y GLYCINE           ? 'C2 H5 N O2'     75.067  
HIS 'L-peptide linking' y HISTIDINE         ? 'C6 H10 N3 O2 1' 156.162 
HOH non-polymer         . WATER             ? 'H2 O'           18.015  
ILE 'L-peptide linking' y ISOLEUCINE        ? 'C6 H13 N O2'    131.173 
LEU 'L-peptide linking' y LEUCINE           ? 'C6 H13 N O2'    131.173 
LYS 'L-peptide linking' y LYSINE            ? 'C6 H15 N2 O2 1' 147.195 
MET 'L-peptide linking' y METHIONINE        ? 'C5 H11 N O2 S'  149.211 
NI  non-polymer         . 'NICKEL (II) ION' ? 'Ni 2'           58.693  
PHE 'L-peptide linking' y PHENYLALANINE     ? 'C9 H11 N O2'    165.189 
PRO 'L-peptide linking' y PROLINE           ? 'C5 H9 N O2'     115.130 
SER 'L-peptide linking' y SERINE            ? 'C3 H7 N O3'     105.093 
THR 'L-peptide linking' y THREONINE         ? 'C4 H9 N O3'     119.119 
TRP 'L-peptide linking' y TRYPTOPHAN        ? 'C11 H12 N2 O2'  204.225 
TYR 'L-peptide linking' y TYROSINE          ? 'C9 H11 N O3'    181.189 
VAL 'L-peptide linking' y VALINE            ? 'C5 H11 N O2'    117.146 
# 
loop_
_pdbx_poly_seq_scheme.asym_id 
_pdbx_poly_seq_scheme.entity_id 
_pdbx_poly_seq_scheme.seq_id 
_pdbx_poly_seq_scheme.mon_id 
_pdbx_poly_seq_scheme.ndb_seq_num 
_pdbx_poly_seq_scheme.pdb_seq_num 
_pdbx_poly_seq_scheme.auth_seq_num 
_pdbx_poly_seq_scheme.pdb_mon_id 
_pdbx_poly_seq_scheme.auth_mon_id 
_pdbx_poly_seq_scheme.pdb_strand_id 
_pdbx_poly_seq_scheme.pdb_ins_code 
_pdbx_poly_seq_scheme.hetero 
A 1 1  GLY 1  -2 ?  ?   ?   A . n 
A 1 2  SER 2  -1 ?  ?   ?   A . n 
A 1 3  HIS 3  0  ?  ?   ?   A . n 
A 1 4  MET 4  1  ?  ?   ?   A . n 
A 1 5  THR 5  2  ?  ?   ?   A . n 
A 1 6  VAL 6  3  ?  ?   ?   A . n 
A 1 7  ALA 7  4  ?  ?   ?   A . n 
A 1 8  THR 8  5  ?  ?   ?   A . n 
A 1 9  ASP 9  6  ?  ?   ?   A . n 
A 1 10 ASN 10 7  ?  ?   ?   A . n 
A 1 11 ASN 11 8  ?  ?   ?   A . n 
A 1 12 PRO 12 9  ?  ?   ?   A . n 
A 1 13 THR 13 10 ?  ?   ?   A . n 
A 1 14 PRO 14 11 ?  ?   ?   A . n 
A 1 15 GLU 15 12 ?  ?   ?   A . n 
A 1 16 ALA 16 13 ?  ?   ?   A . n 
A 1 17 VAL 17 14 ?  ?   ?   A . n 
A 1 18 ALA 18 15 15 ALA ALA A . n 
A 1 19 ASP 19 16 16 ASP ASP A . n 
A 1 20 LEU 20 17 17 LEU LEU A . n 
A 1 21 LYS 21 18 18 LYS LYS A . n 
A 1 22 LYS 22 19 19 LYS LYS A . n 
A 1 23 LYS 23 20 20 LYS LYS A . n 
A 1 24 VAL 24 21 21 VAL VAL A . n 
A 1 25 ARG 25 22 22 ARG ARG A . n 
A 1 26 LYS 26 23 23 LYS LYS A . n 
A 1 27 LEU 27 24 24 LEU LEU A . n 
A 1 28 ASN 28 25 25 ASN ASN A . n 
A 1 29 SER 29 26 26 SER SER A . n 
A 1 30 LYS 30 27 27 LYS LYS A . n 
A 1 31 ALA 31 28 28 ALA ALA A . n 
A 1 32 GLY 32 29 29 GLY GLY A . n 
A 1 33 GLN 33 30 30 GLN GLN A . n 
A 1 34 MET 34 31 31 MET MET A . n 
A 1 35 LYS 35 32 32 LYS LYS A . n 
A 1 36 MET 36 33 33 MET MET A . n 
A 1 37 ASP 37 34 34 ASP ASP A . n 
A 1 38 LEU 38 35 35 LEU LEU A . n 
A 1 39 HIS 39 36 36 HIS HIS A . n 
A 1 40 ASP 40 37 37 ASP ASP A . n 
A 1 41 LEU 41 38 38 LEU LEU A . n 
A 1 42 ALA 42 39 39 ALA ALA A . n 
A 1 43 GLU 43 40 40 GLU GLU A . n 
A 1 44 GLY 44 41 41 GLY GLY A . n 
A 1 45 LEU 45 42 42 LEU LEU A . n 
A 1 46 PRO 46 43 43 PRO PRO A . n 
A 1 47 THR 47 44 44 THR THR A . n 
A 1 48 ASP 48 45 45 ASP ASP A . n 
A 1 49 TYR 49 46 46 TYR TYR A . n 
A 1 50 GLU 50 47 47 GLU GLU A . n 
A 1 51 ASN 51 48 48 ASN ASN A . n 
A 1 52 LEU 52 49 49 LEU LEU A . n 
A 1 53 VAL 53 50 50 VAL VAL A . n 
A 1 54 GLU 54 51 51 GLU GLU A . n 
A 1 55 THR 55 52 52 THR THR A . n 
A 1 56 ALA 56 53 53 ALA ALA A . n 
A 1 57 GLU 57 54 54 GLU GLU A . n 
A 1 58 LYS 58 55 55 LYS LYS A . n 
A 1 59 THR 59 56 56 THR THR A . n 
A 1 60 TYR 60 57 57 TYR TYR A . n 
A 1 61 GLU 61 58 58 GLU GLU A . n 
A 1 62 ILE 62 59 59 ILE ILE A . n 
A 1 63 PHE 63 60 60 PHE PHE A . n 
A 1 64 ARG 64 61 61 ARG ARG A . n 
A 1 65 GLU 65 62 62 GLU GLU A . n 
A 1 66 LEU 66 63 63 LEU LEU A . n 
A 1 67 ASP 67 64 64 ASP ASP A . n 
A 1 68 GLN 68 65 65 GLN GLN A . n 
A 1 69 LEU 69 66 66 LEU LEU A . n 
A 1 70 LYS 70 67 67 LYS LYS A . n 
A 1 71 LYS 71 68 68 LYS LYS A . n 
A 1 72 LYS 72 69 69 LYS LYS A . n 
A 1 73 LEU 73 70 70 LEU LEU A . n 
A 1 74 ASN 74 71 71 ASN ASN A . n 
A 1 75 ILE 75 72 72 ILE ILE A . n 
A 1 76 TRP 76 73 73 TRP TRP A . n 
A 1 77 GLU 77 74 74 GLU GLU A . n 
A 1 78 GLU 78 75 75 GLU GLU A . n 
A 1 79 THR 79 76 ?  ?   ?   A . n 
A 1 80 LEU 80 77 ?  ?   ?   A . n 
A 1 81 LYS 81 78 ?  ?   ?   A . n 
B 1 1  GLY 1  -2 ?  ?   ?   B . n 
B 1 2  SER 2  -1 ?  ?   ?   B . n 
B 1 3  HIS 3  0  ?  ?   ?   B . n 
B 1 4  MET 4  1  ?  ?   ?   B . n 
B 1 5  THR 5  2  ?  ?   ?   B . n 
B 1 6  VAL 6  3  ?  ?   ?   B . n 
B 1 7  ALA 7  4  ?  ?   ?   B . n 
B 1 8  THR 8  5  5  THR THR B . n 
B 1 9  ASP 9  6  6  ASP ASP B . n 
B 1 10 ASN 10 7  7  ASN ASN B . n 
B 1 11 ASN 11 8  8  ASN ASN B . n 
B 1 12 PRO 12 9  9  PRO PRO B . n 
B 1 13 THR 13 10 10 THR THR B . n 
B 1 14 PRO 14 11 11 PRO PRO B . n 
B 1 15 GLU 15 12 12 GLU GLU B . n 
B 1 16 ALA 16 13 13 ALA ALA B . n 
B 1 17 VAL 17 14 14 VAL VAL B . n 
B 1 18 ALA 18 15 15 ALA ALA B . n 
B 1 19 ASP 19 16 16 ASP ASP B . n 
B 1 20 LEU 20 17 17 LEU LEU B . n 
B 1 21 LYS 21 18 18 LYS LYS B . n 
B 1 22 LYS 22 19 19 LYS LYS B . n 
B 1 23 LYS 23 20 20 LYS LYS B . n 
B 1 24 VAL 24 21 21 VAL VAL B . n 
B 1 25 ARG 25 22 22 ARG ARG B . n 
B 1 26 LYS 26 23 23 LYS LYS B . n 
B 1 27 LEU 27 24 24 LEU LEU B . n 
B 1 28 ASN 28 25 25 ASN ASN B . n 
B 1 29 SER 29 26 26 SER SER B . n 
B 1 30 LYS 30 27 27 LYS LYS B . n 
B 1 31 ALA 31 28 28 ALA ALA B . n 
B 1 32 GLY 32 29 29 GLY GLY B . n 
B 1 33 GLN 33 30 30 GLN GLN B . n 
B 1 34 MET 34 31 31 MET MET B . n 
B 1 35 LYS 35 32 32 LYS LYS B . n 
B 1 36 MET 36 33 33 MET MET B . n 
B 1 37 ASP 37 34 34 ASP ASP B . n 
B 1 38 LEU 38 35 35 LEU LEU B . n 
B 1 39 HIS 39 36 36 HIS HIS B . n 
B 1 40 ASP 40 37 37 ASP ASP B . n 
B 1 41 LEU 41 38 38 LEU LEU B . n 
B 1 42 ALA 42 39 39 ALA ALA B . n 
B 1 43 GLU 43 40 40 GLU GLU B . n 
B 1 44 GLY 44 41 41 GLY GLY B . n 
B 1 45 LEU 45 42 42 LEU LEU B . n 
B 1 46 PRO 46 43 43 PRO PRO B . n 
B 1 47 THR 47 44 44 THR THR B . n 
B 1 48 ASP 48 45 45 ASP ASP B . n 
B 1 49 TYR 49 46 46 TYR TYR B . n 
B 1 50 GLU 50 47 47 GLU GLU B . n 
B 1 51 ASN 51 48 48 ASN ASN B . n 
B 1 52 LEU 52 49 49 LEU LEU B . n 
B 1 53 VAL 53 50 50 VAL VAL B . n 
B 1 54 GLU 54 51 51 GLU GLU B . n 
B 1 55 THR 55 52 52 THR THR B . n 
B 1 56 ALA 56 53 53 ALA ALA B . n 
B 1 57 GLU 57 54 54 GLU GLU B . n 
B 1 58 LYS 58 55 55 LYS LYS B . n 
B 1 59 THR 59 56 56 THR THR B . n 
B 1 60 TYR 60 57 57 TYR TYR B . n 
B 1 61 GLU 61 58 58 GLU GLU B . n 
B 1 62 ILE 62 59 59 ILE ILE B . n 
B 1 63 PHE 63 60 60 PHE PHE B . n 
B 1 64 ARG 64 61 61 ARG ARG B . n 
B 1 65 GLU 65 62 62 GLU GLU B . n 
B 1 66 LEU 66 63 63 LEU LEU B . n 
B 1 67 ASP 67 64 64 ASP ASP B . n 
B 1 68 GLN 68 65 65 GLN GLN B . n 
B 1 69 LEU 69 66 66 LEU LEU B . n 
B 1 70 LYS 70 67 67 LYS LYS B . n 
B 1 71 LYS 71 68 68 LYS LYS B . n 
B 1 72 LYS 72 69 69 LYS LYS B . n 
B 1 73 LEU 73 70 70 LEU LEU B . n 
B 1 74 ASN 74 71 71 ASN ASN B . n 
B 1 75 ILE 75 72 72 ILE ILE B . n 
B 1 76 TRP 76 73 73 TRP TRP B . n 
B 1 77 GLU 77 74 74 GLU GLU B . n 
B 1 78 GLU 78 75 75 GLU GLU B . n 
B 1 79 THR 79 76 ?  ?   ?   B . n 
B 1 80 LEU 80 77 ?  ?   ?   B . n 
B 1 81 LYS 81 78 ?  ?   ?   B . n 
# 
loop_
_pdbx_nonpoly_scheme.asym_id 
_pdbx_nonpoly_scheme.entity_id 
_pdbx_nonpoly_scheme.mon_id 
_pdbx_nonpoly_scheme.ndb_seq_num 
_pdbx_nonpoly_scheme.pdb_seq_num 
_pdbx_nonpoly_scheme.auth_seq_num 
_pdbx_nonpoly_scheme.pdb_mon_id 
_pdbx_nonpoly_scheme.auth_mon_id 
_pdbx_nonpoly_scheme.pdb_strand_id 
_pdbx_nonpoly_scheme.pdb_ins_code 
C 2 NI  1  78  1  NI  NI  A . 
D 3 HOH 1  79  1  HOH HOH A . 
D 3 HOH 2  80  3  HOH HOH A . 
D 3 HOH 3  81  7  HOH HOH A . 
D 3 HOH 4  82  8  HOH HOH A . 
D 3 HOH 5  83  10 HOH HOH A . 
D 3 HOH 6  84  11 HOH HOH A . 
D 3 HOH 7  85  14 HOH HOH A . 
D 3 HOH 8  86  18 HOH HOH A . 
D 3 HOH 9  87  21 HOH HOH A . 
D 3 HOH 10 88  27 HOH HOH A . 
D 3 HOH 11 89  33 HOH HOH A . 
D 3 HOH 12 90  34 HOH HOH A . 
D 3 HOH 13 91  38 HOH HOH A . 
D 3 HOH 14 92  40 HOH HOH A . 
D 3 HOH 15 93  43 HOH HOH A . 
D 3 HOH 16 94  45 HOH HOH A . 
D 3 HOH 17 95  49 HOH HOH A . 
D 3 HOH 18 96  50 HOH HOH A . 
D 3 HOH 19 97  51 HOH HOH A . 
D 3 HOH 20 98  53 HOH HOH A . 
D 3 HOH 21 99  55 HOH HOH A . 
D 3 HOH 22 100 56 HOH HOH A . 
D 3 HOH 23 101 58 HOH HOH A . 
D 3 HOH 24 102 60 HOH HOH A . 
D 3 HOH 25 103 66 HOH HOH A . 
D 3 HOH 26 104 67 HOH HOH A . 
D 3 HOH 27 105 69 HOH HOH A . 
D 3 HOH 28 106 70 HOH HOH A . 
D 3 HOH 29 107 71 HOH HOH A . 
D 3 HOH 30 108 73 HOH HOH A . 
D 3 HOH 31 109 74 HOH HOH A . 
D 3 HOH 32 110 75 HOH HOH A . 
D 3 HOH 33 111 76 HOH HOH A . 
D 3 HOH 34 112 77 HOH HOH A . 
D 3 HOH 35 113 78 HOH HOH A . 
D 3 HOH 36 114 79 HOH HOH A . 
D 3 HOH 37 115 81 HOH HOH A . 
D 3 HOH 38 116 83 HOH HOH A . 
D 3 HOH 39 117 84 HOH HOH A . 
D 3 HOH 40 118 85 HOH HOH A . 
D 3 HOH 41 119 86 HOH HOH A . 
D 3 HOH 42 120 87 HOH HOH A . 
D 3 HOH 43 121 90 HOH HOH A . 
D 3 HOH 44 122 92 HOH HOH A . 
D 3 HOH 45 123 94 HOH HOH A . 
D 3 HOH 46 124 96 HOH HOH A . 
D 3 HOH 47 125 16 HOH HOH A . 
E 3 HOH 1  92  39 HOH HOH B . 
E 3 HOH 2  93  2  HOH HOH B . 
E 3 HOH 3  94  4  HOH HOH B . 
E 3 HOH 4  95  5  HOH HOH B . 
E 3 HOH 5  96  6  HOH HOH B . 
E 3 HOH 6  97  9  HOH HOH B . 
E 3 HOH 7  98  12 HOH HOH B . 
E 3 HOH 8  99  13 HOH HOH B . 
E 3 HOH 9  100 15 HOH HOH B . 
E 3 HOH 10 101 17 HOH HOH B . 
E 3 HOH 11 102 19 HOH HOH B . 
E 3 HOH 12 103 20 HOH HOH B . 
E 3 HOH 13 104 22 HOH HOH B . 
E 3 HOH 14 105 23 HOH HOH B . 
E 3 HOH 15 106 24 HOH HOH B . 
E 3 HOH 16 107 25 HOH HOH B . 
E 3 HOH 17 108 26 HOH HOH B . 
E 3 HOH 18 109 28 HOH HOH B . 
E 3 HOH 19 110 29 HOH HOH B . 
E 3 HOH 20 111 30 HOH HOH B . 
E 3 HOH 21 112 31 HOH HOH B . 
E 3 HOH 22 113 32 HOH HOH B . 
E 3 HOH 23 114 35 HOH HOH B . 
E 3 HOH 24 115 36 HOH HOH B . 
E 3 HOH 25 116 37 HOH HOH B . 
E 3 HOH 26 117 41 HOH HOH B . 
E 3 HOH 27 118 42 HOH HOH B . 
E 3 HOH 28 119 44 HOH HOH B . 
E 3 HOH 29 120 46 HOH HOH B . 
E 3 HOH 30 121 47 HOH HOH B . 
E 3 HOH 31 122 48 HOH HOH B . 
E 3 HOH 32 123 52 HOH HOH B . 
E 3 HOH 33 124 54 HOH HOH B . 
E 3 HOH 34 125 57 HOH HOH B . 
E 3 HOH 35 126 59 HOH HOH B . 
E 3 HOH 36 127 61 HOH HOH B . 
E 3 HOH 37 128 62 HOH HOH B . 
E 3 HOH 38 129 63 HOH HOH B . 
E 3 HOH 39 130 64 HOH HOH B . 
E 3 HOH 40 131 65 HOH HOH B . 
E 3 HOH 41 132 68 HOH HOH B . 
E 3 HOH 42 133 72 HOH HOH B . 
E 3 HOH 43 134 80 HOH HOH B . 
E 3 HOH 44 135 82 HOH HOH B . 
E 3 HOH 45 136 88 HOH HOH B . 
E 3 HOH 46 137 89 HOH HOH B . 
E 3 HOH 47 138 91 HOH HOH B . 
E 3 HOH 48 139 93 HOH HOH B . 
E 3 HOH 49 140 95 HOH HOH B . 
# 
loop_
_software.name 
_software.classification 
_software.version 
_software.citation_id 
_software.pdbx_ordinal 
REFMAC    refinement        5.2.0019 ? 1 
ADSC      'data collection' Quantum  ? 2 
HKL-2000  'data reduction'  .        ? 3 
SCALEPACK 'data scaling'    .        ? 4 
SHELXS    phasing           .        ? 5 
# 
_cell.entry_id           3CSX 
_cell.length_a           29.436 
_cell.length_b           38.381 
_cell.length_c           62.643 
_cell.angle_alpha        90.00 
_cell.angle_beta         96.70 
_cell.angle_gamma        90.00 
_cell.Z_PDB              4 
_cell.pdbx_unique_axis   ? 
_cell.length_a_esd       ? 
_cell.length_b_esd       ? 
_cell.length_c_esd       ? 
_cell.angle_alpha_esd    ? 
_cell.angle_beta_esd     ? 
_cell.angle_gamma_esd    ? 
# 
_symmetry.entry_id                         3CSX 
_symmetry.space_group_name_H-M             'P 1 21 1' 
_symmetry.pdbx_full_space_group_name_H-M   ? 
_symmetry.cell_setting                     ? 
_symmetry.Int_Tables_number                4 
_symmetry.space_group_name_Hall            ? 
# 
_exptl.entry_id          3CSX 
_exptl.method            'X-RAY DIFFRACTION' 
_exptl.crystals_number   1 
# 
_exptl_crystal.id                    1 
_exptl_crystal.density_meas          ? 
_exptl_crystal.density_Matthews      1.89 
_exptl_crystal.density_percent_sol   34.99 
_exptl_crystal.description           ? 
_exptl_crystal.F_000                 ? 
_exptl_crystal.preparation           ? 
# 
_exptl_crystal_grow.crystal_id      1 
_exptl_crystal_grow.method          'VAPOR DIFFUSION, HANGING DROP' 
_exptl_crystal_grow.temp            295 
_exptl_crystal_grow.temp_details    ? 
_exptl_crystal_grow.pH              7.2 
_exptl_crystal_grow.pdbx_details    
;2 uL Protein (~2 mg/mL protein in 500 mM NaCl, 20 mM TrisHCl, 1.0 mM DTT, pH 7.2) plus 2 uL Precipatant (30% w/v PEG 1500, 1 mM NiCl2)., VAPOR DIFFUSION, HANGING DROP, temperature 295K
;
_exptl_crystal_grow.pdbx_pH_range   . 
# 
_diffrn.id                     1 
_diffrn.ambient_temp           100 
_diffrn.ambient_temp_details   ? 
_diffrn.crystal_id             1 
# 
_diffrn_detector.diffrn_id              1 
_diffrn_detector.detector               CCD 
_diffrn_detector.type                   'ADSC QUANTUM 315' 
_diffrn_detector.pdbx_collection_date   2007-10-15 
_diffrn_detector.details                ? 
# 
_diffrn_radiation.diffrn_id                        1 
_diffrn_radiation.wavelength_id                    1 
_diffrn_radiation.pdbx_monochromatic_or_laue_m_l   M 
_diffrn_radiation.monochromator                    'Si 111 CHANNEL' 
_diffrn_radiation.pdbx_diffrn_protocol             'SINGLE WAVELENGTH' 
_diffrn_radiation.pdbx_scattering_type             x-ray 
# 
_diffrn_radiation_wavelength.id           1 
_diffrn_radiation_wavelength.wavelength   0.97935 
_diffrn_radiation_wavelength.wt           1.0 
# 
_diffrn_source.diffrn_id                   1 
_diffrn_source.source                      SYNCHROTRON 
_diffrn_source.type                        'NSLS BEAMLINE X29A' 
_diffrn_source.pdbx_synchrotron_site       NSLS 
_diffrn_source.pdbx_synchrotron_beamline   X29A 
_diffrn_source.pdbx_wavelength             ? 
_diffrn_source.pdbx_wavelength_list        0.97935 
# 
_reflns.entry_id                     3CSX 
_reflns.observed_criterion_sigma_F   1 
_reflns.observed_criterion_sigma_I   1 
_reflns.d_resolution_high            1.84 
_reflns.d_resolution_low             30 
_reflns.number_all                   11230 
_reflns.number_obs                   11230 
_reflns.percent_possible_obs         92 
_reflns.pdbx_Rmerge_I_obs            ? 
_reflns.pdbx_Rsym_value              ? 
_reflns.pdbx_netI_over_sigmaI        ? 
_reflns.B_iso_Wilson_estimate        ? 
_reflns.pdbx_redundancy              ? 
_reflns.R_free_details               ? 
_reflns.limit_h_max                  ? 
_reflns.limit_h_min                  ? 
_reflns.limit_k_max                  ? 
_reflns.limit_k_min                  ? 
_reflns.limit_l_max                  ? 
_reflns.limit_l_min                  ? 
_reflns.observed_criterion_F_max     ? 
_reflns.observed_criterion_F_min     ? 
_reflns.pdbx_chi_squared             ? 
_reflns.pdbx_scaling_rejects         ? 
_reflns.pdbx_diffrn_id               1 
_reflns.pdbx_ordinal                 1 
# 
_reflns_shell.d_res_high             1.84 
_reflns_shell.d_res_low              1.92 
_reflns_shell.percent_possible_all   52 
_reflns_shell.Rmerge_I_obs           ? 
_reflns_shell.pdbx_Rsym_value        ? 
_reflns_shell.meanI_over_sigI_obs    ? 
_reflns_shell.pdbx_redundancy        ? 
_reflns_shell.percent_possible_obs   ? 
_reflns_shell.number_unique_all      ? 
_reflns_shell.number_measured_all    ? 
_reflns_shell.number_measured_obs    ? 
_reflns_shell.number_unique_obs      ? 
_reflns_shell.pdbx_chi_squared       ? 
_reflns_shell.pdbx_diffrn_id         ? 
_reflns_shell.pdbx_ordinal           1 
# 
_refine.entry_id                                 3CSX 
_refine.ls_number_reflns_obs                     10674 
_refine.ls_number_reflns_all                     11230 
_refine.pdbx_ls_sigma_I                          ? 
_refine.pdbx_ls_sigma_F                          2 
_refine.pdbx_data_cutoff_high_absF               ? 
_refine.pdbx_data_cutoff_low_absF                ? 
_refine.pdbx_data_cutoff_high_rms_absF           ? 
_refine.ls_d_res_low                             29.24 
_refine.ls_d_res_high                            1.84 
_refine.ls_percent_reflns_obs                    100.00 
_refine.ls_R_factor_obs                          0.21994 
_refine.ls_R_factor_all                          0.2214 
_refine.ls_R_factor_R_work                       0.21618 
_refine.ls_R_factor_R_free                       0.29387 
_refine.ls_R_factor_R_free_error                 ? 
_refine.ls_R_factor_R_free_error_details         ? 
_refine.ls_percent_reflns_R_free                 4.9 
_refine.ls_number_reflns_R_free                  552 
_refine.ls_number_parameters                     ? 
_refine.ls_number_restraints                     ? 
_refine.occupancy_min                            ? 
_refine.occupancy_max                            ? 
_refine.correlation_coeff_Fo_to_Fc               0.938 
_refine.correlation_coeff_Fo_to_Fc_free          0.894 
_refine.B_iso_mean                               28.145 
_refine.aniso_B[1][1]                            0.04 
_refine.aniso_B[2][2]                            0.04 
_refine.aniso_B[3][3]                            -0.09 
_refine.aniso_B[1][2]                            0.00 
_refine.aniso_B[1][3]                            0.00 
_refine.aniso_B[2][3]                            0.00 
_refine.solvent_model_details                    MASK 
_refine.solvent_model_param_ksol                 ? 
_refine.solvent_model_param_bsol                 ? 
_refine.pdbx_solvent_vdw_probe_radii             1.20 
_refine.pdbx_solvent_ion_probe_radii             0.80 
_refine.pdbx_solvent_shrinkage_radii             0.80 
_refine.pdbx_ls_cross_valid_method               THROUGHOUT 
_refine.details                                  'HYDROGENS HAVE BEEN ADDED IN THE RIDING POSITIONS' 
_refine.pdbx_starting_model                      ? 
_refine.pdbx_method_to_determine_struct          SAD 
_refine.pdbx_isotropic_thermal_model             ? 
_refine.pdbx_stereochemistry_target_values       'MAXIMUM LIKELIHOOD' 
_refine.pdbx_stereochem_target_val_spec_case     ? 
_refine.pdbx_R_Free_selection_details            RANDOM 
_refine.pdbx_overall_ESU_R                       0.180 
_refine.pdbx_overall_ESU_R_Free                  0.183 
_refine.overall_SU_ML                            0.108 
_refine.overall_SU_B                             3.359 
_refine.ls_redundancy_reflns_obs                 ? 
_refine.B_iso_min                                ? 
_refine.B_iso_max                                ? 
_refine.overall_SU_R_Cruickshank_DPI             ? 
_refine.overall_SU_R_free                        ? 
_refine.ls_wR_factor_R_free                      ? 
_refine.ls_wR_factor_R_work                      ? 
_refine.overall_FOM_free_R_set                   ? 
_refine.overall_FOM_work_R_set                   ? 
_refine.pdbx_overall_phase_error                 ? 
_refine.pdbx_refine_id                           'X-RAY DIFFRACTION' 
_refine.pdbx_diffrn_id                           1 
_refine.pdbx_TLS_residual_ADP_flag               ? 
_refine.pdbx_overall_SU_R_free_Cruickshank_DPI   ? 
_refine.pdbx_overall_SU_R_Blow_DPI               ? 
_refine.pdbx_overall_SU_R_free_Blow_DPI          ? 
# 
_refine_hist.pdbx_refine_id                   'X-RAY DIFFRACTION' 
_refine_hist.cycle_id                         LAST 
_refine_hist.pdbx_number_atoms_protein        1083 
_refine_hist.pdbx_number_atoms_nucleic_acid   0 
_refine_hist.pdbx_number_atoms_ligand         1 
_refine_hist.number_atoms_solvent             96 
_refine_hist.number_atoms_total               1180 
_refine_hist.d_res_high                       1.84 
_refine_hist.d_res_low                        29.24 
# 
loop_
_refine_ls_restr.type 
_refine_ls_restr.dev_ideal 
_refine_ls_restr.dev_ideal_target 
_refine_ls_restr.weight 
_refine_ls_restr.number 
_refine_ls_restr.pdbx_refine_id 
_refine_ls_restr.pdbx_restraint_function 
r_bond_refined_d             0.015  0.022  ? 1097 'X-RAY DIFFRACTION' ? 
r_bond_other_d               ?      ?      ? ?    'X-RAY DIFFRACTION' ? 
r_angle_refined_deg          1.506  1.995  ? 1470 'X-RAY DIFFRACTION' ? 
r_angle_other_deg            ?      ?      ? ?    'X-RAY DIFFRACTION' ? 
r_dihedral_angle_1_deg       5.293  5.000  ? 130  'X-RAY DIFFRACTION' ? 
r_dihedral_angle_2_deg       34.195 26.667 ? 54   'X-RAY DIFFRACTION' ? 
r_dihedral_angle_3_deg       16.686 15.000 ? 234  'X-RAY DIFFRACTION' ? 
r_dihedral_angle_4_deg       10.866 15.000 ? 4    'X-RAY DIFFRACTION' ? 
r_chiral_restr               0.109  0.200  ? 163  'X-RAY DIFFRACTION' ? 
r_gen_planes_refined         0.006  0.020  ? 794  'X-RAY DIFFRACTION' ? 
r_gen_planes_other           ?      ?      ? ?    'X-RAY DIFFRACTION' ? 
r_nbd_refined                0.234  0.200  ? 545  'X-RAY DIFFRACTION' ? 
r_nbd_other                  ?      ?      ? ?    'X-RAY DIFFRACTION' ? 
r_nbtor_refined              0.307  0.200  ? 774  'X-RAY DIFFRACTION' ? 
r_nbtor_other                ?      ?      ? ?    'X-RAY DIFFRACTION' ? 
r_xyhbond_nbd_refined        0.133  0.200  ? 71   'X-RAY DIFFRACTION' ? 
r_xyhbond_nbd_other          ?      ?      ? ?    'X-RAY DIFFRACTION' ? 
r_metal_ion_refined          0.287  0.200  ? 2    'X-RAY DIFFRACTION' ? 
r_metal_ion_other            ?      ?      ? ?    'X-RAY DIFFRACTION' ? 
r_symmetry_vdw_refined       0.254  0.200  ? 75   'X-RAY DIFFRACTION' ? 
r_symmetry_vdw_other         ?      ?      ? ?    'X-RAY DIFFRACTION' ? 
r_symmetry_hbond_refined     0.132  0.200  ? 22   'X-RAY DIFFRACTION' ? 
r_symmetry_hbond_other       ?      ?      ? ?    'X-RAY DIFFRACTION' ? 
r_symmetry_metal_ion_refined ?      ?      ? ?    'X-RAY DIFFRACTION' ? 
r_symmetry_metal_ion_other   ?      ?      ? ?    'X-RAY DIFFRACTION' ? 
r_mcbond_it                  1.032  1.500  ? 691  'X-RAY DIFFRACTION' ? 
r_mcbond_other               ?      ?      ? ?    'X-RAY DIFFRACTION' ? 
r_mcangle_it                 1.630  2.000  ? 1058 'X-RAY DIFFRACTION' ? 
r_scbond_it                  2.911  3.000  ? 471  'X-RAY DIFFRACTION' ? 
r_scangle_it                 4.613  4.500  ? 412  'X-RAY DIFFRACTION' ? 
r_rigid_bond_restr           ?      ?      ? ?    'X-RAY DIFFRACTION' ? 
r_sphericity_free            ?      ?      ? ?    'X-RAY DIFFRACTION' ? 
r_sphericity_bonded          ?      ?      ? ?    'X-RAY DIFFRACTION' ? 
# 
_refine_ls_shell.pdbx_total_number_of_bins_used   20 
_refine_ls_shell.d_res_high                       1.84 
_refine_ls_shell.d_res_low                        1.887 
_refine_ls_shell.number_reflns_R_work             371 
_refine_ls_shell.R_factor_R_work                  0.261 
_refine_ls_shell.percent_reflns_obs               100.00 
_refine_ls_shell.R_factor_R_free                  0.420 
_refine_ls_shell.R_factor_R_free_error            ? 
_refine_ls_shell.percent_reflns_R_free            ? 
_refine_ls_shell.number_reflns_R_free             19 
_refine_ls_shell.number_reflns_all                ? 
_refine_ls_shell.R_factor_all                     ? 
_refine_ls_shell.number_reflns_obs                ? 
_refine_ls_shell.redundancy_reflns_obs            ? 
_refine_ls_shell.pdbx_refine_id                   'X-RAY DIFFRACTION' 
# 
_struct.entry_id                  3CSX 
_struct.title                     
;Structural characterization of a protein in the DUF683 family- crystal structure of cce_0567 from the cyanobacterium Cyanothece 51142.
;
_struct.pdbx_model_details        ? 
_struct.pdbx_CASP_flag            ? 
_struct.pdbx_model_type_details   ? 
# 
_struct_keywords.entry_id        3CSX 
_struct_keywords.pdbx_keywords   'METAL BINDING PROTEIN,UNKNOWN FUNCTION' 
_struct_keywords.text            
'metalloprotein, nitrogen fixation, cyanobacteria, circadian rhythms, METAL BINDING PROTEIN, UNKNOWN FUNCTION' 
# 
loop_
_struct_asym.id 
_struct_asym.pdbx_blank_PDB_chainid_flag 
_struct_asym.pdbx_modified 
_struct_asym.entity_id 
_struct_asym.details 
A N N 1 ? 
B N N 1 ? 
C N N 2 ? 
D N N 3 ? 
E N N 3 ? 
# 
_struct_ref.id                         1 
_struct_ref.db_name                    UNP 
_struct_ref.db_code                    A1KYE3_CYAA5 
_struct_ref.pdbx_db_accession          A1KYE3 
_struct_ref.entity_id                  1 
_struct_ref.pdbx_seq_one_letter_code   MTVATDNNPTPEAVADLKKKVRKLNSKAGQMKMDLHDLAEGLPTDYENLVETAEKTYEIFRELDQLKKKLNIWEETLK 
_struct_ref.pdbx_align_begin           1 
_struct_ref.pdbx_db_isoform            ? 
# 
loop_
_struct_ref_seq.align_id 
_struct_ref_seq.ref_id 
_struct_ref_seq.pdbx_PDB_id_code 
_struct_ref_seq.pdbx_strand_id 
_struct_ref_seq.seq_align_beg 
_struct_ref_seq.pdbx_seq_align_beg_ins_code 
_struct_ref_seq.seq_align_end 
_struct_ref_seq.pdbx_seq_align_end_ins_code 
_struct_ref_seq.pdbx_db_accession 
_struct_ref_seq.db_align_beg 
_struct_ref_seq.pdbx_db_align_beg_ins_code 
_struct_ref_seq.db_align_end 
_struct_ref_seq.pdbx_db_align_end_ins_code 
_struct_ref_seq.pdbx_auth_seq_align_beg 
_struct_ref_seq.pdbx_auth_seq_align_end 
1 1 3CSX A 4 ? 81 ? A1KYE3 1 ? 78 ? 1 78 
2 1 3CSX B 4 ? 81 ? A1KYE3 1 ? 78 ? 1 78 
# 
loop_
_struct_ref_seq_dif.align_id 
_struct_ref_seq_dif.pdbx_pdb_id_code 
_struct_ref_seq_dif.mon_id 
_struct_ref_seq_dif.pdbx_pdb_strand_id 
_struct_ref_seq_dif.seq_num 
_struct_ref_seq_dif.pdbx_pdb_ins_code 
_struct_ref_seq_dif.pdbx_seq_db_name 
_struct_ref_seq_dif.pdbx_seq_db_accession_code 
_struct_ref_seq_dif.db_mon_id 
_struct_ref_seq_dif.pdbx_seq_db_seq_num 
_struct_ref_seq_dif.details 
_struct_ref_seq_dif.pdbx_auth_seq_num 
_struct_ref_seq_dif.pdbx_ordinal 
1 3CSX GLY A 1 ? UNP A1KYE3 ? ? 'expression tag' -2 1 
1 3CSX SER A 2 ? UNP A1KYE3 ? ? 'expression tag' -1 2 
1 3CSX HIS A 3 ? UNP A1KYE3 ? ? 'expression tag' 0  3 
2 3CSX GLY B 1 ? UNP A1KYE3 ? ? 'expression tag' -2 4 
2 3CSX SER B 2 ? UNP A1KYE3 ? ? 'expression tag' -1 5 
2 3CSX HIS B 3 ? UNP A1KYE3 ? ? 'expression tag' 0  6 
# 
loop_
_pdbx_struct_assembly.id 
_pdbx_struct_assembly.details 
_pdbx_struct_assembly.method_details 
_pdbx_struct_assembly.oligomeric_details 
_pdbx_struct_assembly.oligomeric_count 
1 author_defined_assembly   ?    dimeric 2 
2 software_defined_assembly PISA dimeric 2 
# 
loop_
_pdbx_struct_assembly_prop.biol_id 
_pdbx_struct_assembly_prop.type 
_pdbx_struct_assembly_prop.value 
_pdbx_struct_assembly_prop.details 
2 'ABSA (A^2)' 1850  ? 
2 MORE         -17.3 ? 
2 'SSA (A^2)'  9010  ? 
# 
loop_
_pdbx_struct_assembly_gen.assembly_id 
_pdbx_struct_assembly_gen.oper_expression 
_pdbx_struct_assembly_gen.asym_id_list 
1 1 A,B,C,D,E 
2 2 A,C,D     
2 1 B,E       
# 
loop_
_pdbx_struct_oper_list.id 
_pdbx_struct_oper_list.type 
_pdbx_struct_oper_list.name 
_pdbx_struct_oper_list.symmetry_operation 
_pdbx_struct_oper_list.matrix[1][1] 
_pdbx_struct_oper_list.matrix[1][2] 
_pdbx_struct_oper_list.matrix[1][3] 
_pdbx_struct_oper_list.vector[1] 
_pdbx_struct_oper_list.matrix[2][1] 
_pdbx_struct_oper_list.matrix[2][2] 
_pdbx_struct_oper_list.matrix[2][3] 
_pdbx_struct_oper_list.vector[2] 
_pdbx_struct_oper_list.matrix[3][1] 
_pdbx_struct_oper_list.matrix[3][2] 
_pdbx_struct_oper_list.matrix[3][3] 
_pdbx_struct_oper_list.vector[3] 
1 'identity operation'         1_555 x,y,z         1.0000000000  0.0000000000  0.0000000000 0.0000000000   0.0000000000  1.0000000000  0.0000000000  0.0000000000  0.0000000000 0.0000000000  1.0000000000 0.0000000000  
2 'crystal symmetry operation' 2_556 -x,y+1/2,-z+1 -0.4897671757 -0.1193970429 0.8636390796 -13.0816409176 -0.1193970429 -0.9720604924 -0.2020958811 -9.6084746184 0.8636390796 -0.2020958811 0.4618276681 28.8469317406 
# 
_struct_biol.id        1 
_struct_biol.details   ? 
# 
loop_
_struct_conf.conf_type_id 
_struct_conf.id 
_struct_conf.pdbx_PDB_helix_id 
_struct_conf.beg_label_comp_id 
_struct_conf.beg_label_asym_id 
_struct_conf.beg_label_seq_id 
_struct_conf.pdbx_beg_PDB_ins_code 
_struct_conf.end_label_comp_id 
_struct_conf.end_label_asym_id 
_struct_conf.end_label_seq_id 
_struct_conf.pdbx_end_PDB_ins_code 
_struct_conf.beg_auth_comp_id 
_struct_conf.beg_auth_asym_id 
_struct_conf.beg_auth_seq_id 
_struct_conf.end_auth_comp_id 
_struct_conf.end_auth_asym_id 
_struct_conf.end_auth_seq_id 
_struct_conf.pdbx_PDB_helix_class 
_struct_conf.details 
_struct_conf.pdbx_PDB_helix_length 
HELX_P HELX_P1 1 ASP A 19 ? LEU A 45 ? ASP A 16 LEU A 42 1 ? 27 
HELX_P HELX_P2 2 ASP A 48 ? GLU A 50 ? ASP A 45 GLU A 47 5 ? 3  
HELX_P HELX_P3 3 ASN A 51 ? GLU A 78 ? ASN A 48 GLU A 75 1 ? 28 
HELX_P HELX_P4 4 THR B 13 ? LEU B 45 ? THR B 10 LEU B 42 1 ? 33 
HELX_P HELX_P5 5 ASP B 48 ? GLU B 50 ? ASP B 45 GLU B 47 5 ? 3  
HELX_P HELX_P6 6 ASN B 51 ? GLU B 78 ? ASN B 48 GLU B 75 1 ? 28 
# 
_struct_conf_type.id          HELX_P 
_struct_conf_type.criteria    ? 
_struct_conf_type.reference   ? 
# 
loop_
_struct_conn.id 
_struct_conn.conn_type_id 
_struct_conn.pdbx_leaving_atom_flag 
_struct_conn.pdbx_PDB_id 
_struct_conn.ptnr1_label_asym_id 
_struct_conn.ptnr1_label_comp_id 
_struct_conn.ptnr1_label_seq_id 
_struct_conn.ptnr1_label_atom_id 
_struct_conn.pdbx_ptnr1_label_alt_id 
_struct_conn.pdbx_ptnr1_PDB_ins_code 
_struct_conn.pdbx_ptnr1_standard_comp_id 
_struct_conn.ptnr1_symmetry 
_struct_conn.ptnr2_label_asym_id 
_struct_conn.ptnr2_label_comp_id 
_struct_conn.ptnr2_label_seq_id 
_struct_conn.ptnr2_label_atom_id 
_struct_conn.pdbx_ptnr2_label_alt_id 
_struct_conn.pdbx_ptnr2_PDB_ins_code 
_struct_conn.ptnr1_auth_asym_id 
_struct_conn.ptnr1_auth_comp_id 
_struct_conn.ptnr1_auth_seq_id 
_struct_conn.ptnr2_auth_asym_id 
_struct_conn.ptnr2_auth_comp_id 
_struct_conn.ptnr2_auth_seq_id 
_struct_conn.ptnr2_symmetry 
_struct_conn.pdbx_ptnr3_label_atom_id 
_struct_conn.pdbx_ptnr3_label_seq_id 
_struct_conn.pdbx_ptnr3_label_comp_id 
_struct_conn.pdbx_ptnr3_label_asym_id 
_struct_conn.pdbx_ptnr3_label_alt_id 
_struct_conn.pdbx_ptnr3_PDB_ins_code 
_struct_conn.details 
_struct_conn.pdbx_dist_value 
_struct_conn.pdbx_value_order 
_struct_conn.pdbx_role 
metalc1 metalc ? ? A HIS 39 NE2 ? ? ? 1_555 C NI  . NI ? ? A HIS 36 A NI  78  1_555 ? ? ? ? ? ? ? 2.110 ? ? 
metalc2 metalc ? ? C NI  .  NI  ? ? ? 1_555 D HOH . O  ? ? A NI  78 A HOH 117 1_555 ? ? ? ? ? ? ? 2.017 ? ? 
# 
_struct_conn_type.id          metalc 
_struct_conn_type.criteria    ? 
_struct_conn_type.reference   ? 
# 
_pdbx_struct_conn_angle.id                    1 
_pdbx_struct_conn_angle.ptnr1_label_atom_id   NE2 
_pdbx_struct_conn_angle.ptnr1_label_alt_id    ? 
_pdbx_struct_conn_angle.ptnr1_label_asym_id   A 
_pdbx_struct_conn_angle.ptnr1_label_comp_id   HIS 
_pdbx_struct_conn_angle.ptnr1_label_seq_id    39 
_pdbx_struct_conn_angle.ptnr1_auth_atom_id    ? 
_pdbx_struct_conn_angle.ptnr1_auth_asym_id    A 
_pdbx_struct_conn_angle.ptnr1_auth_comp_id    HIS 
_pdbx_struct_conn_angle.ptnr1_auth_seq_id     36 
_pdbx_struct_conn_angle.ptnr1_PDB_ins_code    ? 
_pdbx_struct_conn_angle.ptnr1_symmetry        1_555 
_pdbx_struct_conn_angle.ptnr2_label_atom_id   NI 
_pdbx_struct_conn_angle.ptnr2_label_alt_id    ? 
_pdbx_struct_conn_angle.ptnr2_label_asym_id   C 
_pdbx_struct_conn_angle.ptnr2_label_comp_id   NI 
_pdbx_struct_conn_angle.ptnr2_label_seq_id    . 
_pdbx_struct_conn_angle.ptnr2_auth_atom_id    ? 
_pdbx_struct_conn_angle.ptnr2_auth_asym_id    A 
_pdbx_struct_conn_angle.ptnr2_auth_comp_id    NI 
_pdbx_struct_conn_angle.ptnr2_auth_seq_id     78 
_pdbx_struct_conn_angle.ptnr2_PDB_ins_code    ? 
_pdbx_struct_conn_angle.ptnr2_symmetry        1_555 
_pdbx_struct_conn_angle.ptnr3_label_atom_id   O 
_pdbx_struct_conn_angle.ptnr3_label_alt_id    ? 
_pdbx_struct_conn_angle.ptnr3_label_asym_id   D 
_pdbx_struct_conn_angle.ptnr3_label_comp_id   HOH 
_pdbx_struct_conn_angle.ptnr3_label_seq_id    . 
_pdbx_struct_conn_angle.ptnr3_auth_atom_id    ? 
_pdbx_struct_conn_angle.ptnr3_auth_asym_id    A 
_pdbx_struct_conn_angle.ptnr3_auth_comp_id    HOH 
_pdbx_struct_conn_angle.ptnr3_auth_seq_id     117 
_pdbx_struct_conn_angle.ptnr3_PDB_ins_code    ? 
_pdbx_struct_conn_angle.ptnr3_symmetry        1_555 
_pdbx_struct_conn_angle.value                 175.5 
_pdbx_struct_conn_angle.value_esd             ? 
# 
loop_
_struct_mon_prot_cis.pdbx_id 
_struct_mon_prot_cis.label_comp_id 
_struct_mon_prot_cis.label_seq_id 
_struct_mon_prot_cis.label_asym_id 
_struct_mon_prot_cis.label_alt_id 
_struct_mon_prot_cis.pdbx_PDB_ins_code 
_struct_mon_prot_cis.auth_comp_id 
_struct_mon_prot_cis.auth_seq_id 
_struct_mon_prot_cis.auth_asym_id 
_struct_mon_prot_cis.pdbx_label_comp_id_2 
_struct_mon_prot_cis.pdbx_label_seq_id_2 
_struct_mon_prot_cis.pdbx_label_asym_id_2 
_struct_mon_prot_cis.pdbx_PDB_ins_code_2 
_struct_mon_prot_cis.pdbx_auth_comp_id_2 
_struct_mon_prot_cis.pdbx_auth_seq_id_2 
_struct_mon_prot_cis.pdbx_auth_asym_id_2 
_struct_mon_prot_cis.pdbx_PDB_model_num 
_struct_mon_prot_cis.pdbx_omega_angle 
1 ALA 18 A . ? ALA 15 A ASP 19 A ? ASP 16 A 1 -16.34 
2 LEU 45 A . ? LEU 42 A PRO 46 A ? PRO 43 A 1 8.78   
3 LEU 45 B . ? LEU 42 B PRO 46 B ? PRO 43 B 1 10.25  
# 
_struct_site.id                   AC1 
_struct_site.pdbx_evidence_code   Software 
_struct_site.pdbx_auth_asym_id    A 
_struct_site.pdbx_auth_comp_id    NI 
_struct_site.pdbx_auth_seq_id     78 
_struct_site.pdbx_auth_ins_code   ? 
_struct_site.pdbx_num_residues    1 
_struct_site.details              'BINDING SITE FOR RESIDUE NI A 78' 
# 
_struct_site_gen.id                   1 
_struct_site_gen.site_id              AC1 
_struct_site_gen.pdbx_num_res         1 
_struct_site_gen.label_comp_id        HIS 
_struct_site_gen.label_asym_id        A 
_struct_site_gen.label_seq_id         39 
_struct_site_gen.pdbx_auth_ins_code   ? 
_struct_site_gen.auth_comp_id         HIS 
_struct_site_gen.auth_asym_id         A 
_struct_site_gen.auth_seq_id          36 
_struct_site_gen.label_atom_id        . 
_struct_site_gen.label_alt_id         ? 
_struct_site_gen.symmetry             1_555 
_struct_site_gen.details              ? 
# 
loop_
_pdbx_validate_close_contact.id 
_pdbx_validate_close_contact.PDB_model_num 
_pdbx_validate_close_contact.auth_atom_id_1 
_pdbx_validate_close_contact.auth_asym_id_1 
_pdbx_validate_close_contact.auth_comp_id_1 
_pdbx_validate_close_contact.auth_seq_id_1 
_pdbx_validate_close_contact.PDB_ins_code_1 
_pdbx_validate_close_contact.label_alt_id_1 
_pdbx_validate_close_contact.auth_atom_id_2 
_pdbx_validate_close_contact.auth_asym_id_2 
_pdbx_validate_close_contact.auth_comp_id_2 
_pdbx_validate_close_contact.auth_seq_id_2 
_pdbx_validate_close_contact.PDB_ins_code_2 
_pdbx_validate_close_contact.label_alt_id_2 
_pdbx_validate_close_contact.dist 
1 1 NI A NI 78 ? ? O A HOH 109 ? ? 1.60 
2 1 NI A NI 78 ? ? O A HOH 108 ? ? 1.65 
# 
_pdbx_validate_torsion.id              1 
_pdbx_validate_torsion.PDB_model_num   1 
_pdbx_validate_torsion.auth_comp_id    ASP 
_pdbx_validate_torsion.auth_asym_id    A 
_pdbx_validate_torsion.auth_seq_id     16 
_pdbx_validate_torsion.PDB_ins_code    ? 
_pdbx_validate_torsion.label_alt_id    ? 
_pdbx_validate_torsion.phi             -97.46 
_pdbx_validate_torsion.psi             55.55 
# 
loop_
_pdbx_unobs_or_zero_occ_residues.id 
_pdbx_unobs_or_zero_occ_residues.PDB_model_num 
_pdbx_unobs_or_zero_occ_residues.polymer_flag 
_pdbx_unobs_or_zero_occ_residues.occupancy_flag 
_pdbx_unobs_or_zero_occ_residues.auth_asym_id 
_pdbx_unobs_or_zero_occ_residues.auth_comp_id 
_pdbx_unobs_or_zero_occ_residues.auth_seq_id 
_pdbx_unobs_or_zero_occ_residues.PDB_ins_code 
_pdbx_unobs_or_zero_occ_residues.label_asym_id 
_pdbx_unobs_or_zero_occ_residues.label_comp_id 
_pdbx_unobs_or_zero_occ_residues.label_seq_id 
1  1 Y 1 A GLY -2 ? A GLY 1  
2  1 Y 1 A SER -1 ? A SER 2  
3  1 Y 1 A HIS 0  ? A HIS 3  
4  1 Y 1 A MET 1  ? A MET 4  
5  1 Y 1 A THR 2  ? A THR 5  
6  1 Y 1 A VAL 3  ? A VAL 6  
7  1 Y 1 A ALA 4  ? A ALA 7  
8  1 Y 1 A THR 5  ? A THR 8  
9  1 Y 1 A ASP 6  ? A ASP 9  
10 1 Y 1 A ASN 7  ? A ASN 10 
11 1 Y 1 A ASN 8  ? A ASN 11 
12 1 Y 1 A PRO 9  ? A PRO 12 
13 1 Y 1 A THR 10 ? A THR 13 
14 1 Y 1 A PRO 11 ? A PRO 14 
15 1 Y 1 A GLU 12 ? A GLU 15 
16 1 Y 1 A ALA 13 ? A ALA 16 
17 1 Y 1 A VAL 14 ? A VAL 17 
18 1 Y 1 A THR 76 ? A THR 79 
19 1 Y 1 A LEU 77 ? A LEU 80 
20 1 Y 1 A LYS 78 ? A LYS 81 
21 1 Y 1 B GLY -2 ? B GLY 1  
22 1 Y 1 B SER -1 ? B SER 2  
23 1 Y 1 B HIS 0  ? B HIS 3  
24 1 Y 1 B MET 1  ? B MET 4  
25 1 Y 1 B THR 2  ? B THR 5  
26 1 Y 1 B VAL 3  ? B VAL 6  
27 1 Y 1 B ALA 4  ? B ALA 7  
28 1 Y 1 B THR 76 ? B THR 79 
29 1 Y 1 B LEU 77 ? B LEU 80 
30 1 Y 1 B LYS 78 ? B LYS 81 
# 
loop_
_chem_comp_atom.comp_id 
_chem_comp_atom.atom_id 
_chem_comp_atom.type_symbol 
_chem_comp_atom.pdbx_aromatic_flag 
_chem_comp_atom.pdbx_stereo_config 
_chem_comp_atom.pdbx_ordinal 
ALA N    N  N N 1   
ALA CA   C  N S 2   
ALA C    C  N N 3   
ALA O    O  N N 4   
ALA CB   C  N N 5   
ALA OXT  O  N N 6   
ALA H    H  N N 7   
ALA H2   H  N N 8   
ALA HA   H  N N 9   
ALA HB1  H  N N 10  
ALA HB2  H  N N 11  
ALA HB3  H  N N 12  
ALA HXT  H  N N 13  
ARG N    N  N N 14  
ARG CA   C  N S 15  
ARG C    C  N N 16  
ARG O    O  N N 17  
ARG CB   C  N N 18  
ARG CG   C  N N 19  
ARG CD   C  N N 20  
ARG NE   N  N N 21  
ARG CZ   C  N N 22  
ARG NH1  N  N N 23  
ARG NH2  N  N N 24  
ARG OXT  O  N N 25  
ARG H    H  N N 26  
ARG H2   H  N N 27  
ARG HA   H  N N 28  
ARG HB2  H  N N 29  
ARG HB3  H  N N 30  
ARG HG2  H  N N 31  
ARG HG3  H  N N 32  
ARG HD2  H  N N 33  
ARG HD3  H  N N 34  
ARG HE   H  N N 35  
ARG HH11 H  N N 36  
ARG HH12 H  N N 37  
ARG HH21 H  N N 38  
ARG HH22 H  N N 39  
ARG HXT  H  N N 40  
ASN N    N  N N 41  
ASN CA   C  N S 42  
ASN C    C  N N 43  
ASN O    O  N N 44  
ASN CB   C  N N 45  
ASN CG   C  N N 46  
ASN OD1  O  N N 47  
ASN ND2  N  N N 48  
ASN OXT  O  N N 49  
ASN H    H  N N 50  
ASN H2   H  N N 51  
ASN HA   H  N N 52  
ASN HB2  H  N N 53  
ASN HB3  H  N N 54  
ASN HD21 H  N N 55  
ASN HD22 H  N N 56  
ASN HXT  H  N N 57  
ASP N    N  N N 58  
ASP CA   C  N S 59  
ASP C    C  N N 60  
ASP O    O  N N 61  
ASP CB   C  N N 62  
ASP CG   C  N N 63  
ASP OD1  O  N N 64  
ASP OD2  O  N N 65  
ASP OXT  O  N N 66  
ASP H    H  N N 67  
ASP H2   H  N N 68  
ASP HA   H  N N 69  
ASP HB2  H  N N 70  
ASP HB3  H  N N 71  
ASP HD2  H  N N 72  
ASP HXT  H  N N 73  
GLN N    N  N N 74  
GLN CA   C  N S 75  
GLN C    C  N N 76  
GLN O    O  N N 77  
GLN CB   C  N N 78  
GLN CG   C  N N 79  
GLN CD   C  N N 80  
GLN OE1  O  N N 81  
GLN NE2  N  N N 82  
GLN OXT  O  N N 83  
GLN H    H  N N 84  
GLN H2   H  N N 85  
GLN HA   H  N N 86  
GLN HB2  H  N N 87  
GLN HB3  H  N N 88  
GLN HG2  H  N N 89  
GLN HG3  H  N N 90  
GLN HE21 H  N N 91  
GLN HE22 H  N N 92  
GLN HXT  H  N N 93  
GLU N    N  N N 94  
GLU CA   C  N S 95  
GLU C    C  N N 96  
GLU O    O  N N 97  
GLU CB   C  N N 98  
GLU CG   C  N N 99  
GLU CD   C  N N 100 
GLU OE1  O  N N 101 
GLU OE2  O  N N 102 
GLU OXT  O  N N 103 
GLU H    H  N N 104 
GLU H2   H  N N 105 
GLU HA   H  N N 106 
GLU HB2  H  N N 107 
GLU HB3  H  N N 108 
GLU HG2  H  N N 109 
GLU HG3  H  N N 110 
GLU HE2  H  N N 111 
GLU HXT  H  N N 112 
GLY N    N  N N 113 
GLY CA   C  N N 114 
GLY C    C  N N 115 
GLY O    O  N N 116 
GLY OXT  O  N N 117 
GLY H    H  N N 118 
GLY H2   H  N N 119 
GLY HA2  H  N N 120 
GLY HA3  H  N N 121 
GLY HXT  H  N N 122 
HIS N    N  N N 123 
HIS CA   C  N S 124 
HIS C    C  N N 125 
HIS O    O  N N 126 
HIS CB   C  N N 127 
HIS CG   C  Y N 128 
HIS ND1  N  Y N 129 
HIS CD2  C  Y N 130 
HIS CE1  C  Y N 131 
HIS NE2  N  Y N 132 
HIS OXT  O  N N 133 
HIS H    H  N N 134 
HIS H2   H  N N 135 
HIS HA   H  N N 136 
HIS HB2  H  N N 137 
HIS HB3  H  N N 138 
HIS HD1  H  N N 139 
HIS HD2  H  N N 140 
HIS HE1  H  N N 141 
HIS HE2  H  N N 142 
HIS HXT  H  N N 143 
HOH O    O  N N 144 
HOH H1   H  N N 145 
HOH H2   H  N N 146 
ILE N    N  N N 147 
ILE CA   C  N S 148 
ILE C    C  N N 149 
ILE O    O  N N 150 
ILE CB   C  N S 151 
ILE CG1  C  N N 152 
ILE CG2  C  N N 153 
ILE CD1  C  N N 154 
ILE OXT  O  N N 155 
ILE H    H  N N 156 
ILE H2   H  N N 157 
ILE HA   H  N N 158 
ILE HB   H  N N 159 
ILE HG12 H  N N 160 
ILE HG13 H  N N 161 
ILE HG21 H  N N 162 
ILE HG22 H  N N 163 
ILE HG23 H  N N 164 
ILE HD11 H  N N 165 
ILE HD12 H  N N 166 
ILE HD13 H  N N 167 
ILE HXT  H  N N 168 
LEU N    N  N N 169 
LEU CA   C  N S 170 
LEU C    C  N N 171 
LEU O    O  N N 172 
LEU CB   C  N N 173 
LEU CG   C  N N 174 
LEU CD1  C  N N 175 
LEU CD2  C  N N 176 
LEU OXT  O  N N 177 
LEU H    H  N N 178 
LEU H2   H  N N 179 
LEU HA   H  N N 180 
LEU HB2  H  N N 181 
LEU HB3  H  N N 182 
LEU HG   H  N N 183 
LEU HD11 H  N N 184 
LEU HD12 H  N N 185 
LEU HD13 H  N N 186 
LEU HD21 H  N N 187 
LEU HD22 H  N N 188 
LEU HD23 H  N N 189 
LEU HXT  H  N N 190 
LYS N    N  N N 191 
LYS CA   C  N S 192 
LYS C    C  N N 193 
LYS O    O  N N 194 
LYS CB   C  N N 195 
LYS CG   C  N N 196 
LYS CD   C  N N 197 
LYS CE   C  N N 198 
LYS NZ   N  N N 199 
LYS OXT  O  N N 200 
LYS H    H  N N 201 
LYS H2   H  N N 202 
LYS HA   H  N N 203 
LYS HB2  H  N N 204 
LYS HB3  H  N N 205 
LYS HG2  H  N N 206 
LYS HG3  H  N N 207 
LYS HD2  H  N N 208 
LYS HD3  H  N N 209 
LYS HE2  H  N N 210 
LYS HE3  H  N N 211 
LYS HZ1  H  N N 212 
LYS HZ2  H  N N 213 
LYS HZ3  H  N N 214 
LYS HXT  H  N N 215 
MET N    N  N N 216 
MET CA   C  N S 217 
MET C    C  N N 218 
MET O    O  N N 219 
MET CB   C  N N 220 
MET CG   C  N N 221 
MET SD   S  N N 222 
MET CE   C  N N 223 
MET OXT  O  N N 224 
MET H    H  N N 225 
MET H2   H  N N 226 
MET HA   H  N N 227 
MET HB2  H  N N 228 
MET HB3  H  N N 229 
MET HG2  H  N N 230 
MET HG3  H  N N 231 
MET HE1  H  N N 232 
MET HE2  H  N N 233 
MET HE3  H  N N 234 
MET HXT  H  N N 235 
NI  NI   NI N N 236 
PHE N    N  N N 237 
PHE CA   C  N S 238 
PHE C    C  N N 239 
PHE O    O  N N 240 
PHE CB   C  N N 241 
PHE CG   C  Y N 242 
PHE CD1  C  Y N 243 
PHE CD2  C  Y N 244 
PHE CE1  C  Y N 245 
PHE CE2  C  Y N 246 
PHE CZ   C  Y N 247 
PHE OXT  O  N N 248 
PHE H    H  N N 249 
PHE H2   H  N N 250 
PHE HA   H  N N 251 
PHE HB2  H  N N 252 
PHE HB3  H  N N 253 
PHE HD1  H  N N 254 
PHE HD2  H  N N 255 
PHE HE1  H  N N 256 
PHE HE2  H  N N 257 
PHE HZ   H  N N 258 
PHE HXT  H  N N 259 
PRO N    N  N N 260 
PRO CA   C  N S 261 
PRO C    C  N N 262 
PRO O    O  N N 263 
PRO CB   C  N N 264 
PRO CG   C  N N 265 
PRO CD   C  N N 266 
PRO OXT  O  N N 267 
PRO H    H  N N 268 
PRO HA   H  N N 269 
PRO HB2  H  N N 270 
PRO HB3  H  N N 271 
PRO HG2  H  N N 272 
PRO HG3  H  N N 273 
PRO HD2  H  N N 274 
PRO HD3  H  N N 275 
PRO HXT  H  N N 276 
SER N    N  N N 277 
SER CA   C  N S 278 
SER C    C  N N 279 
SER O    O  N N 280 
SER CB   C  N N 281 
SER OG   O  N N 282 
SER OXT  O  N N 283 
SER H    H  N N 284 
SER H2   H  N N 285 
SER HA   H  N N 286 
SER HB2  H  N N 287 
SER HB3  H  N N 288 
SER HG   H  N N 289 
SER HXT  H  N N 290 
THR N    N  N N 291 
THR CA   C  N S 292 
THR C    C  N N 293 
THR O    O  N N 294 
THR CB   C  N R 295 
THR OG1  O  N N 296 
THR CG2  C  N N 297 
THR OXT  O  N N 298 
THR H    H  N N 299 
THR H2   H  N N 300 
THR HA   H  N N 301 
THR HB   H  N N 302 
THR HG1  H  N N 303 
THR HG21 H  N N 304 
THR HG22 H  N N 305 
THR HG23 H  N N 306 
THR HXT  H  N N 307 
TRP N    N  N N 308 
TRP CA   C  N S 309 
TRP C    C  N N 310 
TRP O    O  N N 311 
TRP CB   C  N N 312 
TRP CG   C  Y N 313 
TRP CD1  C  Y N 314 
TRP CD2  C  Y N 315 
TRP NE1  N  Y N 316 
TRP CE2  C  Y N 317 
TRP CE3  C  Y N 318 
TRP CZ2  C  Y N 319 
TRP CZ3  C  Y N 320 
TRP CH2  C  Y N 321 
TRP OXT  O  N N 322 
TRP H    H  N N 323 
TRP H2   H  N N 324 
TRP HA   H  N N 325 
TRP HB2  H  N N 326 
TRP HB3  H  N N 327 
TRP HD1  H  N N 328 
TRP HE1  H  N N 329 
TRP HE3  H  N N 330 
TRP HZ2  H  N N 331 
TRP HZ3  H  N N 332 
TRP HH2  H  N N 333 
TRP HXT  H  N N 334 
TYR N    N  N N 335 
TYR CA   C  N S 336 
TYR C    C  N N 337 
TYR O    O  N N 338 
TYR CB   C  N N 339 
TYR CG   C  Y N 340 
TYR CD1  C  Y N 341 
TYR CD2  C  Y N 342 
TYR CE1  C  Y N 343 
TYR CE2  C  Y N 344 
TYR CZ   C  Y N 345 
TYR OH   O  N N 346 
TYR OXT  O  N N 347 
TYR H    H  N N 348 
TYR H2   H  N N 349 
TYR HA   H  N N 350 
TYR HB2  H  N N 351 
TYR HB3  H  N N 352 
TYR HD1  H  N N 353 
TYR HD2  H  N N 354 
TYR HE1  H  N N 355 
TYR HE2  H  N N 356 
TYR HH   H  N N 357 
TYR HXT  H  N N 358 
VAL N    N  N N 359 
VAL CA   C  N S 360 
VAL C    C  N N 361 
VAL O    O  N N 362 
VAL CB   C  N N 363 
VAL CG1  C  N N 364 
VAL CG2  C  N N 365 
VAL OXT  O  N N 366 
VAL H    H  N N 367 
VAL H2   H  N N 368 
VAL HA   H  N N 369 
VAL HB   H  N N 370 
VAL HG11 H  N N 371 
VAL HG12 H  N N 372 
VAL HG13 H  N N 373 
VAL HG21 H  N N 374 
VAL HG22 H  N N 375 
VAL HG23 H  N N 376 
VAL HXT  H  N N 377 
# 
loop_
_chem_comp_bond.comp_id 
_chem_comp_bond.atom_id_1 
_chem_comp_bond.atom_id_2 
_chem_comp_bond.value_order 
_chem_comp_bond.pdbx_aromatic_flag 
_chem_comp_bond.pdbx_stereo_config 
_chem_comp_bond.pdbx_ordinal 
ALA N   CA   sing N N 1   
ALA N   H    sing N N 2   
ALA N   H2   sing N N 3   
ALA CA  C    sing N N 4   
ALA CA  CB   sing N N 5   
ALA CA  HA   sing N N 6   
ALA C   O    doub N N 7   
ALA C   OXT  sing N N 8   
ALA CB  HB1  sing N N 9   
ALA CB  HB2  sing N N 10  
ALA CB  HB3  sing N N 11  
ALA OXT HXT  sing N N 12  
ARG N   CA   sing N N 13  
ARG N   H    sing N N 14  
ARG N   H2   sing N N 15  
ARG CA  C    sing N N 16  
ARG CA  CB   sing N N 17  
ARG CA  HA   sing N N 18  
ARG C   O    doub N N 19  
ARG C   OXT  sing N N 20  
ARG CB  CG   sing N N 21  
ARG CB  HB2  sing N N 22  
ARG CB  HB3  sing N N 23  
ARG CG  CD   sing N N 24  
ARG CG  HG2  sing N N 25  
ARG CG  HG3  sing N N 26  
ARG CD  NE   sing N N 27  
ARG CD  HD2  sing N N 28  
ARG CD  HD3  sing N N 29  
ARG NE  CZ   sing N N 30  
ARG NE  HE   sing N N 31  
ARG CZ  NH1  sing N N 32  
ARG CZ  NH2  doub N N 33  
ARG NH1 HH11 sing N N 34  
ARG NH1 HH12 sing N N 35  
ARG NH2 HH21 sing N N 36  
ARG NH2 HH22 sing N N 37  
ARG OXT HXT  sing N N 38  
ASN N   CA   sing N N 39  
ASN N   H    sing N N 40  
ASN N   H2   sing N N 41  
ASN CA  C    sing N N 42  
ASN CA  CB   sing N N 43  
ASN CA  HA   sing N N 44  
ASN C   O    doub N N 45  
ASN C   OXT  sing N N 46  
ASN CB  CG   sing N N 47  
ASN CB  HB2  sing N N 48  
ASN CB  HB3  sing N N 49  
ASN CG  OD1  doub N N 50  
ASN CG  ND2  sing N N 51  
ASN ND2 HD21 sing N N 52  
ASN ND2 HD22 sing N N 53  
ASN OXT HXT  sing N N 54  
ASP N   CA   sing N N 55  
ASP N   H    sing N N 56  
ASP N   H2   sing N N 57  
ASP CA  C    sing N N 58  
ASP CA  CB   sing N N 59  
ASP CA  HA   sing N N 60  
ASP C   O    doub N N 61  
ASP C   OXT  sing N N 62  
ASP CB  CG   sing N N 63  
ASP CB  HB2  sing N N 64  
ASP CB  HB3  sing N N 65  
ASP CG  OD1  doub N N 66  
ASP CG  OD2  sing N N 67  
ASP OD2 HD2  sing N N 68  
ASP OXT HXT  sing N N 69  
GLN N   CA   sing N N 70  
GLN N   H    sing N N 71  
GLN N   H2   sing N N 72  
GLN CA  C    sing N N 73  
GLN CA  CB   sing N N 74  
GLN CA  HA   sing N N 75  
GLN C   O    doub N N 76  
GLN C   OXT  sing N N 77  
GLN CB  CG   sing N N 78  
GLN CB  HB2  sing N N 79  
GLN CB  HB3  sing N N 80  
GLN CG  CD   sing N N 81  
GLN CG  HG2  sing N N 82  
GLN CG  HG3  sing N N 83  
GLN CD  OE1  doub N N 84  
GLN CD  NE2  sing N N 85  
GLN NE2 HE21 sing N N 86  
GLN NE2 HE22 sing N N 87  
GLN OXT HXT  sing N N 88  
GLU N   CA   sing N N 89  
GLU N   H    sing N N 90  
GLU N   H2   sing N N 91  
GLU CA  C    sing N N 92  
GLU CA  CB   sing N N 93  
GLU CA  HA   sing N N 94  
GLU C   O    doub N N 95  
GLU C   OXT  sing N N 96  
GLU CB  CG   sing N N 97  
GLU CB  HB2  sing N N 98  
GLU CB  HB3  sing N N 99  
GLU CG  CD   sing N N 100 
GLU CG  HG2  sing N N 101 
GLU CG  HG3  sing N N 102 
GLU CD  OE1  doub N N 103 
GLU CD  OE2  sing N N 104 
GLU OE2 HE2  sing N N 105 
GLU OXT HXT  sing N N 106 
GLY N   CA   sing N N 107 
GLY N   H    sing N N 108 
GLY N   H2   sing N N 109 
GLY CA  C    sing N N 110 
GLY CA  HA2  sing N N 111 
GLY CA  HA3  sing N N 112 
GLY C   O    doub N N 113 
GLY C   OXT  sing N N 114 
GLY OXT HXT  sing N N 115 
HIS N   CA   sing N N 116 
HIS N   H    sing N N 117 
HIS N   H2   sing N N 118 
HIS CA  C    sing N N 119 
HIS CA  CB   sing N N 120 
HIS CA  HA   sing N N 121 
HIS C   O    doub N N 122 
HIS C   OXT  sing N N 123 
HIS CB  CG   sing N N 124 
HIS CB  HB2  sing N N 125 
HIS CB  HB3  sing N N 126 
HIS CG  ND1  sing Y N 127 
HIS CG  CD2  doub Y N 128 
HIS ND1 CE1  doub Y N 129 
HIS ND1 HD1  sing N N 130 
HIS CD2 NE2  sing Y N 131 
HIS CD2 HD2  sing N N 132 
HIS CE1 NE2  sing Y N 133 
HIS CE1 HE1  sing N N 134 
HIS NE2 HE2  sing N N 135 
HIS OXT HXT  sing N N 136 
HOH O   H1   sing N N 137 
HOH O   H2   sing N N 138 
ILE N   CA   sing N N 139 
ILE N   H    sing N N 140 
ILE N   H2   sing N N 141 
ILE CA  C    sing N N 142 
ILE CA  CB   sing N N 143 
ILE CA  HA   sing N N 144 
ILE C   O    doub N N 145 
ILE C   OXT  sing N N 146 
ILE CB  CG1  sing N N 147 
ILE CB  CG2  sing N N 148 
ILE CB  HB   sing N N 149 
ILE CG1 CD1  sing N N 150 
ILE CG1 HG12 sing N N 151 
ILE CG1 HG13 sing N N 152 
ILE CG2 HG21 sing N N 153 
ILE CG2 HG22 sing N N 154 
ILE CG2 HG23 sing N N 155 
ILE CD1 HD11 sing N N 156 
ILE CD1 HD12 sing N N 157 
ILE CD1 HD13 sing N N 158 
ILE OXT HXT  sing N N 159 
LEU N   CA   sing N N 160 
LEU N   H    sing N N 161 
LEU N   H2   sing N N 162 
LEU CA  C    sing N N 163 
LEU CA  CB   sing N N 164 
LEU CA  HA   sing N N 165 
LEU C   O    doub N N 166 
LEU C   OXT  sing N N 167 
LEU CB  CG   sing N N 168 
LEU CB  HB2  sing N N 169 
LEU CB  HB3  sing N N 170 
LEU CG  CD1  sing N N 171 
LEU CG  CD2  sing N N 172 
LEU CG  HG   sing N N 173 
LEU CD1 HD11 sing N N 174 
LEU CD1 HD12 sing N N 175 
LEU CD1 HD13 sing N N 176 
LEU CD2 HD21 sing N N 177 
LEU CD2 HD22 sing N N 178 
LEU CD2 HD23 sing N N 179 
LEU OXT HXT  sing N N 180 
LYS N   CA   sing N N 181 
LYS N   H    sing N N 182 
LYS N   H2   sing N N 183 
LYS CA  C    sing N N 184 
LYS CA  CB   sing N N 185 
LYS CA  HA   sing N N 186 
LYS C   O    doub N N 187 
LYS C   OXT  sing N N 188 
LYS CB  CG   sing N N 189 
LYS CB  HB2  sing N N 190 
LYS CB  HB3  sing N N 191 
LYS CG  CD   sing N N 192 
LYS CG  HG2  sing N N 193 
LYS CG  HG3  sing N N 194 
LYS CD  CE   sing N N 195 
LYS CD  HD2  sing N N 196 
LYS CD  HD3  sing N N 197 
LYS CE  NZ   sing N N 198 
LYS CE  HE2  sing N N 199 
LYS CE  HE3  sing N N 200 
LYS NZ  HZ1  sing N N 201 
LYS NZ  HZ2  sing N N 202 
LYS NZ  HZ3  sing N N 203 
LYS OXT HXT  sing N N 204 
MET N   CA   sing N N 205 
MET N   H    sing N N 206 
MET N   H2   sing N N 207 
MET CA  C    sing N N 208 
MET CA  CB   sing N N 209 
MET CA  HA   sing N N 210 
MET C   O    doub N N 211 
MET C   OXT  sing N N 212 
MET CB  CG   sing N N 213 
MET CB  HB2  sing N N 214 
MET CB  HB3  sing N N 215 
MET CG  SD   sing N N 216 
MET CG  HG2  sing N N 217 
MET CG  HG3  sing N N 218 
MET SD  CE   sing N N 219 
MET CE  HE1  sing N N 220 
MET CE  HE2  sing N N 221 
MET CE  HE3  sing N N 222 
MET OXT HXT  sing N N 223 
PHE N   CA   sing N N 224 
PHE N   H    sing N N 225 
PHE N   H2   sing N N 226 
PHE CA  C    sing N N 227 
PHE CA  CB   sing N N 228 
PHE CA  HA   sing N N 229 
PHE C   O    doub N N 230 
PHE C   OXT  sing N N 231 
PHE CB  CG   sing N N 232 
PHE CB  HB2  sing N N 233 
PHE CB  HB3  sing N N 234 
PHE CG  CD1  doub Y N 235 
PHE CG  CD2  sing Y N 236 
PHE CD1 CE1  sing Y N 237 
PHE CD1 HD1  sing N N 238 
PHE CD2 CE2  doub Y N 239 
PHE CD2 HD2  sing N N 240 
PHE CE1 CZ   doub Y N 241 
PHE CE1 HE1  sing N N 242 
PHE CE2 CZ   sing Y N 243 
PHE CE2 HE2  sing N N 244 
PHE CZ  HZ   sing N N 245 
PHE OXT HXT  sing N N 246 
PRO N   CA   sing N N 247 
PRO N   CD   sing N N 248 
PRO N   H    sing N N 249 
PRO CA  C    sing N N 250 
PRO CA  CB   sing N N 251 
PRO CA  HA   sing N N 252 
PRO C   O    doub N N 253 
PRO C   OXT  sing N N 254 
PRO CB  CG   sing N N 255 
PRO CB  HB2  sing N N 256 
PRO CB  HB3  sing N N 257 
PRO CG  CD   sing N N 258 
PRO CG  HG2  sing N N 259 
PRO CG  HG3  sing N N 260 
PRO CD  HD2  sing N N 261 
PRO CD  HD3  sing N N 262 
PRO OXT HXT  sing N N 263 
SER N   CA   sing N N 264 
SER N   H    sing N N 265 
SER N   H2   sing N N 266 
SER CA  C    sing N N 267 
SER CA  CB   sing N N 268 
SER CA  HA   sing N N 269 
SER C   O    doub N N 270 
SER C   OXT  sing N N 271 
SER CB  OG   sing N N 272 
SER CB  HB2  sing N N 273 
SER CB  HB3  sing N N 274 
SER OG  HG   sing N N 275 
SER OXT HXT  sing N N 276 
THR N   CA   sing N N 277 
THR N   H    sing N N 278 
THR N   H2   sing N N 279 
THR CA  C    sing N N 280 
THR CA  CB   sing N N 281 
THR CA  HA   sing N N 282 
THR C   O    doub N N 283 
THR C   OXT  sing N N 284 
THR CB  OG1  sing N N 285 
THR CB  CG2  sing N N 286 
THR CB  HB   sing N N 287 
THR OG1 HG1  sing N N 288 
THR CG2 HG21 sing N N 289 
THR CG2 HG22 sing N N 290 
THR CG2 HG23 sing N N 291 
THR OXT HXT  sing N N 292 
TRP N   CA   sing N N 293 
TRP N   H    sing N N 294 
TRP N   H2   sing N N 295 
TRP CA  C    sing N N 296 
TRP CA  CB   sing N N 297 
TRP CA  HA   sing N N 298 
TRP C   O    doub N N 299 
TRP C   OXT  sing N N 300 
TRP CB  CG   sing N N 301 
TRP CB  HB2  sing N N 302 
TRP CB  HB3  sing N N 303 
TRP CG  CD1  doub Y N 304 
TRP CG  CD2  sing Y N 305 
TRP CD1 NE1  sing Y N 306 
TRP CD1 HD1  sing N N 307 
TRP CD2 CE2  doub Y N 308 
TRP CD2 CE3  sing Y N 309 
TRP NE1 CE2  sing Y N 310 
TRP NE1 HE1  sing N N 311 
TRP CE2 CZ2  sing Y N 312 
TRP CE3 CZ3  doub Y N 313 
TRP CE3 HE3  sing N N 314 
TRP CZ2 CH2  doub Y N 315 
TRP CZ2 HZ2  sing N N 316 
TRP CZ3 CH2  sing Y N 317 
TRP CZ3 HZ3  sing N N 318 
TRP CH2 HH2  sing N N 319 
TRP OXT HXT  sing N N 320 
TYR N   CA   sing N N 321 
TYR N   H    sing N N 322 
TYR N   H2   sing N N 323 
TYR CA  C    sing N N 324 
TYR CA  CB   sing N N 325 
TYR CA  HA   sing N N 326 
TYR C   O    doub N N 327 
TYR C   OXT  sing N N 328 
TYR CB  CG   sing N N 329 
TYR CB  HB2  sing N N 330 
TYR CB  HB3  sing N N 331 
TYR CG  CD1  doub Y N 332 
TYR CG  CD2  sing Y N 333 
TYR CD1 CE1  sing Y N 334 
TYR CD1 HD1  sing N N 335 
TYR CD2 CE2  doub Y N 336 
TYR CD2 HD2  sing N N 337 
TYR CE1 CZ   doub Y N 338 
TYR CE1 HE1  sing N N 339 
TYR CE2 CZ   sing Y N 340 
TYR CE2 HE2  sing N N 341 
TYR CZ  OH   sing N N 342 
TYR OH  HH   sing N N 343 
TYR OXT HXT  sing N N 344 
VAL N   CA   sing N N 345 
VAL N   H    sing N N 346 
VAL N   H2   sing N N 347 
VAL CA  C    sing N N 348 
VAL CA  CB   sing N N 349 
VAL CA  HA   sing N N 350 
VAL C   O    doub N N 351 
VAL C   OXT  sing N N 352 
VAL CB  CG1  sing N N 353 
VAL CB  CG2  sing N N 354 
VAL CB  HB   sing N N 355 
VAL CG1 HG11 sing N N 356 
VAL CG1 HG12 sing N N 357 
VAL CG1 HG13 sing N N 358 
VAL CG2 HG21 sing N N 359 
VAL CG2 HG22 sing N N 360 
VAL CG2 HG23 sing N N 361 
VAL OXT HXT  sing N N 362 
# 
_atom_sites.entry_id                    3CSX 
_atom_sites.fract_transf_matrix[1][1]   0.01804234 
_atom_sites.fract_transf_matrix[1][2]   0.02826462 
_atom_sites.fract_transf_matrix[1][3]   -0.00675176 
_atom_sites.fract_transf_matrix[2][1]   0.01316013 
_atom_sites.fract_transf_matrix[2][2]   -0.00307954 
_atom_sites.fract_transf_matrix[2][3]   0.02227533 
_atom_sites.fract_transf_matrix[3][1]   0.01189341 
_atom_sites.fract_transf_matrix[3][2]   -0.00724181 
_atom_sites.fract_transf_matrix[3][3]   -0.00802773 
_atom_sites.fract_transf_vector[1]      0.351099 
_atom_sites.fract_transf_vector[2]      0.390172 
_atom_sites.fract_transf_vector[3]      0.658781 
# 
loop_
_atom_type.symbol 
C  
N  
NI 
O  
S  
# 
loop_
_atom_site.group_PDB 
_atom_site.id 
_atom_site.type_symbol 
_atom_site.label_atom_id 
_atom_site.label_alt_id 
_atom_site.label_comp_id 
_atom_site.label_asym_id 
_atom_site.label_entity_id 
_atom_site.label_seq_id 
_atom_site.pdbx_PDB_ins_code 
_atom_site.Cartn_x 
_atom_site.Cartn_y 
_atom_site.Cartn_z 
_atom_site.occupancy 
_atom_site.B_iso_or_equiv 
_atom_site.pdbx_formal_charge 
_atom_site.auth_seq_id 
_atom_site.auth_comp_id 
_atom_site.auth_asym_id 
_atom_site.auth_atom_id 
_atom_site.pdbx_PDB_model_num 
ATOM   1    N  N   . ALA A 1 18 ? 15.961  -5.101  -21.094 1.00 53.55 ? 15  ALA A N   1 
ATOM   2    C  CA  . ALA A 1 18 ? 15.429  -3.812  -20.556 1.00 53.96 ? 15  ALA A CA  1 
ATOM   3    C  C   . ALA A 1 18 ? 14.657  -3.034  -21.651 1.00 54.00 ? 15  ALA A C   1 
ATOM   4    O  O   . ALA A 1 18 ? 14.610  -3.491  -22.805 1.00 54.69 ? 15  ALA A O   1 
ATOM   5    C  CB  . ALA A 1 18 ? 16.575  -2.987  -19.979 1.00 54.10 ? 15  ALA A CB  1 
ATOM   6    N  N   . ASP A 1 19 ? 13.982  -1.931  -21.298 1.00 53.30 ? 16  ASP A N   1 
ATOM   7    C  CA  . ASP A 1 19 ? 13.658  -1.633  -19.907 1.00 52.79 ? 16  ASP A CA  1 
ATOM   8    C  C   . ASP A 1 19 ? 12.235  -2.067  -19.572 1.00 52.01 ? 16  ASP A C   1 
ATOM   9    O  O   . ASP A 1 19 ? 11.368  -1.285  -19.138 1.00 52.06 ? 16  ASP A O   1 
ATOM   10   C  CB  . ASP A 1 19 ? 13.975  -0.200  -19.478 1.00 52.77 ? 16  ASP A CB  1 
ATOM   11   C  CG  . ASP A 1 19 ? 14.484  -0.139  -18.037 1.00 53.67 ? 16  ASP A CG  1 
ATOM   12   O  OD1 . ASP A 1 19 ? 13.689  -0.396  -17.109 1.00 52.91 ? 16  ASP A OD1 1 
ATOM   13   O  OD2 . ASP A 1 19 ? 15.690  0.141   -17.826 1.00 56.01 ? 16  ASP A OD2 1 
ATOM   14   N  N   . LEU A 1 20 ? 12.023  -3.349  -19.836 1.00 51.03 ? 17  LEU A N   1 
ATOM   15   C  CA  . LEU A 1 20 ? 11.011  -4.132  -19.187 1.00 49.88 ? 17  LEU A CA  1 
ATOM   16   C  C   . LEU A 1 20 ? 10.946  -3.814  -17.694 1.00 48.72 ? 17  LEU A C   1 
ATOM   17   O  O   . LEU A 1 20 ? 9.860   -3.794  -17.127 1.00 47.94 ? 17  LEU A O   1 
ATOM   18   C  CB  . LEU A 1 20 ? 11.362  -5.608  -19.338 1.00 50.23 ? 17  LEU A CB  1 
ATOM   19   C  CG  . LEU A 1 20 ? 10.618  -6.489  -20.325 1.00 50.55 ? 17  LEU A CG  1 
ATOM   20   C  CD1 . LEU A 1 20 ? 11.286  -7.833  -20.337 1.00 50.83 ? 17  LEU A CD1 1 
ATOM   21   C  CD2 . LEU A 1 20 ? 9.197   -6.626  -19.884 1.00 50.12 ? 17  LEU A CD2 1 
ATOM   22   N  N   . LYS A 1 21 ? 12.108  -3.575  -17.073 1.00 47.21 ? 18  LYS A N   1 
ATOM   23   C  CA  . LYS A 1 21 ? 12.194  -3.397  -15.612 1.00 46.01 ? 18  LYS A CA  1 
ATOM   24   C  C   . LYS A 1 21 ? 11.294  -2.286  -15.066 1.00 44.70 ? 18  LYS A C   1 
ATOM   25   O  O   . LYS A 1 21 ? 10.665  -2.451  -14.016 1.00 43.48 ? 18  LYS A O   1 
ATOM   26   C  CB  . LYS A 1 21 ? 13.645  -3.184  -15.163 1.00 46.10 ? 18  LYS A CB  1 
ATOM   27   C  CG  . LYS A 1 21 ? 14.377  -4.473  -14.829 1.00 46.00 ? 18  LYS A CG  1 
ATOM   28   C  CD  . LYS A 1 21 ? 15.830  -4.216  -14.457 1.00 47.36 ? 18  LYS A CD  1 
ATOM   29   C  CE  . LYS A 1 21 ? 15.969  -3.665  -13.035 1.00 49.01 ? 18  LYS A CE  1 
ATOM   30   N  NZ  . LYS A 1 21 ? 17.184  -2.800  -12.902 1.00 50.64 ? 18  LYS A NZ  1 
ATOM   31   N  N   . LYS A 1 22 ? 11.241  -1.167  -15.790 1.00 43.01 ? 19  LYS A N   1 
ATOM   32   C  CA  . LYS A 1 22 ? 10.391  -0.045  -15.427 1.00 41.98 ? 19  LYS A CA  1 
ATOM   33   C  C   . LYS A 1 22 ? 8.937   -0.441  -15.629 1.00 40.73 ? 19  LYS A C   1 
ATOM   34   O  O   . LYS A 1 22 ? 8.067   -0.034  -14.864 1.00 40.41 ? 19  LYS A O   1 
ATOM   35   C  CB  . LYS A 1 22 ? 10.721  1.179   -16.285 1.00 41.86 ? 19  LYS A CB  1 
ATOM   36   C  CG  . LYS A 1 22 ? 9.860   2.423   -15.995 1.00 42.63 ? 19  LYS A CG  1 
ATOM   37   C  CD  . LYS A 1 22 ? 10.009  3.491   -17.080 1.00 42.27 ? 19  LYS A CD  1 
ATOM   38   C  CE  . LYS A 1 22 ? 9.718   2.936   -18.473 1.00 42.74 ? 19  LYS A CE  1 
ATOM   39   N  NZ  . LYS A 1 22 ? 9.451   4.036   -19.441 1.00 43.95 ? 19  LYS A NZ  1 
ATOM   40   N  N   . LYS A 1 23 ? 8.690   -1.221  -16.679 1.00 39.73 ? 20  LYS A N   1 
ATOM   41   C  CA  . LYS A 1 23 ? 7.351   -1.678  -17.008 1.00 38.97 ? 20  LYS A CA  1 
ATOM   42   C  C   . LYS A 1 23 ? 6.823   -2.690  -15.988 1.00 37.30 ? 20  LYS A C   1 
ATOM   43   O  O   . LYS A 1 23 ? 5.648   -2.648  -15.644 1.00 37.44 ? 20  LYS A O   1 
ATOM   44   C  CB  . LYS A 1 23 ? 7.306   -2.245  -18.427 1.00 39.35 ? 20  LYS A CB  1 
ATOM   45   C  CG  . LYS A 1 23 ? 7.456   -1.163  -19.512 1.00 41.29 ? 20  LYS A CG  1 
ATOM   46   C  CD  . LYS A 1 23 ? 7.020   -1.673  -20.886 1.00 44.72 ? 20  LYS A CD  1 
ATOM   47   C  CE  . LYS A 1 23 ? 8.188   -2.261  -21.671 1.00 45.80 ? 20  LYS A CE  1 
ATOM   48   N  NZ  . LYS A 1 23 ? 7.707   -2.988  -22.883 1.00 47.39 ? 20  LYS A NZ  1 
ATOM   49   N  N   . VAL A 1 24 ? 7.697   -3.571  -15.509 1.00 36.15 ? 21  VAL A N   1 
ATOM   50   C  CA  . VAL A 1 24 ? 7.373   -4.513  -14.430 1.00 35.37 ? 21  VAL A CA  1 
ATOM   51   C  C   . VAL A 1 24 ? 7.163   -3.758  -13.109 1.00 34.78 ? 21  VAL A C   1 
ATOM   52   O  O   . VAL A 1 24 ? 6.249   -4.048  -12.354 1.00 34.14 ? 21  VAL A O   1 
ATOM   53   C  CB  . VAL A 1 24 ? 8.469   -5.602  -14.306 1.00 36.07 ? 21  VAL A CB  1 
ATOM   54   C  CG1 . VAL A 1 24 ? 8.355   -6.400  -13.008 1.00 34.34 ? 21  VAL A CG1 1 
ATOM   55   C  CG2 . VAL A 1 24 ? 8.417   -6.524  -15.513 1.00 34.88 ? 21  VAL A CG2 1 
ATOM   56   N  N   . ARG A 1 25 ? 8.017   -2.771  -12.856 1.00 34.98 ? 22  ARG A N   1 
ATOM   57   C  CA  . ARG A 1 25 ? 7.896   -1.923  -11.685 1.00 34.05 ? 22  ARG A CA  1 
ATOM   58   C  C   . ARG A 1 25 ? 6.531   -1.247  -11.658 1.00 33.05 ? 22  ARG A C   1 
ATOM   59   O  O   . ARG A 1 25 ? 5.841   -1.262  -10.632 1.00 31.68 ? 22  ARG A O   1 
ATOM   60   C  CB  . ARG A 1 25 ? 9.035   -0.903  -11.685 1.00 35.33 ? 22  ARG A CB  1 
ATOM   61   C  CG  . ARG A 1 25 ? 9.129   -0.072  -10.442 1.00 37.00 ? 22  ARG A CG  1 
ATOM   62   C  CD  . ARG A 1 25 ? 10.508  0.539   -10.341 1.00 38.50 ? 22  ARG A CD  1 
ATOM   63   N  NE  . ARG A 1 25 ? 10.693  1.651   -11.267 1.00 39.78 ? 22  ARG A NE  1 
ATOM   64   C  CZ  . ARG A 1 25 ? 10.172  2.862   -11.087 1.00 41.42 ? 22  ARG A CZ  1 
ATOM   65   N  NH1 . ARG A 1 25 ? 9.404   3.098   -10.025 1.00 40.52 ? 22  ARG A NH1 1 
ATOM   66   N  NH2 . ARG A 1 25 ? 10.400  3.830   -11.974 1.00 41.99 ? 22  ARG A NH2 1 
ATOM   67   N  N   . LYS A 1 26 ? 6.122   -0.688  -12.796 1.00 32.33 ? 23  LYS A N   1 
ATOM   68   C  CA  . LYS A 1 26 ? 4.839   -0.006  -12.911 1.00 31.73 ? 23  LYS A CA  1 
ATOM   69   C  C   . LYS A 1 26 ? 3.635   -0.919  -12.651 1.00 30.48 ? 23  LYS A C   1 
ATOM   70   O  O   . LYS A 1 26 ? 2.715   -0.553  -11.916 1.00 28.91 ? 23  LYS A O   1 
ATOM   71   C  CB  . LYS A 1 26 ? 4.713   0.641   -14.281 1.00 33.18 ? 23  LYS A CB  1 
ATOM   72   C  CG  . LYS A 1 26 ? 3.543   1.583   -14.401 1.00 35.38 ? 23  LYS A CG  1 
ATOM   73   C  CD  . LYS A 1 26 ? 3.670   2.442   -15.656 1.00 39.41 ? 23  LYS A CD  1 
ATOM   74   C  CE  . LYS A 1 26 ? 2.784   3.673   -15.581 1.00 41.80 ? 23  LYS A CE  1 
ATOM   75   N  NZ  . LYS A 1 26 ? 3.557   4.911   -15.210 1.00 42.18 ? 23  LYS A NZ  1 
ATOM   76   N  N   . LEU A 1 27 ? 3.628   -2.089  -13.287 1.00 29.35 ? 24  LEU A N   1 
ATOM   77   C  CA  . LEU A 1 27 ? 2.614   -3.095  -13.002 1.00 29.17 ? 24  LEU A CA  1 
ATOM   78   C  C   . LEU A 1 27 ? 2.650   -3.583  -11.559 1.00 28.27 ? 24  LEU A C   1 
ATOM   79   O  O   . LEU A 1 27 ? 1.602   -3.817  -10.942 1.00 28.65 ? 24  LEU A O   1 
ATOM   80   C  CB  . LEU A 1 27 ? 2.786   -4.288  -13.936 1.00 28.80 ? 24  LEU A CB  1 
ATOM   81   C  CG  . LEU A 1 27 ? 2.207   -4.107  -15.334 1.00 29.66 ? 24  LEU A CG  1 
ATOM   82   C  CD1 . LEU A 1 27 ? 2.564   -5.308  -16.198 1.00 30.84 ? 24  LEU A CD1 1 
ATOM   83   C  CD2 . LEU A 1 27 ? 0.702   -3.940  -15.222 1.00 32.60 ? 24  LEU A CD2 1 
ATOM   84   N  N   . ASN A 1 28 ? 3.849   -3.768  -11.028 1.00 27.70 ? 25  ASN A N   1 
ATOM   85   C  CA  . ASN A 1 28 ? 4.003   -4.158  -9.618  1.00 28.29 ? 25  ASN A CA  1 
ATOM   86   C  C   . ASN A 1 28 ? 3.225   -3.224  -8.724  1.00 27.12 ? 25  ASN A C   1 
ATOM   87   O  O   . ASN A 1 28 ? 2.503   -3.667  -7.841  1.00 25.16 ? 25  ASN A O   1 
ATOM   88   C  CB  . ASN A 1 28 ? 5.465   -4.121  -9.211  1.00 29.10 ? 25  ASN A CB  1 
ATOM   89   C  CG  . ASN A 1 28 ? 5.890   -5.361  -8.469  1.00 34.27 ? 25  ASN A CG  1 
ATOM   90   O  OD1 . ASN A 1 28 ? 6.228   -5.302  -7.272  1.00 40.53 ? 25  ASN A OD1 1 
ATOM   91   N  ND2 . ASN A 1 28 ? 5.860   -6.498  -9.151  1.00 34.01 ? 25  ASN A ND2 1 
ATOM   92   N  N   . SER A 1 29 ? 3.405   -1.920  -8.947  1.00 26.71 ? 26  SER A N   1 
ATOM   93   C  CA  . SER A 1 29 ? 2.669   -0.918  -8.195  1.00 26.94 ? 26  SER A CA  1 
ATOM   94   C  C   . SER A 1 29 ? 1.162   -0.956  -8.411  1.00 25.53 ? 26  SER A C   1 
ATOM   95   O  O   . SER A 1 29 ? 0.414   -0.915  -7.428  1.00 25.82 ? 26  SER A O   1 
ATOM   96   C  CB  . SER A 1 29 ? 3.239   0.497   -8.415  1.00 27.09 ? 26  SER A CB  1 
ATOM   97   O  OG  . SER A 1 29 ? 4.581   0.509   -7.963  1.00 29.66 ? 26  SER A OG  1 
ATOM   98   N  N   . LYS A 1 30 ? 0.723   -1.038  -9.670  1.00 25.07 ? 27  LYS A N   1 
ATOM   99   C  CA  . LYS A 1 30 ? -0.690  -1.145  -10.008 1.00 24.96 ? 27  LYS A CA  1 
ATOM   100  C  C   . LYS A 1 30 ? -1.295  -2.392  -9.317  1.00 24.04 ? 27  LYS A C   1 
ATOM   101  O  O   . LYS A 1 30 ? -2.389  -2.340  -8.790  1.00 23.83 ? 27  LYS A O   1 
ATOM   102  C  CB  . LYS A 1 30 ? -0.867  -1.244  -11.528 1.00 25.37 ? 27  LYS A CB  1 
ATOM   103  C  CG  . LYS A 1 30 ? -2.306  -1.389  -12.006 1.00 30.62 ? 27  LYS A CG  1 
ATOM   104  C  CD  . LYS A 1 30 ? -3.032  -0.063  -12.119 1.00 37.47 ? 27  LYS A CD  1 
ATOM   105  C  CE  . LYS A 1 30 ? -4.547  -0.272  -12.246 1.00 38.73 ? 27  LYS A CE  1 
ATOM   106  N  NZ  . LYS A 1 30 ? -5.283  0.975   -11.801 1.00 40.95 ? 27  LYS A NZ  1 
ATOM   107  N  N   . ALA A 1 31 ? -0.535  -3.480  -9.317  1.00 24.16 ? 28  ALA A N   1 
ATOM   108  C  CA  . ALA A 1 31 ? -0.996  -4.774  -8.764  1.00 23.34 ? 28  ALA A CA  1 
ATOM   109  C  C   . ALA A 1 31 ? -1.199  -4.580  -7.262  1.00 23.20 ? 28  ALA A C   1 
ATOM   110  O  O   . ALA A 1 31 ? -2.224  -4.971  -6.712  1.00 23.32 ? 28  ALA A O   1 
ATOM   111  C  CB  . ALA A 1 31 ? 0.041   -5.852  -9.044  1.00 23.05 ? 28  ALA A CB  1 
ATOM   112  N  N   . GLY A 1 32 ? -0.237  -3.919  -6.608  1.00 22.89 ? 29  GLY A N   1 
ATOM   113  C  CA  . GLY A 1 32 ? -0.317  -3.700  -5.163  1.00 21.32 ? 29  GLY A CA  1 
ATOM   114  C  C   . GLY A 1 32 ? -1.519  -2.854  -4.802  1.00 21.41 ? 29  GLY A C   1 
ATOM   115  O  O   . GLY A 1 32 ? -2.177  -3.085  -3.786  1.00 19.58 ? 29  GLY A O   1 
ATOM   116  N  N   . GLN A 1 33 ? -1.809  -1.857  -5.640  1.00 21.02 ? 30  GLN A N   1 
ATOM   117  C  CA  . GLN A 1 33 ? -2.974  -1.009  -5.395  1.00 22.31 ? 30  GLN A CA  1 
ATOM   118  C  C   . GLN A 1 33 ? -4.296  -1.712  -5.605  1.00 21.77 ? 30  GLN A C   1 
ATOM   119  O  O   . GLN A 1 33 ? -5.259  -1.437  -4.897  1.00 21.25 ? 30  GLN A O   1 
ATOM   120  C  CB  . GLN A 1 33 ? -2.969  0.267   -6.241  1.00 23.36 ? 30  GLN A CB  1 
ATOM   121  C  CG  . GLN A 1 33 ? -4.120  1.183   -5.865  1.00 26.42 ? 30  GLN A CG  1 
ATOM   122  C  CD  . GLN A 1 33 ? -3.950  1.733   -4.471  1.00 32.46 ? 30  GLN A CD  1 
ATOM   123  O  OE1 . GLN A 1 33 ? -2.879  2.248   -4.125  1.00 34.35 ? 30  GLN A OE1 1 
ATOM   124  N  NE2 . GLN A 1 33 ? -4.995  1.612   -3.649  1.00 34.43 ? 30  GLN A NE2 1 
ATOM   125  N  N   . MET A 1 34 ? -4.366  -2.584  -6.606  1.00 21.39 ? 31  MET A N   1 
ATOM   126  C  CA  . MET A 1 34 ? -5.624  -3.294  -6.856  1.00 21.06 ? 31  MET A CA  1 
ATOM   127  C  C   . MET A 1 34 ? -5.833  -4.344  -5.763  1.00 19.77 ? 31  MET A C   1 
ATOM   128  O  O   . MET A 1 34 ? -6.962  -4.602  -5.346  1.00 20.68 ? 31  MET A O   1 
ATOM   129  C  CB  . MET A 1 34 ? -5.606  -3.941  -8.235  1.00 20.43 ? 31  MET A CB  1 
ATOM   130  C  CG  . MET A 1 34 ? -5.580  -2.971  -9.418  1.00 23.68 ? 31  MET A CG  1 
ATOM   131  S  SD  . MET A 1 34 ? -6.981  -1.859  -9.481  1.00 25.38 ? 31  MET A SD  1 
ATOM   132  C  CE  . MET A 1 34 ? -8.318  -3.056  -9.389  1.00 31.21 ? 31  MET A CE  1 
ATOM   133  N  N   . LYS A 1 35 ? -4.744  -4.959  -5.320  1.00 19.20 ? 32  LYS A N   1 
ATOM   134  C  CA  . LYS A 1 35 ? -4.819  -5.838  -4.143  1.00 19.81 ? 32  LYS A CA  1 
ATOM   135  C  C   . LYS A 1 35 ? -5.446  -5.114  -2.943  1.00 20.21 ? 32  LYS A C   1 
ATOM   136  O  O   . LYS A 1 35 ? -6.426  -5.583  -2.351  1.00 19.60 ? 32  LYS A O   1 
ATOM   137  C  CB  . LYS A 1 35 ? -3.442  -6.383  -3.791  1.00 18.93 ? 32  LYS A CB  1 
ATOM   138  C  CG  . LYS A 1 35 ? -3.445  -7.220  -2.469  1.00 18.30 ? 32  LYS A CG  1 
ATOM   139  C  CD  . LYS A 1 35 ? -2.123  -7.999  -2.379  1.00 19.40 ? 32  LYS A CD  1 
ATOM   140  C  CE  . LYS A 1 35 ? -2.049  -8.843  -1.083  1.00 17.93 ? 32  LYS A CE  1 
ATOM   141  N  NZ  . LYS A 1 35 ? -0.681  -9.454  -1.019  1.00 22.74 ? 32  LYS A NZ  1 
ATOM   142  N  N   . MET A 1 36 ? -4.887  -3.964  -2.573  1.00 19.86 ? 33  MET A N   1 
ATOM   143  C  CA  . MET A 1 36 ? -5.460  -3.163  -1.506  1.00 21.39 ? 33  MET A CA  1 
ATOM   144  C  C   . MET A 1 36 ? -6.937  -2.845  -1.759  1.00 19.63 ? 33  MET A C   1 
ATOM   145  O  O   . MET A 1 36 ? -7.772  -2.935  -0.865  1.00 18.47 ? 33  MET A O   1 
ATOM   146  C  CB  . MET A 1 36 ? -4.715  -1.822  -1.382  1.00 21.37 ? 33  MET A CB  1 
ATOM   147  C  CG  . MET A 1 36 ? -3.374  -1.871  -0.754  1.00 25.56 ? 33  MET A CG  1 
ATOM   148  S  SD  . MET A 1 36 ? -2.621  -0.183  -0.846  1.00 27.86 ? 33  MET A SD  1 
ATOM   149  C  CE  . MET A 1 36 ? -1.473  -0.351  0.495   1.00 27.25 ? 33  MET A CE  1 
ATOM   150  N  N   . ASP A 1 37 ? -7.244  -2.398  -2.975  1.00 18.88 ? 34  ASP A N   1 
ATOM   151  C  CA  . ASP A 1 37 ? -8.612  -2.008  -3.305  1.00 18.27 ? 34  ASP A CA  1 
ATOM   152  C  C   . ASP A 1 37 ? -9.594  -3.171  -3.169  1.00 17.11 ? 34  ASP A C   1 
ATOM   153  O  O   . ASP A 1 37 ? -10.684 -3.009  -2.645  1.00 16.85 ? 34  ASP A O   1 
ATOM   154  C  CB  . ASP A 1 37 ? -8.673  -1.462  -4.738  1.00 18.53 ? 34  ASP A CB  1 
ATOM   155  C  CG  . ASP A 1 37 ? -8.183  -0.014  -4.837  1.00 22.44 ? 34  ASP A CG  1 
ATOM   156  O  OD1 . ASP A 1 37 ? -7.820  0.583   -3.821  1.00 25.05 ? 34  ASP A OD1 1 
ATOM   157  O  OD2 . ASP A 1 37 ? -8.177  0.532   -5.943  1.00 25.88 ? 34  ASP A OD2 1 
ATOM   158  N  N   . LEU A 1 38 ? -9.225  -4.337  -3.685  1.00 16.92 ? 35  LEU A N   1 
ATOM   159  C  CA  . LEU A 1 38 ? -10.133 -5.455  -3.579  1.00 15.91 ? 35  LEU A CA  1 
ATOM   160  C  C   . LEU A 1 38 ? -10.242 -5.910  -2.112  1.00 15.22 ? 35  LEU A C   1 
ATOM   161  O  O   . LEU A 1 38 ? -11.323 -6.234  -1.654  1.00 15.05 ? 35  LEU A O   1 
ATOM   162  C  CB  . LEU A 1 38 ? -9.697  -6.596  -4.480  1.00 15.80 ? 35  LEU A CB  1 
ATOM   163  C  CG  . LEU A 1 38 ? -10.549 -7.865  -4.454  1.00 16.68 ? 35  LEU A CG  1 
ATOM   164  C  CD1 . LEU A 1 38 ? -11.861 -7.585  -5.123  1.00 17.15 ? 35  LEU A CD1 1 
ATOM   165  C  CD2 . LEU A 1 38 ? -9.782  -8.988  -5.213  1.00 17.05 ? 35  LEU A CD2 1 
ATOM   166  N  N   . HIS A 1 39 ? -9.121  -5.930  -1.402  1.00 16.74 ? 36  HIS A N   1 
ATOM   167  C  CA  . HIS A 1 39 ? -9.118  -6.315  0.021   1.00 17.12 ? 36  HIS A CA  1 
ATOM   168  C  C   . HIS A 1 39 ? -10.080 -5.424  0.826   1.00 16.70 ? 36  HIS A C   1 
ATOM   169  O  O   . HIS A 1 39 ? -10.931 -5.895  1.550   1.00 13.48 ? 36  HIS A O   1 
ATOM   170  C  CB  . HIS A 1 39 ? -7.702  -6.206  0.596   1.00 18.54 ? 36  HIS A CB  1 
ATOM   171  C  CG  . HIS A 1 39 ? -7.699  -6.227  2.093   1.00 18.29 ? 36  HIS A CG  1 
ATOM   172  N  ND1 . HIS A 1 39 ? -8.029  -5.117  2.850   1.00 18.83 ? 36  HIS A ND1 1 
ATOM   173  C  CD2 . HIS A 1 39 ? -7.521  -7.242  2.964   1.00 15.82 ? 36  HIS A CD2 1 
ATOM   174  C  CE1 . HIS A 1 39 ? -7.984  -5.437  4.135   1.00 21.69 ? 36  HIS A CE1 1 
ATOM   175  N  NE2 . HIS A 1 39 ? -7.694  -6.725  4.232   1.00 18.39 ? 36  HIS A NE2 1 
ATOM   176  N  N   . ASP A 1 40 ? -9.913  -4.100  0.696   1.00 16.29 ? 37  ASP A N   1 
ATOM   177  C  CA  . ASP A 1 40 ? -10.814 -3.166  1.328   1.00 17.76 ? 37  ASP A CA  1 
ATOM   178  C  C   . ASP A 1 40 ? -12.285 -3.277  0.960   1.00 16.10 ? 37  ASP A C   1 
ATOM   179  O  O   . ASP A 1 40 ? -13.164 -3.171  1.825   1.00 15.97 ? 37  ASP A O   1 
ATOM   180  C  CB  . ASP A 1 40 ? -10.298 -1.755  1.069   1.00 18.59 ? 37  ASP A CB  1 
ATOM   181  C  CG  . ASP A 1 40 ? -8.909  -1.536  1.643   1.00 21.26 ? 37  ASP A CG  1 
ATOM   182  O  OD1 . ASP A 1 40 ? -8.295  -2.466  2.216   1.00 21.89 ? 37  ASP A OD1 1 
ATOM   183  O  OD2 . ASP A 1 40 ? -8.398  -0.419  1.491   1.00 25.86 ? 37  ASP A OD2 1 
ATOM   184  N  N   . LEU A 1 41 ? -12.545 -3.485  -0.326  1.00 17.26 ? 38  LEU A N   1 
ATOM   185  C  CA  . LEU A 1 41 ? -13.896 -3.696  -0.824  1.00 17.10 ? 38  LEU A CA  1 
ATOM   186  C  C   . LEU A 1 41 ? -14.478 -4.926  -0.163  1.00 16.26 ? 38  LEU A C   1 
ATOM   187  O  O   . LEU A 1 41 ? -15.620 -4.909  0.313   1.00 17.70 ? 38  LEU A O   1 
ATOM   188  C  CB  . LEU A 1 41 ? -13.888 -3.899  -2.356  1.00 16.73 ? 38  LEU A CB  1 
ATOM   189  C  CG  . LEU A 1 41 ? -15.269 -4.002  -3.036  1.00 18.26 ? 38  LEU A CG  1 
ATOM   190  C  CD1 . LEU A 1 41 ? -16.187 -2.847  -2.687  1.00 20.72 ? 38  LEU A CD1 1 
ATOM   191  C  CD2 . LEU A 1 41 ? -15.091 -4.148  -4.576  1.00 18.16 ? 38  LEU A CD2 1 
ATOM   192  N  N   . ALA A 1 42 ? -13.700 -6.011  -0.134  1.00 15.73 ? 39  ALA A N   1 
ATOM   193  C  CA  . ALA A 1 42 ? -14.183 -7.210  0.565   1.00 15.21 ? 39  ALA A CA  1 
ATOM   194  C  C   . ALA A 1 42 ? -14.487 -6.919  2.047   1.00 14.73 ? 39  ALA A C   1 
ATOM   195  O  O   . ALA A 1 42 ? -15.571 -7.186  2.528   1.00 13.96 ? 39  ALA A O   1 
ATOM   196  C  CB  . ALA A 1 42 ? -13.197 -8.341  0.434   1.00 14.53 ? 39  ALA A CB  1 
ATOM   197  N  N   . GLU A 1 43 ? -13.528 -6.323  2.768   1.00 17.28 ? 40  GLU A N   1 
ATOM   198  C  CA  . GLU A 1 43 ? -13.713 -6.150  4.198   1.00 16.86 ? 40  GLU A CA  1 
ATOM   199  C  C   . GLU A 1 43 ? -14.950 -5.275  4.481   1.00 17.07 ? 40  GLU A C   1 
ATOM   200  O  O   . GLU A 1 43 ? -15.612 -5.431  5.518   1.00 18.25 ? 40  GLU A O   1 
ATOM   201  C  CB  . GLU A 1 43 ? -12.419 -5.613  4.834   1.00 18.77 ? 40  GLU A CB  1 
ATOM   202  C  CG  . GLU A 1 43 ? -12.419 -5.435  6.346   1.00 18.58 ? 40  GLU A CG  1 
ATOM   203  C  CD  . GLU A 1 43 ? -12.565 -6.745  7.117   1.00 22.06 ? 40  GLU A CD  1 
ATOM   204  O  OE1 . GLU A 1 43 ? -12.103 -7.795  6.630   1.00 23.40 ? 40  GLU A OE1 1 
ATOM   205  O  OE2 . GLU A 1 43 ? -13.165 -6.711  8.205   1.00 25.51 ? 40  GLU A OE2 1 
ATOM   206  N  N   . GLY A 1 44 ? -15.249 -4.358  3.550   1.00 17.68 ? 41  GLY A N   1 
ATOM   207  C  CA  . GLY A 1 44 ? -16.377 -3.404  3.644   1.00 17.41 ? 41  GLY A CA  1 
ATOM   208  C  C   . GLY A 1 44 ? -17.782 -3.889  3.319   1.00 17.89 ? 41  GLY A C   1 
ATOM   209  O  O   . GLY A 1 44 ? -18.759 -3.211  3.614   1.00 17.74 ? 41  GLY A O   1 
ATOM   210  N  N   . LEU A 1 45 ? -17.894 -5.110  2.788   1.00 17.71 ? 42  LEU A N   1 
ATOM   211  C  CA  . LEU A 1 45 ? -19.170 -5.693  2.460   1.00 17.25 ? 42  LEU A CA  1 
ATOM   212  C  C   . LEU A 1 45 ? -20.128 -5.679  3.667   1.00 17.89 ? 42  LEU A C   1 
ATOM   213  O  O   . LEU A 1 45 ? -19.668 -5.924  4.813   1.00 18.39 ? 42  LEU A O   1 
ATOM   214  C  CB  . LEU A 1 45 ? -18.951 -7.153  1.946   1.00 16.30 ? 42  LEU A CB  1 
ATOM   215  C  CG  . LEU A 1 45 ? -18.264 -7.223  0.586   1.00 16.78 ? 42  LEU A CG  1 
ATOM   216  C  CD1 . LEU A 1 45 ? -18.004 -8.721  0.173   1.00 16.33 ? 42  LEU A CD1 1 
ATOM   217  C  CD2 . LEU A 1 45 ? -19.112 -6.504  -0.515  1.00 18.52 ? 42  LEU A CD2 1 
ATOM   218  N  N   . PRO A 1 46 ? -21.431 -5.471  3.437   1.00 18.47 ? 43  PRO A N   1 
ATOM   219  C  CA  . PRO A 1 46 ? -22.090 -5.431  2.089   1.00 18.55 ? 43  PRO A CA  1 
ATOM   220  C  C   . PRO A 1 46 ? -21.947 -4.132  1.310   1.00 18.07 ? 43  PRO A C   1 
ATOM   221  O  O   . PRO A 1 46 ? -22.381 -4.086  0.160   1.00 17.43 ? 43  PRO A O   1 
ATOM   222  C  CB  . PRO A 1 46 ? -23.557 -5.629  2.439   1.00 19.21 ? 43  PRO A CB  1 
ATOM   223  C  CG  . PRO A 1 46 ? -23.688 -4.845  3.792   1.00 20.53 ? 43  PRO A CG  1 
ATOM   224  C  CD  . PRO A 1 46 ? -22.435 -5.362  4.520   1.00 18.30 ? 43  PRO A CD  1 
ATOM   225  N  N   . THR A 1 47 ? -21.349 -3.074  1.891   1.00 17.04 ? 44  THR A N   1 
ATOM   226  C  CA  . THR A 1 47 ? -21.111 -1.837  1.107   1.00 17.61 ? 44  THR A CA  1 
ATOM   227  C  C   . THR A 1 47 ? -20.473 -2.058  -0.259  1.00 17.58 ? 44  THR A C   1 
ATOM   228  O  O   . THR A 1 47 ? -19.418 -2.721  -0.394  1.00 17.00 ? 44  THR A O   1 
ATOM   229  C  CB  . THR A 1 47 ? -20.209 -0.821  1.886   1.00 18.01 ? 44  THR A CB  1 
ATOM   230  O  OG1 . THR A 1 47 ? -20.837 -0.564  3.132   1.00 20.83 ? 44  THR A OG1 1 
ATOM   231  C  CG2 . THR A 1 47 ? -20.000 0.498   1.079   1.00 19.47 ? 44  THR A CG2 1 
ATOM   232  N  N   . ASP A 1 48 ? -21.076 -1.451  -1.305  1.00 16.96 ? 45  ASP A N   1 
ATOM   233  C  CA  . ASP A 1 48 ? -20.547 -1.582  -2.661  1.00 17.50 ? 45  ASP A CA  1 
ATOM   234  C  C   . ASP A 1 48 ? -20.347 -3.019  -3.208  1.00 14.50 ? 45  ASP A C   1 
ATOM   235  O  O   . ASP A 1 48 ? -19.478 -3.266  -4.034  1.00 15.34 ? 45  ASP A O   1 
ATOM   236  C  CB  . ASP A 1 48 ? -19.232 -0.811  -2.804  1.00 17.79 ? 45  ASP A CB  1 
ATOM   237  C  CG  . ASP A 1 48 ? -19.457 0.720   -2.769  1.00 22.58 ? 45  ASP A CG  1 
ATOM   238  O  OD1 . ASP A 1 48 ? -20.541 1.142   -3.145  1.00 24.30 ? 45  ASP A OD1 1 
ATOM   239  O  OD2 . ASP A 1 48 ? -18.561 1.450   -2.341  1.00 20.56 ? 45  ASP A OD2 1 
ATOM   240  N  N   . TYR A 1 49 ? -21.202 -3.924  -2.808  1.00 16.59 ? 46  TYR A N   1 
ATOM   241  C  CA  . TYR A 1 49 ? -21.149 -5.304  -3.337  1.00 16.78 ? 46  TYR A CA  1 
ATOM   242  C  C   . TYR A 1 49 ? -21.300 -5.282  -4.855  1.00 17.17 ? 46  TYR A C   1 
ATOM   243  O  O   . TYR A 1 49 ? -20.774 -6.151  -5.570  1.00 16.34 ? 46  TYR A O   1 
ATOM   244  C  CB  . TYR A 1 49 ? -22.205 -6.210  -2.694  1.00 17.98 ? 46  TYR A CB  1 
ATOM   245  C  CG  . TYR A 1 49 ? -23.644 -5.986  -3.151  1.00 16.87 ? 46  TYR A CG  1 
ATOM   246  C  CD1 . TYR A 1 49 ? -24.166 -6.645  -4.294  1.00 17.84 ? 46  TYR A CD1 1 
ATOM   247  C  CD2 . TYR A 1 49 ? -24.504 -5.167  -2.412  1.00 17.81 ? 46  TYR A CD2 1 
ATOM   248  C  CE1 . TYR A 1 49 ? -25.460 -6.409  -4.709  1.00 18.58 ? 46  TYR A CE1 1 
ATOM   249  C  CE2 . TYR A 1 49 ? -25.811 -4.950  -2.803  1.00 17.95 ? 46  TYR A CE2 1 
ATOM   250  C  CZ  . TYR A 1 49 ? -26.276 -5.576  -3.962  1.00 17.81 ? 46  TYR A CZ  1 
ATOM   251  O  OH  . TYR A 1 49 ? -27.548 -5.359  -4.359  1.00 21.18 ? 46  TYR A OH  1 
ATOM   252  N  N   . GLU A 1 50 ? -21.973 -4.249  -5.359  1.00 16.92 ? 47  GLU A N   1 
ATOM   253  C  CA  . GLU A 1 50 ? -22.134 -4.081  -6.815  1.00 17.39 ? 47  GLU A CA  1 
ATOM   254  C  C   . GLU A 1 50 ? -20.840 -3.888  -7.591  1.00 18.48 ? 47  GLU A C   1 
ATOM   255  O  O   . GLU A 1 50 ? -20.810 -4.153  -8.787  1.00 21.08 ? 47  GLU A O   1 
ATOM   256  C  CB  . GLU A 1 50 ? -23.136 -2.930  -7.128  1.00 15.39 ? 47  GLU A CB  1 
ATOM   257  C  CG  . GLU A 1 50 ? -24.464 -3.070  -6.434  1.00 15.45 ? 47  GLU A CG  1 
ATOM   258  C  CD  . GLU A 1 50 ? -24.586 -2.249  -5.167  1.00 19.39 ? 47  GLU A CD  1 
ATOM   259  O  OE1 . GLU A 1 50 ? -23.556 -2.014  -4.504  1.00 21.16 ? 47  GLU A OE1 1 
ATOM   260  O  OE2 . GLU A 1 50 ? -25.727 -1.843  -4.837  1.00 23.63 ? 47  GLU A OE2 1 
ATOM   261  N  N   . ASN A 1 51 ? -19.762 -3.483  -6.909  1.00 17.60 ? 48  ASN A N   1 
ATOM   262  C  CA  . ASN A 1 51 ? -18.474 -3.241  -7.499  1.00 17.01 ? 48  ASN A CA  1 
ATOM   263  C  C   . ASN A 1 51 ? -17.484 -4.426  -7.461  1.00 16.46 ? 48  ASN A C   1 
ATOM   264  O  O   . ASN A 1 51 ? -16.362 -4.350  -7.956  1.00 16.59 ? 48  ASN A O   1 
ATOM   265  C  CB  . ASN A 1 51 ? -17.831 -2.018  -6.842  1.00 17.96 ? 48  ASN A CB  1 
ATOM   266  C  CG  . ASN A 1 51 ? -18.739 -0.764  -6.920  1.00 21.48 ? 48  ASN A CG  1 
ATOM   267  O  OD1 . ASN A 1 51 ? -19.831 -0.794  -7.521  1.00 21.65 ? 48  ASN A OD1 1 
ATOM   268  N  ND2 . ASN A 1 51 ? -18.287 0.325   -6.304  1.00 24.40 ? 48  ASN A ND2 1 
ATOM   269  N  N   . LEU A 1 52 ? -17.919 -5.512  -6.858  1.00 16.34 ? 49  LEU A N   1 
ATOM   270  C  CA  . LEU A 1 52 ? -17.058 -6.692  -6.729  1.00 17.11 ? 49  LEU A CA  1 
ATOM   271  C  C   . LEU A 1 52 ? -16.475 -7.217  -8.020  1.00 17.38 ? 49  LEU A C   1 
ATOM   272  O  O   . LEU A 1 52 ? -15.264 -7.408  -8.129  1.00 17.18 ? 49  LEU A O   1 
ATOM   273  C  CB  . LEU A 1 52 ? -17.830 -7.775  -5.999  1.00 16.96 ? 49  LEU A CB  1 
ATOM   274  C  CG  . LEU A 1 52 ? -18.067 -7.493  -4.505  1.00 18.08 ? 49  LEU A CG  1 
ATOM   275  C  CD1 . LEU A 1 52 ? -19.090 -8.486  -3.980  1.00 19.96 ? 49  LEU A CD1 1 
ATOM   276  C  CD2 . LEU A 1 52 ? -16.735 -7.540  -3.705  1.00 19.44 ? 49  LEU A CD2 1 
ATOM   277  N  N   . VAL A 1 53 ? -17.345 -7.491  -9.001  1.00 17.99 ? 50  VAL A N   1 
ATOM   278  C  CA  . VAL A 1 53 ? -16.910 -8.136  -10.236 1.00 18.59 ? 50  VAL A CA  1 
ATOM   279  C  C   . VAL A 1 53 ? -16.021 -7.238  -11.067 1.00 18.95 ? 50  VAL A C   1 
ATOM   280  O  O   . VAL A 1 53 ? -14.958 -7.661  -11.503 1.00 18.27 ? 50  VAL A O   1 
ATOM   281  C  CB  . VAL A 1 53 ? -18.125 -8.715  -11.042 1.00 17.94 ? 50  VAL A CB  1 
ATOM   282  C  CG1 . VAL A 1 53 ? -17.666 -9.344  -12.383 1.00 20.37 ? 50  VAL A CG1 1 
ATOM   283  C  CG2 . VAL A 1 53 ? -18.845 -9.716  -10.196 1.00 19.99 ? 50  VAL A CG2 1 
ATOM   284  N  N   . GLU A 1 54 ? -16.401 -5.979  -11.247 1.00 19.51 ? 51  GLU A N   1 
ATOM   285  C  CA  . GLU A 1 54 ? -15.515 -5.094  -11.994 1.00 20.76 ? 51  GLU A CA  1 
ATOM   286  C  C   . GLU A 1 54 ? -14.142 -4.953  -11.346 1.00 19.53 ? 51  GLU A C   1 
ATOM   287  O  O   . GLU A 1 54 ? -13.135 -4.869  -12.039 1.00 18.68 ? 51  GLU A O   1 
ATOM   288  C  CB  . GLU A 1 54 ? -16.158 -3.732  -12.188 1.00 20.82 ? 51  GLU A CB  1 
ATOM   289  C  CG  . GLU A 1 54 ? -16.366 -2.963  -10.869 1.00 23.62 ? 51  GLU A CG  1 
ATOM   290  C  CD  . GLU A 1 54 ? -17.039 -1.607  -11.079 1.00 25.96 ? 51  GLU A CD  1 
ATOM   291  O  OE1 . GLU A 1 54 ? -17.260 -1.244  -12.256 1.00 30.05 ? 51  GLU A OE1 1 
ATOM   292  O  OE2 . GLU A 1 54 ? -17.326 -0.931  -10.062 1.00 29.16 ? 51  GLU A OE2 1 
ATOM   293  N  N   . THR A 1 55 ? -14.103 -4.896  -10.021 1.00 19.56 ? 52  THR A N   1 
ATOM   294  C  CA  . THR A 1 55 ? -12.822 -4.749  -9.322  1.00 20.32 ? 52  THR A CA  1 
ATOM   295  C  C   . THR A 1 55 ? -11.976 -6.028  -9.464  1.00 19.25 ? 52  THR A C   1 
ATOM   296  O  O   . THR A 1 55 ? -10.770 -5.957  -9.756  1.00 19.63 ? 52  THR A O   1 
ATOM   297  C  CB  . THR A 1 55 ? -13.006 -4.328  -7.850  1.00 20.54 ? 52  THR A CB  1 
ATOM   298  O  OG1 . THR A 1 55 ? -13.891 -3.208  -7.784  1.00 22.56 ? 52  THR A OG1 1 
ATOM   299  C  CG2 . THR A 1 55 ? -11.651 -3.868  -7.237  1.00 22.81 ? 52  THR A CG2 1 
ATOM   300  N  N   . ALA A 1 56 ? -12.627 -7.187  -9.299  1.00 19.38 ? 53  ALA A N   1 
ATOM   301  C  CA  . ALA A 1 56 ? -11.942 -8.497  -9.459  1.00 19.19 ? 53  ALA A CA  1 
ATOM   302  C  C   . ALA A 1 56 ? -11.386 -8.661  -10.876 1.00 20.14 ? 53  ALA A C   1 
ATOM   303  O  O   . ALA A 1 56 ? -10.264 -9.129  -11.068 1.00 19.32 ? 53  ALA A O   1 
ATOM   304  C  CB  . ALA A 1 56 ? -12.885 -9.626  -9.127  1.00 17.44 ? 53  ALA A CB  1 
ATOM   305  N  N   . GLU A 1 57 ? -12.165 -8.247  -11.875 1.00 21.58 ? 54  GLU A N   1 
ATOM   306  C  CA  . GLU A 1 57 ? -11.727 -8.335  -13.271 1.00 22.95 ? 54  GLU A CA  1 
ATOM   307  C  C   . GLU A 1 57 ? -10.491 -7.482  -13.547 1.00 23.13 ? 54  GLU A C   1 
ATOM   308  O  O   . GLU A 1 57 ? -9.577  -7.910  -14.256 1.00 23.15 ? 54  GLU A O   1 
ATOM   309  C  CB  . GLU A 1 57 ? -12.834 -7.868  -14.217 1.00 22.03 ? 54  GLU A CB  1 
ATOM   310  C  CG  . GLU A 1 57 ? -13.966 -8.841  -14.387 1.00 26.57 ? 54  GLU A CG  1 
ATOM   311  C  CD  . GLU A 1 57 ? -15.140 -8.277  -15.194 1.00 26.81 ? 54  GLU A CD  1 
ATOM   312  O  OE1 . GLU A 1 57 ? -15.321 -7.039  -15.272 1.00 32.65 ? 54  GLU A OE1 1 
ATOM   313  O  OE2 . GLU A 1 57 ? -15.937 -9.094  -15.703 1.00 31.56 ? 54  GLU A OE2 1 
ATOM   314  N  N   . LYS A 1 58 ? -10.498 -6.248  -13.035 1.00 23.46 ? 55  LYS A N   1 
ATOM   315  C  CA  . LYS A 1 58 ? -9.348  -5.360  -13.173 1.00 24.10 ? 55  LYS A CA  1 
ATOM   316  C  C   . LYS A 1 58 ? -8.138  -5.904  -12.432 1.00 22.21 ? 55  LYS A C   1 
ATOM   317  O  O   . LYS A 1 58 ? -7.026  -5.859  -12.944 1.00 22.48 ? 55  LYS A O   1 
ATOM   318  C  CB  . LYS A 1 58 ? -9.672  -3.948  -12.685 1.00 23.57 ? 55  LYS A CB  1 
ATOM   319  C  CG  . LYS A 1 58 ? -10.735 -3.189  -13.543 1.00 26.56 ? 55  LYS A CG  1 
ATOM   320  C  CD  . LYS A 1 58 ? -10.686 -1.666  -13.259 1.00 28.57 ? 55  LYS A CD  1 
ATOM   321  C  CE  . LYS A 1 58 ? -12.013 -0.923  -13.639 1.00 31.42 ? 55  LYS A CE  1 
ATOM   322  N  NZ  . LYS A 1 58 ? -12.653 -1.521  -14.851 1.00 35.88 ? 55  LYS A NZ  1 
ATOM   323  N  N   . THR A 1 59 ? -8.345  -6.374  -11.212 1.00 21.76 ? 56  THR A N   1 
ATOM   324  C  CA  . THR A 1 59 ? -7.258  -6.970  -10.428 1.00 21.34 ? 56  THR A CA  1 
ATOM   325  C  C   . THR A 1 59 ? -6.677  -8.166  -11.169 1.00 21.01 ? 56  THR A C   1 
ATOM   326  O  O   . THR A 1 59 ? -5.462  -8.283  -11.337 1.00 21.84 ? 56  THR A O   1 
ATOM   327  C  CB  . THR A 1 59 ? -7.737  -7.400  -9.025  1.00 21.32 ? 56  THR A CB  1 
ATOM   328  O  OG1 . THR A 1 59 ? -8.301  -6.264  -8.358  1.00 19.88 ? 56  THR A OG1 1 
ATOM   329  C  CG2 . THR A 1 59 ? -6.562  -7.977  -8.176  1.00 17.87 ? 56  THR A CG2 1 
ATOM   330  N  N   . TYR A 1 60 ? -7.545  -9.049  -11.629 1.00 20.81 ? 57  TYR A N   1 
ATOM   331  C  CA  . TYR A 1 60 ? -7.076  -10.213 -12.410 1.00 21.57 ? 57  TYR A CA  1 
ATOM   332  C  C   . TYR A 1 60 ? -6.250  -9.778  -13.628 1.00 21.71 ? 57  TYR A C   1 
ATOM   333  O  O   . TYR A 1 60 ? -5.135  -10.242 -13.853 1.00 21.51 ? 57  TYR A O   1 
ATOM   334  C  CB  . TYR A 1 60 ? -8.249  -11.086 -12.849 1.00 22.77 ? 57  TYR A CB  1 
ATOM   335  C  CG  . TYR A 1 60 ? -7.855  -12.079 -13.908 1.00 23.04 ? 57  TYR A CG  1 
ATOM   336  C  CD1 . TYR A 1 60 ? -7.207  -13.263 -13.562 1.00 25.01 ? 57  TYR A CD1 1 
ATOM   337  C  CD2 . TYR A 1 60 ? -8.094  -11.812 -15.270 1.00 26.48 ? 57  TYR A CD2 1 
ATOM   338  C  CE1 . TYR A 1 60 ? -6.826  -14.184 -14.543 1.00 26.19 ? 57  TYR A CE1 1 
ATOM   339  C  CE2 . TYR A 1 60 ? -7.720  -12.726 -16.256 1.00 27.87 ? 57  TYR A CE2 1 
ATOM   340  C  CZ  . TYR A 1 60 ? -7.099  -13.904 -15.884 1.00 28.54 ? 57  TYR A CZ  1 
ATOM   341  O  OH  . TYR A 1 60 ? -6.711  -14.818 -16.843 1.00 28.39 ? 57  TYR A OH  1 
ATOM   342  N  N   . GLU A 1 61 ? -6.755  -8.824  -14.384 1.00 22.54 ? 58  GLU A N   1 
ATOM   343  C  CA  . GLU A 1 61 ? -6.007  -8.391  -15.553 1.00 24.00 ? 58  GLU A CA  1 
ATOM   344  C  C   . GLU A 1 61 ? -4.603  -7.890  -15.251 1.00 23.58 ? 58  GLU A C   1 
ATOM   345  O  O   . GLU A 1 61 ? -3.661  -8.187  -15.972 1.00 25.13 ? 58  GLU A O   1 
ATOM   346  C  CB  . GLU A 1 61 ? -6.790  -7.329  -16.346 1.00 24.68 ? 58  GLU A CB  1 
ATOM   347  C  CG  . GLU A 1 61 ? -7.953  -7.860  -17.179 1.00 30.99 ? 58  GLU A CG  1 
ATOM   348  C  CD  . GLU A 1 61 ? -7.642  -9.099  -18.043 1.00 36.19 ? 58  GLU A CD  1 
ATOM   349  O  OE1 . GLU A 1 61 ? -6.464  -9.324  -18.453 1.00 40.61 ? 58  GLU A OE1 1 
ATOM   350  O  OE2 . GLU A 1 61 ? -8.605  -9.854  -18.322 1.00 38.13 ? 58  GLU A OE2 1 
ATOM   351  N  N   . ILE A 1 62 ? -4.468  -7.094  -14.200 1.00 22.86 ? 59  ILE A N   1 
ATOM   352  C  CA  . ILE A 1 62 ? -3.181  -6.538  -13.824 1.00 22.64 ? 59  ILE A CA  1 
ATOM   353  C  C   . ILE A 1 62 ? -2.252  -7.661  -13.325 1.00 22.02 ? 59  ILE A C   1 
ATOM   354  O  O   . ILE A 1 62 ? -1.096  -7.750  -13.757 1.00 22.35 ? 59  ILE A O   1 
ATOM   355  C  CB  . ILE A 1 62 ? -3.395  -5.393  -12.818 1.00 23.21 ? 59  ILE A CB  1 
ATOM   356  C  CG1 . ILE A 1 62 ? -4.079  -4.184  -13.510 1.00 23.98 ? 59  ILE A CG1 1 
ATOM   357  C  CG2 . ILE A 1 62 ? -2.111  -4.952  -12.127 1.00 22.59 ? 59  ILE A CG2 1 
ATOM   358  C  CD1 . ILE A 1 62 ? -3.319  -3.609  -14.730 1.00 30.69 ? 59  ILE A CD1 1 
ATOM   359  N  N   . PHE A 1 63 ? -2.738  -8.539  -12.449 1.00 21.22 ? 60  PHE A N   1 
ATOM   360  C  CA  . PHE A 1 63 ? -1.857  -9.612  -11.952 1.00 21.73 ? 60  PHE A CA  1 
ATOM   361  C  C   . PHE A 1 63 ? -1.425  -10.565 -13.039 1.00 23.12 ? 60  PHE A C   1 
ATOM   362  O  O   . PHE A 1 63 ? -0.305  -11.052 -13.004 1.00 23.18 ? 60  PHE A O   1 
ATOM   363  C  CB  . PHE A 1 63 ? -2.505  -10.377 -10.795 1.00 22.00 ? 60  PHE A CB  1 
ATOM   364  C  CG  . PHE A 1 63 ? -2.293  -9.712  -9.458  1.00 20.14 ? 60  PHE A CG  1 
ATOM   365  C  CD1 . PHE A 1 63 ? -3.192  -8.770  -8.984  1.00 21.46 ? 60  PHE A CD1 1 
ATOM   366  C  CD2 . PHE A 1 63 ? -1.180  -10.047 -8.682  1.00 19.84 ? 60  PHE A CD2 1 
ATOM   367  C  CE1 . PHE A 1 63 ? -2.976  -8.131  -7.730  1.00 24.72 ? 60  PHE A CE1 1 
ATOM   368  C  CE2 . PHE A 1 63 ? -0.966  -9.443  -7.447  1.00 22.70 ? 60  PHE A CE2 1 
ATOM   369  C  CZ  . PHE A 1 63 ? -1.867  -8.498  -6.959  1.00 22.66 ? 60  PHE A CZ  1 
ATOM   370  N  N   . ARG A 1 64 ? -2.331  -10.852 -13.981 1.00 24.32 ? 61  ARG A N   1 
ATOM   371  C  CA  . ARG A 1 64 ? -2.020  -11.718 -15.147 1.00 25.97 ? 61  ARG A CA  1 
ATOM   372  C  C   . ARG A 1 64 ? -0.891  -11.087 -15.951 1.00 25.56 ? 61  ARG A C   1 
ATOM   373  O  O   . ARG A 1 64 ? 0.120   -11.734 -16.249 1.00 25.53 ? 61  ARG A O   1 
ATOM   374  C  CB  . ARG A 1 64 ? -3.270  -11.899 -16.049 1.00 26.03 ? 61  ARG A CB  1 
ATOM   375  C  CG  . ARG A 1 64 ? -3.095  -12.922 -17.205 1.00 27.31 ? 61  ARG A CG  1 
ATOM   376  C  CD  . ARG A 1 64 ? -3.979  -12.608 -18.416 1.00 30.64 ? 61  ARG A CD  1 
ATOM   377  N  NE  . ARG A 1 64 ? -3.764  -11.235 -18.882 1.00 38.65 ? 61  ARG A NE  1 
ATOM   378  C  CZ  . ARG A 1 64 ? -2.921  -10.884 -19.851 1.00 40.66 ? 61  ARG A CZ  1 
ATOM   379  N  NH1 . ARG A 1 64 ? -2.229  -11.806 -20.498 1.00 43.63 ? 61  ARG A NH1 1 
ATOM   380  N  NH2 . ARG A 1 64 ? -2.784  -9.606  -20.185 1.00 39.76 ? 61  ARG A NH2 1 
ATOM   381  N  N   . GLU A 1 65 ? -1.079  -9.817  -16.319 1.00 25.90 ? 62  GLU A N   1 
ATOM   382  C  CA  . GLU A 1 65 ? -0.123  -9.091  -17.155 1.00 26.72 ? 62  GLU A CA  1 
ATOM   383  C  C   . GLU A 1 65 ? 1.233   -8.966  -16.424 1.00 25.73 ? 62  GLU A C   1 
ATOM   384  O  O   . GLU A 1 65 ? 2.299   -9.094  -17.039 1.00 26.22 ? 62  GLU A O   1 
ATOM   385  C  CB  . GLU A 1 65 ? -0.681  -7.705  -17.565 1.00 26.02 ? 62  GLU A CB  1 
ATOM   386  C  CG  . GLU A 1 65 ? 0.262   -6.935  -18.498 1.00 29.52 ? 62  GLU A CG  1 
ATOM   387  C  CD  . GLU A 1 65 ? -0.090  -5.456  -18.689 1.00 29.87 ? 62  GLU A CD  1 
ATOM   388  O  OE1 . GLU A 1 65 ? -1.011  -4.941  -18.026 1.00 35.34 ? 62  GLU A OE1 1 
ATOM   389  O  OE2 . GLU A 1 65 ? 0.587   -4.801  -19.516 1.00 36.58 ? 62  GLU A OE2 1 
ATOM   390  N  N   . LEU A 1 66 ? 1.194   -8.737  -15.114 1.00 24.96 ? 63  LEU A N   1 
ATOM   391  C  CA  . LEU A 1 66 ? 2.429   -8.682  -14.303 1.00 24.72 ? 63  LEU A CA  1 
ATOM   392  C  C   . LEU A 1 66 ? 3.142   -10.018 -14.298 1.00 25.63 ? 63  LEU A C   1 
ATOM   393  O  O   . LEU A 1 66 ? 4.357   -10.075 -14.425 1.00 25.35 ? 63  LEU A O   1 
ATOM   394  C  CB  . LEU A 1 66 ? 2.130   -8.265  -12.856 1.00 24.94 ? 63  LEU A CB  1 
ATOM   395  C  CG  . LEU A 1 66 ? 3.250   -8.323  -11.802 1.00 24.02 ? 63  LEU A CG  1 
ATOM   396  C  CD1 . LEU A 1 66 ? 4.528   -7.530  -12.175 1.00 23.67 ? 63  LEU A CD1 1 
ATOM   397  C  CD2 . LEU A 1 66 ? 2.713   -7.910  -10.431 1.00 23.03 ? 63  LEU A CD2 1 
ATOM   398  N  N   . ASP A 1 67 ? 2.379   -11.092 -14.156 1.00 26.46 ? 64  ASP A N   1 
ATOM   399  C  CA  . ASP A 1 67 ? 2.945   -12.443 -14.152 1.00 27.76 ? 64  ASP A CA  1 
ATOM   400  C  C   . ASP A 1 67 ? 3.746   -12.715 -15.449 1.00 28.43 ? 64  ASP A C   1 
ATOM   401  O  O   . ASP A 1 67 ? 4.901   -13.146 -15.406 1.00 28.34 ? 64  ASP A O   1 
ATOM   402  C  CB  . ASP A 1 67 ? 1.798   -13.434 -14.025 1.00 27.84 ? 64  ASP A CB  1 
ATOM   403  C  CG  . ASP A 1 67 ? 2.255   -14.828 -13.634 1.00 29.51 ? 64  ASP A CG  1 
ATOM   404  O  OD1 . ASP A 1 67 ? 3.413   -14.980 -13.184 1.00 29.50 ? 64  ASP A OD1 1 
ATOM   405  O  OD2 . ASP A 1 67 ? 1.427   -15.764 -13.747 1.00 31.42 ? 64  ASP A OD2 1 
ATOM   406  N  N   . GLN A 1 68 ? 3.106   -12.484 -16.589 1.00 29.70 ? 65  GLN A N   1 
ATOM   407  C  CA  . GLN A 1 68 ? 3.713   -12.666 -17.907 1.00 31.89 ? 65  GLN A CA  1 
ATOM   408  C  C   . GLN A 1 68 ? 4.947   -11.778 -18.128 1.00 31.62 ? 65  GLN A C   1 
ATOM   409  O  O   . GLN A 1 68 ? 6.003   -12.271 -18.512 1.00 30.77 ? 65  GLN A O   1 
ATOM   410  C  CB  . GLN A 1 68 ? 2.666   -12.411 -18.994 1.00 32.29 ? 65  GLN A CB  1 
ATOM   411  C  CG  . GLN A 1 68 ? 1.479   -13.374 -18.918 1.00 34.80 ? 65  GLN A CG  1 
ATOM   412  C  CD  . GLN A 1 68 ? 0.375   -13.084 -19.924 1.00 36.45 ? 65  GLN A CD  1 
ATOM   413  O  OE1 . GLN A 1 68 ? 0.397   -12.069 -20.636 1.00 43.79 ? 65  GLN A OE1 1 
ATOM   414  N  NE2 . GLN A 1 68 ? -0.618  -13.992 -19.991 1.00 42.60 ? 65  GLN A NE2 1 
ATOM   415  N  N   . LEU A 1 69 ? 4.820   -10.489 -17.818 1.00 31.56 ? 66  LEU A N   1 
ATOM   416  C  CA  . LEU A 1 69 ? 5.912   -9.543  -18.013 1.00 32.77 ? 66  LEU A CA  1 
ATOM   417  C  C   . LEU A 1 69 ? 7.121   -9.916  -17.154 1.00 33.00 ? 66  LEU A C   1 
ATOM   418  O  O   . LEU A 1 69 ? 8.255   -9.852  -17.632 1.00 32.95 ? 66  LEU A O   1 
ATOM   419  C  CB  . LEU A 1 69 ? 5.438   -8.117  -17.732 1.00 32.64 ? 66  LEU A CB  1 
ATOM   420  C  CG  . LEU A 1 69 ? 6.070   -7.039  -18.599 1.00 34.08 ? 66  LEU A CG  1 
ATOM   421  C  CD1 . LEU A 1 69 ? 5.758   -7.306  -20.052 1.00 33.81 ? 66  LEU A CD1 1 
ATOM   422  C  CD2 . LEU A 1 69 ? 5.599   -5.635  -18.196 1.00 34.35 ? 66  LEU A CD2 1 
ATOM   423  N  N   . LYS A 1 70 ? 6.882   -10.314 -15.903 1.00 33.83 ? 67  LYS A N   1 
ATOM   424  C  CA  . LYS A 1 70 ? 7.952   -10.821 -15.035 1.00 35.46 ? 67  LYS A CA  1 
ATOM   425  C  C   . LYS A 1 70 ? 8.652   -12.044 -15.610 1.00 36.93 ? 67  LYS A C   1 
ATOM   426  O  O   . LYS A 1 70 ? 9.885   -12.182 -15.521 1.00 36.95 ? 67  LYS A O   1 
ATOM   427  C  CB  . LYS A 1 70 ? 7.412   -11.184 -13.650 1.00 35.31 ? 67  LYS A CB  1 
ATOM   428  C  CG  . LYS A 1 70 ? 7.282   -9.991  -12.715 1.00 35.81 ? 67  LYS A CG  1 
ATOM   429  C  CD  . LYS A 1 70 ? 6.470   -10.322 -11.466 1.00 36.91 ? 67  LYS A CD  1 
ATOM   430  C  CE  . LYS A 1 70 ? 7.110   -11.373 -10.585 1.00 35.82 ? 67  LYS A CE  1 
ATOM   431  N  NZ  . LYS A 1 70 ? 6.282   -11.571 -9.353  1.00 39.19 ? 67  LYS A NZ  1 
ATOM   432  N  N   . LYS A 1 71 ? 7.865   -12.959 -16.161 1.00 38.25 ? 68  LYS A N   1 
ATOM   433  C  CA  . LYS A 1 71 ? 8.434   -14.160 -16.771 1.00 40.03 ? 68  LYS A CA  1 
ATOM   434  C  C   . LYS A 1 71 ? 9.334   -13.779 -17.949 1.00 40.31 ? 68  LYS A C   1 
ATOM   435  O  O   . LYS A 1 71 ? 10.434  -14.321 -18.104 1.00 40.40 ? 68  LYS A O   1 
ATOM   436  C  CB  . LYS A 1 71 ? 7.314   -15.130 -17.174 1.00 40.47 ? 68  LYS A CB  1 
ATOM   437  C  CG  . LYS A 1 71 ? 7.084   -16.293 -16.189 1.00 42.36 ? 68  LYS A CG  1 
ATOM   438  C  CD  . LYS A 1 71 ? 7.386   -15.898 -14.741 1.00 45.62 ? 68  LYS A CD  1 
ATOM   439  C  CE  . LYS A 1 71 ? 7.611   -17.097 -13.830 1.00 47.47 ? 68  LYS A CE  1 
ATOM   440  N  NZ  . LYS A 1 71 ? 8.837   -17.893 -14.194 1.00 48.47 ? 68  LYS A NZ  1 
ATOM   441  N  N   . LYS A 1 72 ? 8.867   -12.811 -18.742 1.00 40.64 ? 69  LYS A N   1 
ATOM   442  C  CA  . LYS A 1 72 ? 9.608   -12.259 -19.876 1.00 41.21 ? 69  LYS A CA  1 
ATOM   443  C  C   . LYS A 1 72 ? 10.933  -11.618 -19.425 1.00 41.62 ? 69  LYS A C   1 
ATOM   444  O  O   . LYS A 1 72 ? 12.003  -11.926 -19.978 1.00 41.13 ? 69  LYS A O   1 
ATOM   445  C  CB  . LYS A 1 72 ? 8.727   -11.245 -20.628 1.00 41.04 ? 69  LYS A CB  1 
ATOM   446  C  CG  . LYS A 1 72 ? 9.229   -10.832 -21.990 1.00 41.90 ? 69  LYS A CG  1 
ATOM   447  C  CD  . LYS A 1 72 ? 8.100   -10.351 -22.904 1.00 42.39 ? 69  LYS A CD  1 
ATOM   448  C  CE  . LYS A 1 72 ? 7.411   -11.516 -23.649 1.00 42.55 ? 69  LYS A CE  1 
ATOM   449  N  NZ  . LYS A 1 72 ? 6.459   -11.080 -24.762 1.00 43.62 ? 69  LYS A NZ  1 
ATOM   450  N  N   . LEU A 1 73 ? 10.865  -10.745 -18.416 1.00 41.90 ? 70  LEU A N   1 
ATOM   451  C  CA  . LEU A 1 73 ? 12.070  -10.118 -17.857 1.00 42.61 ? 70  LEU A CA  1 
ATOM   452  C  C   . LEU A 1 73 ? 13.036  -11.153 -17.306 1.00 43.56 ? 70  LEU A C   1 
ATOM   453  O  O   . LEU A 1 73 ? 14.257  -10.952 -17.317 1.00 43.22 ? 70  LEU A O   1 
ATOM   454  C  CB  . LEU A 1 73 ? 11.725  -9.112  -16.753 1.00 42.34 ? 70  LEU A CB  1 
ATOM   455  C  CG  . LEU A 1 73 ? 12.910  -8.312  -16.192 1.00 42.63 ? 70  LEU A CG  1 
ATOM   456  C  CD1 . LEU A 1 73 ? 13.400  -7.280  -17.207 1.00 42.11 ? 70  LEU A CD1 1 
ATOM   457  C  CD2 . LEU A 1 73 ? 12.553  -7.640  -14.874 1.00 42.87 ? 70  LEU A CD2 1 
ATOM   458  N  N   . ASN A 1 74 ? 12.499  -12.268 -16.829 1.00 44.43 ? 71  ASN A N   1 
ATOM   459  C  CA  . ASN A 1 74 ? 13.372  -13.265 -16.245 1.00 46.02 ? 71  ASN A CA  1 
ATOM   460  C  C   . ASN A 1 74 ? 14.097  -14.184 -17.230 1.00 46.43 ? 71  ASN A C   1 
ATOM   461  O  O   . ASN A 1 74 ? 15.147  -14.747 -16.907 1.00 45.95 ? 71  ASN A O   1 
ATOM   462  C  CB  . ASN A 1 74 ? 12.677  -14.065 -15.161 1.00 46.26 ? 71  ASN A CB  1 
ATOM   463  C  CG  . ASN A 1 74 ? 13.631  -14.424 -14.051 1.00 48.36 ? 71  ASN A CG  1 
ATOM   464  O  OD1 . ASN A 1 74 ? 14.015  -15.586 -13.897 1.00 50.83 ? 71  ASN A OD1 1 
ATOM   465  N  ND2 . ASN A 1 74 ? 14.075  -13.409 -13.305 1.00 49.47 ? 71  ASN A ND2 1 
ATOM   466  N  N   . ILE A 1 75 ? 13.511  -14.336 -18.417 1.00 47.64 ? 72  ILE A N   1 
ATOM   467  C  CA  . ILE A 1 75 ? 14.171  -14.992 -19.554 1.00 48.44 ? 72  ILE A CA  1 
ATOM   468  C  C   . ILE A 1 75 ? 15.266  -14.069 -20.078 1.00 49.28 ? 72  ILE A C   1 
ATOM   469  O  O   . ILE A 1 75 ? 16.420  -14.479 -20.185 1.00 49.56 ? 72  ILE A O   1 
ATOM   470  C  CB  . ILE A 1 75 ? 13.165  -15.325 -20.681 1.00 48.58 ? 72  ILE A CB  1 
ATOM   471  C  CG1 . ILE A 1 75 ? 12.118  -16.349 -20.188 1.00 48.68 ? 72  ILE A CG1 1 
ATOM   472  C  CG2 . ILE A 1 75 ? 13.904  -15.838 -21.917 1.00 48.61 ? 72  ILE A CG2 1 
ATOM   473  C  CD1 . ILE A 1 75 ? 10.848  -16.414 -21.043 1.00 47.88 ? 72  ILE A CD1 1 
ATOM   474  N  N   . TRP A 1 76 ? 14.880  -12.836 -20.420 1.00 49.97 ? 73  TRP A N   1 
ATOM   475  C  CA  . TRP A 1 76 ? 15.788  -11.710 -20.635 1.00 51.06 ? 73  TRP A CA  1 
ATOM   476  C  C   . TRP A 1 76 ? 17.060  -11.757 -19.803 1.00 51.91 ? 73  TRP A C   1 
ATOM   477  O  O   . TRP A 1 76 ? 18.156  -11.905 -20.337 1.00 52.13 ? 73  TRP A O   1 
ATOM   478  C  CB  . TRP A 1 76 ? 15.095  -10.445 -20.178 1.00 51.47 ? 73  TRP A CB  1 
ATOM   479  C  CG  . TRP A 1 76 ? 14.803  -9.423  -21.166 1.00 51.44 ? 73  TRP A CG  1 
ATOM   480  C  CD1 . TRP A 1 76 ? 15.300  -8.151  -21.188 1.00 51.82 ? 73  TRP A CD1 1 
ATOM   481  C  CD2 . TRP A 1 76 ? 13.890  -9.522  -22.253 1.00 51.36 ? 73  TRP A CD2 1 
ATOM   482  N  NE1 . TRP A 1 76 ? 14.756  -7.452  -22.236 1.00 52.12 ? 73  TRP A NE1 1 
ATOM   483  C  CE2 . TRP A 1 76 ? 13.886  -8.270  -22.907 1.00 51.41 ? 73  TRP A CE2 1 
ATOM   484  C  CE3 . TRP A 1 76 ? 13.073  -10.545 -22.741 1.00 51.42 ? 73  TRP A CE3 1 
ATOM   485  C  CZ2 . TRP A 1 76 ? 13.109  -8.019  -24.030 1.00 51.69 ? 73  TRP A CZ2 1 
ATOM   486  C  CZ3 . TRP A 1 76 ? 12.298  -10.297 -23.844 1.00 51.40 ? 73  TRP A CZ3 1 
ATOM   487  C  CH2 . TRP A 1 76 ? 12.318  -9.043  -24.481 1.00 52.29 ? 73  TRP A CH2 1 
ATOM   488  N  N   . GLU A 1 77 ? 16.891  -11.594 -18.490 1.00 52.69 ? 74  GLU A N   1 
ATOM   489  C  CA  . GLU A 1 77 ? 17.997  -11.313 -17.565 1.00 53.62 ? 74  GLU A CA  1 
ATOM   490  C  C   . GLU A 1 77 ? 18.858  -12.520 -17.229 1.00 53.94 ? 74  GLU A C   1 
ATOM   491  O  O   . GLU A 1 77 ? 19.994  -12.362 -16.774 1.00 54.19 ? 74  GLU A O   1 
ATOM   492  C  CB  . GLU A 1 77 ? 17.465  -10.715 -16.262 1.00 53.51 ? 74  GLU A CB  1 
ATOM   493  C  CG  . GLU A 1 77 ? 16.844  -9.338  -16.408 1.00 54.54 ? 74  GLU A CG  1 
ATOM   494  C  CD  . GLU A 1 77 ? 16.879  -8.541  -15.115 1.00 55.98 ? 74  GLU A CD  1 
ATOM   495  O  OE1 . GLU A 1 77 ? 16.589  -9.122  -14.043 1.00 56.63 ? 74  GLU A OE1 1 
ATOM   496  O  OE2 . GLU A 1 77 ? 17.195  -7.332  -15.176 1.00 56.78 ? 74  GLU A OE2 1 
ATOM   497  N  N   . GLU A 1 78 ? 18.309  -13.711 -17.454 1.00 54.31 ? 75  GLU A N   1 
ATOM   498  C  CA  . GLU A 1 78 ? 18.909  -14.974 -17.022 1.00 54.59 ? 75  GLU A CA  1 
ATOM   499  C  C   . GLU A 1 78 ? 20.424  -15.033 -17.231 1.00 54.91 ? 75  GLU A C   1 
ATOM   500  O  O   . GLU A 1 78 ? 21.188  -15.111 -16.263 1.00 55.13 ? 75  GLU A O   1 
ATOM   501  C  CB  . GLU A 1 78 ? 18.231  -16.135 -17.739 1.00 54.67 ? 75  GLU A CB  1 
ATOM   502  C  CG  . GLU A 1 78 ? 18.602  -17.495 -17.207 1.00 55.21 ? 75  GLU A CG  1 
ATOM   503  C  CD  . GLU A 1 78 ? 17.870  -18.607 -17.925 1.00 55.84 ? 75  GLU A CD  1 
ATOM   504  O  OE1 . GLU A 1 78 ? 16.822  -19.041 -17.399 1.00 55.60 ? 75  GLU A OE1 1 
ATOM   505  O  OE2 . GLU A 1 78 ? 18.327  -19.034 -19.015 1.00 54.91 ? 75  GLU A OE2 1 
ATOM   506  N  N   . THR B 1 8  ? 17.614  6.227   -16.346 1.00 37.66 ? 5   THR B N   1 
ATOM   507  C  CA  . THR B 1 8  ? 16.907  7.527   -16.457 1.00 36.19 ? 5   THR B CA  1 
ATOM   508  C  C   . THR B 1 8  ? 16.487  8.010   -15.072 1.00 35.22 ? 5   THR B C   1 
ATOM   509  O  O   . THR B 1 8  ? 16.416  7.212   -14.119 1.00 34.29 ? 5   THR B O   1 
ATOM   510  C  CB  . THR B 1 8  ? 15.679  7.461   -17.425 1.00 36.50 ? 5   THR B CB  1 
ATOM   511  O  OG1 . THR B 1 8  ? 14.476  7.885   -16.747 1.00 34.26 ? 5   THR B OG1 1 
ATOM   512  C  CG2 . THR B 1 8  ? 15.474  6.040   -17.983 1.00 37.60 ? 5   THR B CG2 1 
ATOM   513  N  N   . ASP B 1 9  ? 16.204  9.315   -15.002 1.00 33.03 ? 6   ASP B N   1 
ATOM   514  C  CA  . ASP B 1 9  ? 15.798  10.003  -13.782 1.00 31.96 ? 6   ASP B CA  1 
ATOM   515  C  C   . ASP B 1 9  ? 14.524  9.391   -13.199 1.00 30.38 ? 6   ASP B C   1 
ATOM   516  O  O   . ASP B 1 9  ? 14.255  9.540   -12.030 1.00 29.04 ? 6   ASP B O   1 
ATOM   517  C  CB  . ASP B 1 9  ? 15.534  11.496  -14.072 1.00 32.44 ? 6   ASP B CB  1 
ATOM   518  C  CG  . ASP B 1 9  ? 16.795  12.353  -14.062 1.00 36.90 ? 6   ASP B CG  1 
ATOM   519  O  OD1 . ASP B 1 9  ? 17.764  12.048  -13.321 1.00 43.71 ? 6   ASP B OD1 1 
ATOM   520  O  OD2 . ASP B 1 9  ? 16.814  13.388  -14.771 1.00 40.44 ? 6   ASP B OD2 1 
ATOM   521  N  N   . ASN B 1 10 ? 13.733  8.706   -14.020 1.00 29.33 ? 7   ASN B N   1 
ATOM   522  C  CA  . ASN B 1 10 ? 12.453  8.210   -13.548 1.00 28.94 ? 7   ASN B CA  1 
ATOM   523  C  C   . ASN B 1 10 ? 12.645  7.053   -12.576 1.00 29.02 ? 7   ASN B C   1 
ATOM   524  O  O   . ASN B 1 10 ? 11.795  6.763   -11.722 1.00 27.13 ? 7   ASN B O   1 
ATOM   525  C  CB  . ASN B 1 10 ? 11.623  7.706   -14.726 1.00 29.67 ? 7   ASN B CB  1 
ATOM   526  C  CG  . ASN B 1 10 ? 10.320  7.152   -14.294 1.00 30.79 ? 7   ASN B CG  1 
ATOM   527  O  OD1 . ASN B 1 10 ? 10.073  5.932   -14.363 1.00 34.67 ? 7   ASN B OD1 1 
ATOM   528  N  ND2 . ASN B 1 10 ? 9.473   8.022   -13.802 1.00 28.50 ? 7   ASN B ND2 1 
ATOM   529  N  N   . ASN B 1 11 ? 13.764  6.372   -12.751 1.00 29.58 ? 8   ASN B N   1 
ATOM   530  C  CA  . ASN B 1 11 ? 13.963  5.105   -12.078 1.00 31.85 ? 8   ASN B CA  1 
ATOM   531  C  C   . ASN B 1 11 ? 14.674  5.300   -10.740 1.00 32.82 ? 8   ASN B C   1 
ATOM   532  O  O   . ASN B 1 11 ? 15.455  6.254   -10.565 1.00 32.24 ? 8   ASN B O   1 
ATOM   533  C  CB  . ASN B 1 11 ? 14.651  4.089   -13.016 1.00 32.85 ? 8   ASN B CB  1 
ATOM   534  C  CG  . ASN B 1 11 ? 13.904  3.927   -14.360 1.00 32.20 ? 8   ASN B CG  1 
ATOM   535  O  OD1 . ASN B 1 11 ? 12.669  3.901   -14.410 1.00 34.38 ? 8   ASN B OD1 1 
ATOM   536  N  ND2 . ASN B 1 11 ? 14.659  3.859   -15.446 1.00 33.03 ? 8   ASN B ND2 1 
ATOM   537  N  N   . PRO B 1 12 ? 14.393  4.409   -9.778  1.00 34.24 ? 9   PRO B N   1 
ATOM   538  C  CA  . PRO B 1 12 ? 14.956  4.669   -8.462  1.00 34.50 ? 9   PRO B CA  1 
ATOM   539  C  C   . PRO B 1 12 ? 16.478  4.502   -8.440  1.00 34.71 ? 9   PRO B C   1 
ATOM   540  O  O   . PRO B 1 12 ? 17.043  3.699   -9.180  1.00 35.20 ? 9   PRO B O   1 
ATOM   541  C  CB  . PRO B 1 12 ? 14.264  3.640   -7.552  1.00 34.48 ? 9   PRO B CB  1 
ATOM   542  C  CG  . PRO B 1 12 ? 13.172  2.991   -8.403  1.00 35.49 ? 9   PRO B CG  1 
ATOM   543  C  CD  . PRO B 1 12 ? 13.626  3.150   -9.826  1.00 33.64 ? 9   PRO B CD  1 
ATOM   544  N  N   . THR B 1 13 ? 17.097  5.309   -7.596  1.00 34.64 ? 10  THR B N   1 
ATOM   545  C  CA  . THR B 1 13 ? 18.536  5.462   -7.431  1.00 35.20 ? 10  THR B CA  1 
ATOM   546  C  C   . THR B 1 13 ? 18.854  5.090   -5.973  1.00 34.95 ? 10  THR B C   1 
ATOM   547  O  O   . THR B 1 13 ? 17.939  5.122   -5.137  1.00 33.80 ? 10  THR B O   1 
ATOM   548  C  CB  . THR B 1 13 ? 18.850  6.946   -7.604  1.00 35.11 ? 10  THR B CB  1 
ATOM   549  O  OG1 . THR B 1 13 ? 19.578  7.407   -6.486  1.00 37.86 ? 10  THR B OG1 1 
ATOM   550  C  CG2 . THR B 1 13 ? 17.581  7.722   -7.556  1.00 35.70 ? 10  THR B CG2 1 
ATOM   551  N  N   . PRO B 1 14 ? 20.134  4.757   -5.645  1.00 34.82 ? 11  PRO B N   1 
ATOM   552  C  CA  . PRO B 1 14 ? 20.423  4.575   -4.205  1.00 34.92 ? 11  PRO B CA  1 
ATOM   553  C  C   . PRO B 1 14 ? 20.104  5.811   -3.352  1.00 34.97 ? 11  PRO B C   1 
ATOM   554  O  O   . PRO B 1 14 ? 19.625  5.686   -2.203  1.00 34.41 ? 11  PRO B O   1 
ATOM   555  C  CB  . PRO B 1 14 ? 21.935  4.248   -4.164  1.00 35.36 ? 11  PRO B CB  1 
ATOM   556  C  CG  . PRO B 1 14 ? 22.452  4.507   -5.523  1.00 34.68 ? 11  PRO B CG  1 
ATOM   557  C  CD  . PRO B 1 14 ? 21.316  4.492   -6.493  1.00 34.48 ? 11  PRO B CD  1 
ATOM   558  N  N   . GLU B 1 15 ? 20.333  6.994   -3.920  1.00 35.20 ? 12  GLU B N   1 
ATOM   559  C  CA  . GLU B 1 15 ? 20.003  8.261   -3.255  1.00 35.51 ? 12  GLU B CA  1 
ATOM   560  C  C   . GLU B 1 15 ? 18.492  8.375   -2.949  1.00 35.44 ? 12  GLU B C   1 
ATOM   561  O  O   . GLU B 1 15 ? 18.091  8.680   -1.807  1.00 34.66 ? 12  GLU B O   1 
ATOM   562  C  CB  . GLU B 1 15 ? 20.439  9.438   -4.140  1.00 36.50 ? 12  GLU B CB  1 
ATOM   563  C  CG  . GLU B 1 15 ? 21.966  9.647   -4.299  1.00 38.70 ? 12  GLU B CG  1 
ATOM   564  C  CD  . GLU B 1 15 ? 22.712  8.558   -5.060  1.00 41.02 ? 12  GLU B CD  1 
ATOM   565  O  OE1 . GLU B 1 15 ? 22.109  7.787   -5.863  1.00 40.52 ? 12  GLU B OE1 1 
ATOM   566  O  OE2 . GLU B 1 15 ? 23.949  8.480   -4.845  1.00 43.66 ? 12  GLU B OE2 1 
ATOM   567  N  N   . ALA B 1 16 ? 17.666  8.123   -3.973  1.00 34.78 ? 13  ALA B N   1 
ATOM   568  C  CA  . ALA B 1 16 ? 16.202  8.089   -3.829  1.00 33.86 ? 13  ALA B CA  1 
ATOM   569  C  C   . ALA B 1 16 ? 15.745  7.095   -2.760  1.00 33.42 ? 13  ALA B C   1 
ATOM   570  O  O   . ALA B 1 16 ? 14.862  7.419   -1.965  1.00 32.61 ? 13  ALA B O   1 
ATOM   571  C  CB  . ALA B 1 16 ? 15.544  7.764   -5.142  1.00 34.12 ? 13  ALA B CB  1 
ATOM   572  N  N   . VAL B 1 17 ? 16.331  5.896   -2.772  1.00 32.63 ? 14  VAL B N   1 
ATOM   573  C  CA  . VAL B 1 17 ? 16.003  4.874   -1.781  1.00 32.17 ? 14  VAL B CA  1 
ATOM   574  C  C   . VAL B 1 17 ? 16.341  5.378   -0.374  1.00 32.41 ? 14  VAL B C   1 
ATOM   575  O  O   . VAL B 1 17 ? 15.514  5.262   0.531   1.00 31.72 ? 14  VAL B O   1 
ATOM   576  C  CB  . VAL B 1 17 ? 16.681  3.514   -2.073  1.00 32.04 ? 14  VAL B CB  1 
ATOM   577  C  CG1 . VAL B 1 17 ? 16.481  2.576   -0.904  1.00 32.30 ? 14  VAL B CG1 1 
ATOM   578  C  CG2 . VAL B 1 17 ? 16.131  2.884   -3.367  1.00 31.66 ? 14  VAL B CG2 1 
ATOM   579  N  N   . ALA B 1 18 ? 17.524  5.975   -0.193  1.00 32.07 ? 15  ALA B N   1 
ATOM   580  C  CA  . ALA B 1 18 ? 17.923  6.516   1.124   1.00 31.90 ? 15  ALA B CA  1 
ATOM   581  C  C   . ALA B 1 18 ? 16.942  7.551   1.665   1.00 31.61 ? 15  ALA B C   1 
ATOM   582  O  O   . ALA B 1 18 ? 16.612  7.559   2.862   1.00 31.78 ? 15  ALA B O   1 
ATOM   583  C  CB  . ALA B 1 18 ? 19.346  7.112   1.068   1.00 31.72 ? 15  ALA B CB  1 
ATOM   584  N  N   . ASP B 1 19 ? 16.493  8.446   0.783   1.00 31.63 ? 16  ASP B N   1 
ATOM   585  C  CA  . ASP B 1 19 ? 15.483  9.435   1.125   1.00 30.51 ? 16  ASP B CA  1 
ATOM   586  C  C   . ASP B 1 19 ? 14.160  8.800   1.573   1.00 29.32 ? 16  ASP B C   1 
ATOM   587  O  O   . ASP B 1 19 ? 13.603  9.199   2.587   1.00 28.82 ? 16  ASP B O   1 
ATOM   588  C  CB  . ASP B 1 19 ? 15.247  10.384  -0.061  1.00 31.13 ? 16  ASP B CB  1 
ATOM   589  C  CG  . ASP B 1 19 ? 16.470  11.242  -0.372  1.00 34.37 ? 16  ASP B CG  1 
ATOM   590  O  OD1 . ASP B 1 19 ? 17.379  11.345  0.505   1.00 36.60 ? 16  ASP B OD1 1 
ATOM   591  O  OD2 . ASP B 1 19 ? 16.515  11.806  -1.486  1.00 36.53 ? 16  ASP B OD2 1 
ATOM   592  N  N   . LEU B 1 20 ? 13.664  7.836   0.803   1.00 27.97 ? 17  LEU B N   1 
ATOM   593  C  CA  . LEU B 1 20 ? 12.400  7.155   1.127   1.00 27.86 ? 17  LEU B CA  1 
ATOM   594  C  C   . LEU B 1 20 ? 12.525  6.423   2.464   1.00 28.36 ? 17  LEU B C   1 
ATOM   595  O  O   . LEU B 1 20 ? 11.630  6.514   3.310   1.00 27.69 ? 17  LEU B O   1 
ATOM   596  C  CB  . LEU B 1 20 ? 12.017  6.166   0.009   1.00 28.40 ? 17  LEU B CB  1 
ATOM   597  C  CG  . LEU B 1 20 ? 10.707  5.363   0.141   1.00 28.09 ? 17  LEU B CG  1 
ATOM   598  C  CD1 . LEU B 1 20 ? 9.495   6.263   0.401   1.00 25.98 ? 17  LEU B CD1 1 
ATOM   599  C  CD2 . LEU B 1 20 ? 10.461  4.540   -1.101  1.00 27.28 ? 17  LEU B CD2 1 
ATOM   600  N  N   . LYS B 1 21 ? 13.647  5.731   2.666   1.00 28.31 ? 18  LYS B N   1 
ATOM   601  C  CA  . LYS B 1 21 ? 13.950  5.133   3.980   1.00 28.51 ? 18  LYS B CA  1 
ATOM   602  C  C   . LYS B 1 21 ? 13.808  6.114   5.120   1.00 28.83 ? 18  LYS B C   1 
ATOM   603  O  O   . LYS B 1 21 ? 13.275  5.764   6.188   1.00 28.50 ? 18  LYS B O   1 
ATOM   604  C  CB  . LYS B 1 21 ? 15.363  4.527   4.013   1.00 29.14 ? 18  LYS B CB  1 
ATOM   605  C  CG  . LYS B 1 21 ? 15.519  3.276   3.208   1.00 31.63 ? 18  LYS B CG  1 
ATOM   606  C  CD  . LYS B 1 21 ? 16.697  2.409   3.697   1.00 34.94 ? 18  LYS B CD  1 
ATOM   607  C  CE  . LYS B 1 21 ? 16.616  1.020   3.062   1.00 37.57 ? 18  LYS B CE  1 
ATOM   608  N  NZ  . LYS B 1 21 ? 17.369  -0.036  3.813   1.00 41.52 ? 18  LYS B NZ  1 
ATOM   609  N  N   . LYS B 1 22 ? 14.290  7.342   4.899   1.00 29.13 ? 19  LYS B N   1 
ATOM   610  C  CA  . LYS B 1 22 ? 14.249  8.408   5.893   1.00 29.33 ? 19  LYS B CA  1 
ATOM   611  C  C   . LYS B 1 22 ? 12.812  8.859   6.178   1.00 28.68 ? 19  LYS B C   1 
ATOM   612  O  O   . LYS B 1 22 ? 12.431  9.083   7.326   1.00 28.15 ? 19  LYS B O   1 
ATOM   613  C  CB  . LYS B 1 22 ? 15.107  9.596   5.416   1.00 29.96 ? 19  LYS B CB  1 
ATOM   614  C  CG  . LYS B 1 22 ? 15.238  10.754  6.428   1.00 33.87 ? 19  LYS B CG  1 
ATOM   615  C  CD  . LYS B 1 22 ? 16.234  10.407  7.552   1.00 37.77 ? 19  LYS B CD  1 
ATOM   616  C  CE  . LYS B 1 22 ? 15.909  11.165  8.841   1.00 37.07 ? 19  LYS B CE  1 
ATOM   617  N  NZ  . LYS B 1 22 ? 15.155  12.420  8.572   1.00 38.96 ? 19  LYS B NZ  1 
ATOM   618  N  N   . LYS B 1 23 ? 12.030  8.994   5.115   1.00 26.65 ? 20  LYS B N   1 
ATOM   619  C  CA  . LYS B 1 23 ? 10.647  9.387   5.209   1.00 25.67 ? 20  LYS B CA  1 
ATOM   620  C  C   . LYS B 1 23 ? 9.892   8.296   5.968   1.00 24.94 ? 20  LYS B C   1 
ATOM   621  O  O   . LYS B 1 23 ? 9.090   8.582   6.857   1.00 24.89 ? 20  LYS B O   1 
ATOM   622  C  CB  . LYS B 1 23 ? 10.095  9.540   3.795   1.00 25.53 ? 20  LYS B CB  1 
ATOM   623  C  CG  . LYS B 1 23 ? 8.668   10.022  3.685   1.00 24.34 ? 20  LYS B CG  1 
ATOM   624  C  CD  . LYS B 1 23 ? 8.333   10.189  2.221   1.00 24.20 ? 20  LYS B CD  1 
ATOM   625  C  CE  . LYS B 1 23 ? 6.853   10.511  1.991   1.00 22.24 ? 20  LYS B CE  1 
ATOM   626  N  NZ  . LYS B 1 23 ? 6.402   11.811  2.639   1.00 20.93 ? 20  LYS B NZ  1 
ATOM   627  N  N   . VAL B 1 24 ? 10.148  7.046   5.609   1.00 25.23 ? 21  VAL B N   1 
ATOM   628  C  CA  . VAL B 1 24 ? 9.455   5.942   6.242   1.00 24.86 ? 21  VAL B CA  1 
ATOM   629  C  C   . VAL B 1 24 ? 9.732   5.923   7.736   1.00 25.97 ? 21  VAL B C   1 
ATOM   630  O  O   . VAL B 1 24 ? 8.822   5.733   8.525   1.00 26.03 ? 21  VAL B O   1 
ATOM   631  C  CB  . VAL B 1 24 ? 9.763   4.598   5.574   1.00 24.60 ? 21  VAL B CB  1 
ATOM   632  C  CG1 . VAL B 1 24 ? 9.419   3.425   6.507   1.00 23.47 ? 21  VAL B CG1 1 
ATOM   633  C  CG2 . VAL B 1 24 ? 9.023   4.481   4.255   1.00 22.34 ? 21  VAL B CG2 1 
ATOM   634  N  N   . ARG B 1 25 ? 10.990  6.120   8.130   1.00 27.95 ? 22  ARG B N   1 
ATOM   635  C  CA  . ARG B 1 25 ? 11.336  6.151   9.557   1.00 28.38 ? 22  ARG B CA  1 
ATOM   636  C  C   . ARG B 1 25 ? 10.661  7.273   10.334  1.00 27.97 ? 22  ARG B C   1 
ATOM   637  O  O   . ARG B 1 25 ? 10.190  7.046   11.425  1.00 28.43 ? 22  ARG B O   1 
ATOM   638  C  CB  . ARG B 1 25 ? 12.857  6.220   9.751   1.00 29.40 ? 22  ARG B CB  1 
ATOM   639  C  CG  . ARG B 1 25 ? 13.281  6.179   11.208  1.00 31.09 ? 22  ARG B CG  1 
ATOM   640  C  CD  . ARG B 1 25 ? 14.769  6.460   11.330  1.00 36.43 ? 22  ARG B CD  1 
ATOM   641  N  NE  . ARG B 1 25 ? 15.299  6.014   12.620  1.00 42.13 ? 22  ARG B NE  1 
ATOM   642  C  CZ  . ARG B 1 25 ? 15.716  4.777   12.886  1.00 43.74 ? 22  ARG B CZ  1 
ATOM   643  N  NH1 . ARG B 1 25 ? 15.653  3.830   11.958  1.00 46.15 ? 22  ARG B NH1 1 
ATOM   644  N  NH2 . ARG B 1 25 ? 16.191  4.484   14.095  1.00 46.25 ? 22  ARG B NH2 1 
ATOM   645  N  N   . LYS B 1 26 ? 10.633  8.506   9.816   1.00 28.07 ? 23  LYS B N   1 
ATOM   646  C  CA  . LYS B 1 26 ? 9.894   9.549   10.525  1.00 27.98 ? 23  LYS B CA  1 
ATOM   647  C  C   . LYS B 1 26 ? 8.383   9.244   10.683  1.00 26.55 ? 23  LYS B C   1 
ATOM   648  O  O   . LYS B 1 26 ? 7.744   9.522   11.733  1.00 26.07 ? 23  LYS B O   1 
ATOM   649  C  CB  . LYS B 1 26 ? 10.141  10.931  9.893   1.00 28.73 ? 23  LYS B CB  1 
ATOM   650  C  CG  . LYS B 1 26 ? 11.595  11.414  10.046  1.00 31.21 ? 23  LYS B CG  1 
ATOM   651  C  CD  . LYS B 1 26 ? 11.852  12.704  9.258   1.00 31.02 ? 23  LYS B CD  1 
ATOM   652  C  CE  . LYS B 1 26 ? 11.479  13.962  10.073  1.00 36.91 ? 23  LYS B CE  1 
ATOM   653  N  NZ  . LYS B 1 26 ? 12.720  14.599  10.615  1.00 40.11 ? 23  LYS B NZ  1 
ATOM   654  N  N   . LEU B 1 27 ? 7.804   8.676   9.631   1.00 25.25 ? 24  LEU B N   1 
ATOM   655  C  CA  . LEU B 1 27 ? 6.402   8.363   9.633   1.00 23.94 ? 24  LEU B CA  1 
ATOM   656  C  C   . LEU B 1 27 ? 6.091   7.187   10.554  1.00 23.57 ? 24  LEU B C   1 
ATOM   657  O  O   . LEU B 1 27 ? 5.036   7.153   11.176  1.00 22.33 ? 24  LEU B O   1 
ATOM   658  C  CB  . LEU B 1 27 ? 5.934   8.034   8.221   1.00 23.21 ? 24  LEU B CB  1 
ATOM   659  C  CG  . LEU B 1 27 ? 4.428   8.066   8.017   1.00 24.88 ? 24  LEU B CG  1 
ATOM   660  C  CD1 . LEU B 1 27 ? 3.837   9.467   8.322   1.00 24.53 ? 24  LEU B CD1 1 
ATOM   661  C  CD2 . LEU B 1 27 ? 4.157   7.627   6.560   1.00 24.76 ? 24  LEU B CD2 1 
ATOM   662  N  N   . ASN B 1 28 ? 7.014   6.242   10.647  1.00 23.10 ? 25  ASN B N   1 
ATOM   663  C  CA  . ASN B 1 28 ? 6.802   5.090   11.538  1.00 24.59 ? 25  ASN B CA  1 
ATOM   664  C  C   . ASN B 1 28 ? 6.662   5.579   12.976  1.00 24.77 ? 25  ASN B C   1 
ATOM   665  O  O   . ASN B 1 28 ? 5.824   5.077   13.712  1.00 24.19 ? 25  ASN B O   1 
ATOM   666  C  CB  . ASN B 1 28 ? 7.899   4.035   11.346  1.00 25.63 ? 25  ASN B CB  1 
ATOM   667  C  CG  . ASN B 1 28 ? 7.596   2.739   12.055  1.00 30.31 ? 25  ASN B CG  1 
ATOM   668  O  OD1 . ASN B 1 28 ? 8.235   2.415   13.045  1.00 36.96 ? 25  ASN B OD1 1 
ATOM   669  N  ND2 . ASN B 1 28 ? 6.616   1.996   11.566  1.00 34.00 ? 25  ASN B ND2 1 
ATOM   670  N  N   . SER B 1 29 ? 7.423   6.629   13.342  1.00 25.01 ? 26  SER B N   1 
ATOM   671  C  CA  . SER B 1 29 ? 7.303   7.250   14.664  1.00 25.08 ? 26  SER B CA  1 
ATOM   672  C  C   . SER B 1 29 ? 5.961   7.896   14.899  1.00 23.91 ? 26  SER B C   1 
ATOM   673  O  O   . SER B 1 29 ? 5.375   7.698   15.966  1.00 23.37 ? 26  SER B O   1 
ATOM   674  C  CB  . SER B 1 29 ? 8.418   8.276   14.900  1.00 26.09 ? 26  SER B CB  1 
ATOM   675  O  OG  . SER B 1 29 ? 9.662   7.653   14.706  1.00 30.09 ? 26  SER B OG  1 
ATOM   676  N  N   . LYS B 1 30 ? 5.461   8.635   13.888  1.00 23.33 ? 27  LYS B N   1 
ATOM   677  C  CA  . LYS B 1 30 ? 4.201   9.326   13.983  1.00 22.82 ? 27  LYS B CA  1 
ATOM   678  C  C   . LYS B 1 30 ? 3.069   8.308   14.071  1.00 21.24 ? 27  LYS B C   1 
ATOM   679  O  O   . LYS B 1 30 ? 2.106   8.495   14.808  1.00 20.47 ? 27  LYS B O   1 
ATOM   680  C  CB  . LYS B 1 30 ? 3.965   10.203  12.756  1.00 23.22 ? 27  LYS B CB  1 
ATOM   681  C  CG  . LYS B 1 30 ? 4.757   11.532  12.704  1.00 27.30 ? 27  LYS B CG  1 
ATOM   682  C  CD  . LYS B 1 30 ? 4.545   12.373  13.949  1.00 32.92 ? 27  LYS B CD  1 
ATOM   683  C  CE  . LYS B 1 30 ? 3.277   13.212  13.864  1.00 37.72 ? 27  LYS B CE  1 
ATOM   684  N  NZ  . LYS B 1 30 ? 3.212   14.202  14.980  1.00 39.27 ? 27  LYS B NZ  1 
ATOM   685  N  N   . ALA B 1 31 ? 3.222   7.224   13.325  1.00 20.07 ? 28  ALA B N   1 
ATOM   686  C  CA  . ALA B 1 31 ? 2.230   6.138   13.323  1.00 20.42 ? 28  ALA B CA  1 
ATOM   687  C  C   . ALA B 1 31 ? 2.161   5.506   14.692  1.00 20.35 ? 28  ALA B C   1 
ATOM   688  O  O   . ALA B 1 31 ? 1.074   5.302   15.219  1.00 20.33 ? 28  ALA B O   1 
ATOM   689  C  CB  . ALA B 1 31 ? 2.593   5.094   12.300  1.00 20.00 ? 28  ALA B CB  1 
ATOM   690  N  N   . GLY B 1 32 ? 3.330   5.190   15.254  1.00 20.75 ? 29  GLY B N   1 
ATOM   691  C  CA  . GLY B 1 32 ? 3.419   4.707   16.634  1.00 21.31 ? 29  GLY B CA  1 
ATOM   692  C  C   . GLY B 1 32 ? 2.694   5.581   17.633  1.00 21.52 ? 29  GLY B C   1 
ATOM   693  O  O   . GLY B 1 32 ? 2.089   5.074   18.596  1.00 19.68 ? 29  GLY B O   1 
ATOM   694  N  N   . GLN B 1 33 ? 2.744   6.905   17.421  1.00 21.28 ? 30  GLN B N   1 
ATOM   695  C  CA  . GLN B 1 33 ? 2.058   7.832   18.307  1.00 21.88 ? 30  GLN B CA  1 
ATOM   696  C  C   . GLN B 1 33 ? 0.576   7.714   18.241  1.00 20.15 ? 30  GLN B C   1 
ATOM   697  O  O   . GLN B 1 33 ? -0.078  7.765   19.258  1.00 19.44 ? 30  GLN B O   1 
ATOM   698  C  CB  . GLN B 1 33 ? 2.405   9.300   17.998  1.00 21.73 ? 30  GLN B CB  1 
ATOM   699  C  CG  . GLN B 1 33 ? 3.709   9.708   18.575  1.00 27.32 ? 30  GLN B CG  1 
ATOM   700  C  CD  . GLN B 1 33 ? 4.289   10.868  17.801  1.00 32.00 ? 30  GLN B CD  1 
ATOM   701  O  OE1 . GLN B 1 33 ? 3.539   11.735  17.315  1.00 33.99 ? 30  GLN B OE1 1 
ATOM   702  N  NE2 . GLN B 1 33 ? 5.595   10.870  17.634  1.00 31.08 ? 30  GLN B NE2 1 
ATOM   703  N  N   . MET B 1 34 ? 0.038   7.568   17.031  1.00 19.74 ? 31  MET B N   1 
ATOM   704  C  CA  . MET B 1 34 ? -1.361  7.442   16.856  1.00 19.41 ? 31  MET B CA  1 
ATOM   705  C  C   . MET B 1 34 ? -1.806  6.083   17.368  1.00 17.96 ? 31  MET B C   1 
ATOM   706  O  O   . MET B 1 34 ? -2.885  5.986   17.958  1.00 18.16 ? 31  MET B O   1 
ATOM   707  C  CB  . MET B 1 34 ? -1.776  7.668   15.386  1.00 19.74 ? 31  MET B CB  1 
ATOM   708  C  CG  . MET B 1 34 ? -1.684  9.162   14.948  1.00 24.77 ? 31  MET B CG  1 
ATOM   709  S  SD  . MET B 1 34 ? -2.764  10.191  15.937  1.00 29.84 ? 31  MET B SD  1 
ATOM   710  C  CE  . MET B 1 34 ? -4.385  9.408   15.866  1.00 27.58 ? 31  MET B CE  1 
ATOM   711  N  N   . LYS B 1 35 ? -0.978  5.052   17.150  1.00 18.09 ? 32  LYS B N   1 
ATOM   712  C  CA  . LYS B 1 35 ? -1.306  3.735   17.683  1.00 16.42 ? 32  LYS B CA  1 
ATOM   713  C  C   . LYS B 1 35 ? -1.520  3.847   19.186  1.00 16.72 ? 32  LYS B C   1 
ATOM   714  O  O   . LYS B 1 35 ? -2.549  3.413   19.703  1.00 16.51 ? 32  LYS B O   1 
ATOM   715  C  CB  . LYS B 1 35 ? -0.171  2.768   17.395  1.00 16.17 ? 32  LYS B CB  1 
ATOM   716  C  CG  . LYS B 1 35 ? -0.305  1.377   18.071  1.00 15.49 ? 32  LYS B CG  1 
ATOM   717  C  CD  . LYS B 1 35 ? 0.852   0.537   17.584  1.00 16.48 ? 32  LYS B CD  1 
ATOM   718  C  CE  . LYS B 1 35 ? 1.035   -0.756  18.393  1.00 21.06 ? 32  LYS B CE  1 
ATOM   719  N  NZ  . LYS B 1 35 ? 1.818   -0.458  19.641  1.00 26.82 ? 32  LYS B NZ  1 
ATOM   720  N  N   . MET B 1 36 ? -0.533  4.425   19.885  1.00 16.61 ? 33  MET B N   1 
ATOM   721  C  CA  . MET B 1 36 ? -0.633  4.537   21.346  1.00 17.05 ? 33  MET B CA  1 
ATOM   722  C  C   . MET B 1 36 ? -1.815  5.360   21.801  1.00 16.72 ? 33  MET B C   1 
ATOM   723  O  O   . MET B 1 36 ? -2.477  5.005   22.735  1.00 15.56 ? 33  MET B O   1 
ATOM   724  C  CB  . MET B 1 36 ? 0.679   5.014   21.969  1.00 17.94 ? 33  MET B CB  1 
ATOM   725  C  CG  . MET B 1 36 ? 0.640   4.882   23.489  1.00 21.27 ? 33  MET B CG  1 
ATOM   726  S  SD  . MET B 1 36 ? 0.509   3.157   24.064  1.00 29.37 ? 33  MET B SD  1 
ATOM   727  C  CE  . MET B 1 36 ? 2.128   2.657   23.700  1.00 28.74 ? 33  MET B CE  1 
ATOM   728  N  N   . ASP B 1 37 ? -2.116  6.457   21.109  1.00 17.07 ? 34  ASP B N   1 
ATOM   729  C  CA  . ASP B 1 37 ? -3.257  7.234   21.439  1.00 17.70 ? 34  ASP B CA  1 
ATOM   730  C  C   . ASP B 1 37 ? -4.571  6.504   21.226  1.00 16.48 ? 34  ASP B C   1 
ATOM   731  O  O   . ASP B 1 37 ? -5.514  6.622   22.024  1.00 16.98 ? 34  ASP B O   1 
ATOM   732  C  CB  . ASP B 1 37 ? -3.192  8.578   20.697  1.00 18.75 ? 34  ASP B CB  1 
ATOM   733  C  CG  . ASP B 1 37 ? -2.116  9.483   21.269  1.00 22.45 ? 34  ASP B CG  1 
ATOM   734  O  OD1 . ASP B 1 37 ? -1.404  9.108   22.272  1.00 29.33 ? 34  ASP B OD1 1 
ATOM   735  O  OD2 . ASP B 1 37 ? -1.931  10.561  20.703  1.00 27.35 ? 34  ASP B OD2 1 
ATOM   736  N  N   . LEU B 1 38 ? -4.638  5.716   20.171  1.00 15.83 ? 35  LEU B N   1 
ATOM   737  C  CA  . LEU B 1 38 ? -5.853  4.980   19.954  1.00 15.12 ? 35  LEU B CA  1 
ATOM   738  C  C   . LEU B 1 38 ? -5.980  3.912   21.044  1.00 13.86 ? 35  LEU B C   1 
ATOM   739  O  O   . LEU B 1 38 ? -7.053  3.694   21.568  1.00 13.63 ? 35  LEU B O   1 
ATOM   740  C  CB  . LEU B 1 38 ? -5.858  4.345   18.573  1.00 15.39 ? 35  LEU B CB  1 
ATOM   741  C  CG  . LEU B 1 38 ? -7.139  3.526   18.352  1.00 18.96 ? 35  LEU B CG  1 
ATOM   742  C  CD1 . LEU B 1 38 ? -8.472  4.351   18.534  1.00 22.10 ? 35  LEU B CD1 1 
ATOM   743  C  CD2 . LEU B 1 38 ? -7.074  2.832   16.994  1.00 21.46 ? 35  LEU B CD2 1 
ATOM   744  N  N   . HIS B 1 39 ? -4.870  3.269   21.353  1.00 15.55 ? 36  HIS B N   1 
ATOM   745  C  CA  . HIS B 1 39 ? -4.867  2.255   22.437  1.00 16.34 ? 36  HIS B CA  1 
ATOM   746  C  C   . HIS B 1 39 ? -5.378  2.862   23.729  1.00 16.99 ? 36  HIS B C   1 
ATOM   747  O  O   . HIS B 1 39 ? -6.252  2.318   24.396  1.00 16.31 ? 36  HIS B O   1 
ATOM   748  C  CB  . HIS B 1 39 ? -3.469  1.689   22.600  1.00 15.22 ? 36  HIS B CB  1 
ATOM   749  C  CG  . HIS B 1 39 ? -3.288  0.971   23.891  1.00 15.63 ? 36  HIS B CG  1 
ATOM   750  N  ND1 . HIS B 1 39 ? -3.004  1.641   25.073  1.00 14.24 ? 36  HIS B ND1 1 
ATOM   751  C  CD2 . HIS B 1 39 ? -3.383  -0.342  24.203  1.00 14.89 ? 36  HIS B CD2 1 
ATOM   752  C  CE1 . HIS B 1 39 ? -2.936  0.752   26.061  1.00 18.61 ? 36  HIS B CE1 1 
ATOM   753  N  NE2 . HIS B 1 39 ? -3.167  -0.452  25.557  1.00 12.81 ? 36  HIS B NE2 1 
ATOM   754  N  N   . ASP B 1 40 ? -4.820  4.018   24.090  1.00 17.29 ? 37  ASP B N   1 
ATOM   755  C  CA  . ASP B 1 40 ? -5.209  4.684   25.320  1.00 17.14 ? 37  ASP B CA  1 
ATOM   756  C  C   . ASP B 1 40 ? -6.673  5.105   25.356  1.00 16.96 ? 37  ASP B C   1 
ATOM   757  O  O   . ASP B 1 40 ? -7.319  5.002   26.396  1.00 16.80 ? 37  ASP B O   1 
ATOM   758  C  CB  . ASP B 1 40 ? -4.282  5.889   25.605  1.00 17.16 ? 37  ASP B CB  1 
ATOM   759  C  CG  . ASP B 1 40 ? -2.850  5.478   25.927  1.00 20.84 ? 37  ASP B CG  1 
ATOM   760  O  OD1 . ASP B 1 40 ? -2.580  4.246   26.083  1.00 16.84 ? 37  ASP B OD1 1 
ATOM   761  O  OD2 . ASP B 1 40 ? -1.980  6.406   26.003  1.00 16.81 ? 37  ASP B OD2 1 
ATOM   762  N  N   . LEU B 1 41 ? -7.207  5.551   24.213  1.00 17.32 ? 38  LEU B N   1 
ATOM   763  C  CA  . LEU B 1 41 ? -8.636  5.799   24.058  1.00 16.60 ? 38  LEU B CA  1 
ATOM   764  C  C   . LEU B 1 41 ? -9.468  4.540   24.375  1.00 16.08 ? 38  LEU B C   1 
ATOM   765  O  O   . LEU B 1 41 ? -10.403 4.577   25.181  1.00 14.96 ? 38  LEU B O   1 
ATOM   766  C  CB  . LEU B 1 41 ? -8.962  6.320   22.636  1.00 17.61 ? 38  LEU B CB  1 
ATOM   767  C  CG  . LEU B 1 41 ? -10.451 6.667   22.345  1.00 17.98 ? 38  LEU B CG  1 
ATOM   768  C  CD1 . LEU B 1 41 ? -11.062 7.575   23.427  1.00 21.41 ? 38  LEU B CD1 1 
ATOM   769  C  CD2 . LEU B 1 41 ? -10.546 7.360   20.966  1.00 17.80 ? 38  LEU B CD2 1 
ATOM   770  N  N   . ALA B 1 42 ? -9.156  3.448   23.686  1.00 16.32 ? 39  ALA B N   1 
ATOM   771  C  CA  . ALA B 1 42 ? -9.891  2.207   23.893  1.00 17.53 ? 39  ALA B CA  1 
ATOM   772  C  C   . ALA B 1 42 ? -9.803  1.797   25.383  1.00 17.71 ? 39  ALA B C   1 
ATOM   773  O  O   . ALA B 1 42 ? -10.800 1.467   25.986  1.00 18.66 ? 39  ALA B O   1 
ATOM   774  C  CB  . ALA B 1 42 ? -9.288  1.105   23.011  1.00 16.81 ? 39  ALA B CB  1 
ATOM   775  N  N   . GLU B 1 43 ? -8.597  1.818   25.953  1.00 19.02 ? 40  GLU B N   1 
ATOM   776  C  CA  . GLU B 1 43 ? -8.414  1.425   27.380  1.00 19.54 ? 40  GLU B CA  1 
ATOM   777  C  C   . GLU B 1 43 ? -9.271  2.243   28.362  1.00 19.40 ? 40  GLU B C   1 
ATOM   778  O  O   . GLU B 1 43 ? -9.785  1.720   29.370  1.00 19.75 ? 40  GLU B O   1 
ATOM   779  C  CB  . GLU B 1 43 ? -6.917  1.546   27.732  1.00 20.35 ? 40  GLU B CB  1 
ATOM   780  C  CG  . GLU B 1 43 ? -6.544  1.169   29.141  1.00 20.85 ? 40  GLU B CG  1 
ATOM   781  C  CD  . GLU B 1 43 ? -5.106  1.536   29.402  1.00 24.60 ? 40  GLU B CD  1 
ATOM   782  O  OE1 . GLU B 1 43 ? -4.190  0.849   28.937  1.00 28.55 ? 40  GLU B OE1 1 
ATOM   783  O  OE2 . GLU B 1 43 ? -4.882  2.523   30.072  1.00 33.78 ? 40  GLU B OE2 1 
ATOM   784  N  N   . GLY B 1 44 ? -9.434  3.541   28.072  1.00 18.19 ? 41  GLY B N   1 
ATOM   785  C  CA  . GLY B 1 44 ? -10.301 4.388   28.878  1.00 18.03 ? 41  GLY B CA  1 
ATOM   786  C  C   . GLY B 1 44 ? -11.809 4.346   28.698  1.00 17.61 ? 41  GLY B C   1 
ATOM   787  O  O   . GLY B 1 44 ? -12.537 4.945   29.476  1.00 17.00 ? 41  GLY B O   1 
ATOM   788  N  N   . LEU B 1 45 ? -12.290 3.635   27.676  1.00 17.82 ? 42  LEU B N   1 
ATOM   789  C  CA  . LEU B 1 45 ? -13.738 3.503   27.442  1.00 18.01 ? 42  LEU B CA  1 
ATOM   790  C  C   . LEU B 1 45 ? -14.469 3.049   28.707  1.00 18.72 ? 42  LEU B C   1 
ATOM   791  O  O   . LEU B 1 45 ? -13.922 2.205   29.443  1.00 19.82 ? 42  LEU B O   1 
ATOM   792  C  CB  . LEU B 1 45 ? -14.004 2.521   26.303  1.00 17.37 ? 42  LEU B CB  1 
ATOM   793  C  CG  . LEU B 1 45 ? -13.598 2.991   24.908  1.00 16.57 ? 42  LEU B CG  1 
ATOM   794  C  CD1 . LEU B 1 45 ? -13.839 1.890   23.917  1.00 18.98 ? 42  LEU B CD1 1 
ATOM   795  C  CD2 . LEU B 1 45 ? -14.341 4.227   24.489  1.00 19.35 ? 42  LEU B CD2 1 
ATOM   796  N  N   . PRO B 1 46 ? -15.685 3.563   28.948  1.00 20.05 ? 43  PRO B N   1 
ATOM   797  C  CA  . PRO B 1 46 ? -16.520 4.370   28.036  1.00 19.74 ? 43  PRO B CA  1 
ATOM   798  C  C   . PRO B 1 46 ? -16.139 5.865   27.884  1.00 19.95 ? 43  PRO B C   1 
ATOM   799  O  O   . PRO B 1 46 ? -16.668 6.501   26.980  1.00 18.42 ? 43  PRO B O   1 
ATOM   800  C  CB  . PRO B 1 46 ? -17.902 4.270   28.677  1.00 20.54 ? 43  PRO B CB  1 
ATOM   801  C  CG  . PRO B 1 46 ? -17.580 4.184   30.139  1.00 21.80 ? 43  PRO B CG  1 
ATOM   802  C  CD  . PRO B 1 46 ? -16.384 3.340   30.230  1.00 20.81 ? 43  PRO B CD  1 
ATOM   803  N  N   . THR B 1 47 ? -15.260 6.411   28.734  1.00 19.67 ? 44  THR B N   1 
ATOM   804  C  CA  . THR B 1 47 ? -14.918 7.855   28.620  1.00 21.11 ? 44  THR B CA  1 
ATOM   805  C  C   . THR B 1 47 ? -14.437 8.179   27.222  1.00 20.80 ? 44  THR B C   1 
ATOM   806  O  O   . THR B 1 47 ? -13.620 7.460   26.672  1.00 20.80 ? 44  THR B O   1 
ATOM   807  C  CB  . THR B 1 47 ? -13.828 8.262   29.617  1.00 21.50 ? 44  THR B CB  1 
ATOM   808  O  OG1 . THR B 1 47 ? -14.161 7.746   30.914  1.00 21.20 ? 44  THR B OG1 1 
ATOM   809  C  CG2 . THR B 1 47 ? -13.659 9.797   29.661  1.00 24.01 ? 44  THR B CG2 1 
ATOM   810  N  N   . ASP B 1 48 ? -14.956 9.255   26.629  1.00 20.40 ? 45  ASP B N   1 
ATOM   811  C  CA  . ASP B 1 48 ? -14.508 9.705   25.325  1.00 20.75 ? 45  ASP B CA  1 
ATOM   812  C  C   . ASP B 1 48 ? -14.886 8.740   24.191  1.00 20.51 ? 45  ASP B C   1 
ATOM   813  O  O   . ASP B 1 48 ? -14.220 8.706   23.175  1.00 20.10 ? 45  ASP B O   1 
ATOM   814  C  CB  . ASP B 1 48 ? -12.995 9.974   25.321  1.00 20.94 ? 45  ASP B CB  1 
ATOM   815  C  CG  . ASP B 1 48 ? -12.640 11.258  26.077  1.00 25.18 ? 45  ASP B CG  1 
ATOM   816  O  OD1 . ASP B 1 48 ? -13.536 12.139  26.223  1.00 24.65 ? 45  ASP B OD1 1 
ATOM   817  O  OD2 . ASP B 1 48 ? -11.483 11.360  26.502  1.00 26.45 ? 45  ASP B OD2 1 
ATOM   818  N  N   . TYR B 1 49 ? -15.964 7.983   24.368  1.00 20.29 ? 46  TYR B N   1 
ATOM   819  C  CA  . TYR B 1 49 ? -16.413 7.112   23.267  1.00 20.98 ? 46  TYR B CA  1 
ATOM   820  C  C   . TYR B 1 49 ? -16.852 7.907   22.035  1.00 22.00 ? 46  TYR B C   1 
ATOM   821  O  O   . TYR B 1 49 ? -16.805 7.404   20.903  1.00 20.53 ? 46  TYR B O   1 
ATOM   822  C  CB  . TYR B 1 49 ? -17.457 6.104   23.709  1.00 21.84 ? 46  TYR B CB  1 
ATOM   823  C  CG  . TYR B 1 49 ? -18.864 6.635   23.928  1.00 20.27 ? 46  TYR B CG  1 
ATOM   824  C  CD1 . TYR B 1 49 ? -19.688 6.967   22.836  1.00 22.63 ? 46  TYR B CD1 1 
ATOM   825  C  CD2 . TYR B 1 49 ? -19.384 6.746   25.201  1.00 20.87 ? 46  TYR B CD2 1 
ATOM   826  C  CE1 . TYR B 1 49 ? -20.970 7.429   23.026  1.00 22.16 ? 46  TYR B CE1 1 
ATOM   827  C  CE2 . TYR B 1 49 ? -20.702 7.187   25.405  1.00 22.92 ? 46  TYR B CE2 1 
ATOM   828  C  CZ  . TYR B 1 49 ? -21.468 7.549   24.296  1.00 23.34 ? 46  TYR B CZ  1 
ATOM   829  O  OH  . TYR B 1 49 ? -22.748 8.007   24.456  1.00 24.65 ? 46  TYR B OH  1 
ATOM   830  N  N   . GLU B 1 50 ? -17.240 9.168   22.256  1.00 22.97 ? 47  GLU B N   1 
ATOM   831  C  CA  . GLU B 1 50 ? -17.648 10.044  21.141  1.00 23.38 ? 47  GLU B CA  1 
ATOM   832  C  C   . GLU B 1 50 ? -16.497 10.374  20.226  1.00 23.59 ? 47  GLU B C   1 
ATOM   833  O  O   . GLU B 1 50 ? -16.729 10.701  19.049  1.00 25.88 ? 47  GLU B O   1 
ATOM   834  C  CB  . GLU B 1 50 ? -18.319 11.314  21.634  1.00 23.36 ? 47  GLU B CB  1 
ATOM   835  C  CG  . GLU B 1 50 ? -19.663 10.997  22.255  1.00 25.52 ? 47  GLU B CG  1 
ATOM   836  C  CD  . GLU B 1 50 ? -20.448 12.219  22.601  1.00 31.61 ? 47  GLU B CD  1 
ATOM   837  O  OE1 . GLU B 1 50 ? -19.984 13.339  22.296  1.00 34.10 ? 47  GLU B OE1 1 
ATOM   838  O  OE2 . GLU B 1 50 ? -21.531 12.058  23.183  1.00 33.31 ? 47  GLU B OE2 1 
ATOM   839  N  N   . ASN B 1 51 ? -15.277 10.236  20.739  1.00 22.24 ? 48  ASN B N   1 
ATOM   840  C  CA  . ASN B 1 51 ? -14.052 10.446  19.955  1.00 21.71 ? 48  ASN B CA  1 
ATOM   841  C  C   . ASN B 1 51 ? -13.545 9.259   19.138  1.00 19.84 ? 48  ASN B C   1 
ATOM   842  O  O   . ASN B 1 51 ? -12.603 9.417   18.368  1.00 19.78 ? 48  ASN B O   1 
ATOM   843  C  CB  . ASN B 1 51 ? -12.897 10.917  20.810  1.00 21.18 ? 48  ASN B CB  1 
ATOM   844  C  CG  . ASN B 1 51 ? -13.211 12.145  21.607  1.00 25.63 ? 48  ASN B CG  1 
ATOM   845  O  OD1 . ASN B 1 51 ? -14.279 12.756  21.473  1.00 25.37 ? 48  ASN B OD1 1 
ATOM   846  N  ND2 . ASN B 1 51 ? -12.260 12.529  22.438  1.00 25.64 ? 48  ASN B ND2 1 
ATOM   847  N  N   . LEU B 1 52 ? -14.161 8.093   19.288  1.00 19.58 ? 49  LEU B N   1 
ATOM   848  C  CA  . LEU B 1 52 ? -13.672 6.879   18.598  1.00 18.40 ? 49  LEU B CA  1 
ATOM   849  C  C   . LEU B 1 52 ? -13.480 6.976   17.085  1.00 18.81 ? 49  LEU B C   1 
ATOM   850  O  O   . LEU B 1 52 ? -12.414 6.666   16.578  1.00 17.84 ? 49  LEU B O   1 
ATOM   851  C  CB  . LEU B 1 52 ? -14.570 5.691   18.904  1.00 18.33 ? 49  LEU B CB  1 
ATOM   852  C  CG  . LEU B 1 52 ? -14.460 5.188   20.347  1.00 18.76 ? 49  LEU B CG  1 
ATOM   853  C  CD1 . LEU B 1 52 ? -15.632 4.335   20.670  1.00 20.34 ? 49  LEU B CD1 1 
ATOM   854  C  CD2 . LEU B 1 52 ? -13.150 4.404   20.598  1.00 19.52 ? 49  LEU B CD2 1 
ATOM   855  N  N   . VAL B 1 53 ? -14.510 7.399   16.357  1.00 18.51 ? 50  VAL B N   1 
ATOM   856  C  CA  . VAL B 1 53 ? -14.426 7.317   14.897  1.00 20.69 ? 50  VAL B CA  1 
ATOM   857  C  C   . VAL B 1 53 ? -13.364 8.250   14.368  1.00 19.89 ? 50  VAL B C   1 
ATOM   858  O  O   . VAL B 1 53 ? -12.555 7.861   13.539  1.00 19.76 ? 50  VAL B O   1 
ATOM   859  C  CB  . VAL B 1 53 ? -15.795 7.548   14.202  1.00 22.16 ? 50  VAL B CB  1 
ATOM   860  C  CG1 . VAL B 1 53 ? -15.643 7.525   12.662  1.00 21.88 ? 50  VAL B CG1 1 
ATOM   861  C  CG2 . VAL B 1 53 ? -16.784 6.504   14.653  1.00 22.45 ? 50  VAL B CG2 1 
ATOM   862  N  N   . GLU B 1 54 ? -13.329 9.476   14.891  1.00 21.02 ? 51  GLU B N   1 
ATOM   863  C  CA  . GLU B 1 54 ? -12.335 10.448  14.484  1.00 21.98 ? 51  GLU B CA  1 
ATOM   864  C  C   . GLU B 1 54 ? -10.919 9.965   14.718  1.00 20.89 ? 51  GLU B C   1 
ATOM   865  O  O   . GLU B 1 54 ? -10.058 10.041  13.835  1.00 21.28 ? 51  GLU B O   1 
ATOM   866  C  CB  . GLU B 1 54 ? -12.545 11.758  15.249  1.00 22.93 ? 51  GLU B CB  1 
ATOM   867  C  CG  . GLU B 1 54 ? -11.876 12.923  14.606  1.00 29.02 ? 51  GLU B CG  1 
ATOM   868  C  CD  . GLU B 1 54 ? -12.492 14.248  15.032  1.00 34.74 ? 51  GLU B CD  1 
ATOM   869  O  OE1 . GLU B 1 54 ? -12.710 14.454  16.246  1.00 36.91 ? 51  GLU B OE1 1 
ATOM   870  O  OE2 . GLU B 1 54 ? -12.767 15.078  14.140  1.00 39.74 ? 51  GLU B OE2 1 
ATOM   871  N  N   . THR B 1 55 ? -10.688 9.462   15.924  1.00 20.41 ? 52  THR B N   1 
ATOM   872  C  CA  . THR B 1 55 ? -9.382  8.970   16.292  1.00 20.83 ? 52  THR B CA  1 
ATOM   873  C  C   . THR B 1 55 ? -8.973  7.786   15.430  1.00 19.12 ? 52  THR B C   1 
ATOM   874  O  O   . THR B 1 55 ? -7.860  7.752   14.955  1.00 19.14 ? 52  THR B O   1 
ATOM   875  C  CB  . THR B 1 55 ? -9.296  8.643   17.809  1.00 21.07 ? 52  THR B CB  1 
ATOM   876  O  OG1 . THR B 1 55 ? -9.643  9.812   18.588  1.00 23.72 ? 52  THR B OG1 1 
ATOM   877  C  CG2 . THR B 1 55 ? -7.901  8.194   18.187  1.00 21.37 ? 52  THR B CG2 1 
ATOM   878  N  N   . ALA B 1 56 ? -9.874  6.819   15.232  1.00 19.18 ? 53  ALA B N   1 
ATOM   879  C  CA  . ALA B 1 56 ? -9.614  5.683   14.325  1.00 18.85 ? 53  ALA B CA  1 
ATOM   880  C  C   . ALA B 1 56 ? -9.327  6.102   12.870  1.00 18.79 ? 53  ALA B C   1 
ATOM   881  O  O   . ALA B 1 56 ? -8.448  5.582   12.236  1.00 17.68 ? 53  ALA B O   1 
ATOM   882  C  CB  . ALA B 1 56 ? -10.771 4.719   14.369  1.00 18.81 ? 53  ALA B CB  1 
ATOM   883  N  N   . GLU B 1 57 ? -10.080 7.069   12.354  1.00 20.52 ? 54  GLU B N   1 
ATOM   884  C  CA  . GLU B 1 57 ? -9.806  7.556   10.996  1.00 20.14 ? 54  GLU B CA  1 
ATOM   885  C  C   . GLU B 1 57 ? -8.408  8.129   10.869  1.00 19.28 ? 54  GLU B C   1 
ATOM   886  O  O   . GLU B 1 57 ? -7.733  7.835   9.924   1.00 19.12 ? 54  GLU B O   1 
ATOM   887  C  CB  . GLU B 1 57 ? -10.881 8.569   10.536  1.00 21.24 ? 54  GLU B CB  1 
ATOM   888  C  CG  . GLU B 1 57 ? -10.589 9.280   9.176   1.00 22.76 ? 54  GLU B CG  1 
ATOM   889  C  CD  . GLU B 1 57 ? -10.515 8.329   7.999   1.00 29.64 ? 54  GLU B CD  1 
ATOM   890  O  OE1 . GLU B 1 57 ? -11.139 7.250   8.055   1.00 29.16 ? 54  GLU B OE1 1 
ATOM   891  O  OE2 . GLU B 1 57 ? -9.849  8.670   6.995   1.00 32.54 ? 54  GLU B OE2 1 
ATOM   892  N  N   . LYS B 1 58 ? -7.991  8.973   11.818  1.00 20.12 ? 55  LYS B N   1 
ATOM   893  C  CA  . LYS B 1 58 ? -6.685  9.618   11.813  1.00 21.26 ? 55  LYS B CA  1 
ATOM   894  C  C   . LYS B 1 58 ? -5.573  8.552   11.831  1.00 20.18 ? 55  LYS B C   1 
ATOM   895  O  O   . LYS B 1 58 ? -4.579  8.591   11.082  1.00 19.08 ? 55  LYS B O   1 
ATOM   896  C  CB  . LYS B 1 58 ? -6.655  10.484  13.085  1.00 21.61 ? 55  LYS B CB  1 
ATOM   897  C  CG  . LYS B 1 58 ? -5.666  11.648  13.169  1.00 26.50 ? 55  LYS B CG  1 
ATOM   898  C  CD  . LYS B 1 58 ? -6.261  12.695  14.175  1.00 26.45 ? 55  LYS B CD  1 
ATOM   899  C  CE  . LYS B 1 58 ? -6.503  12.069  15.593  1.00 32.70 ? 55  LYS B CE  1 
ATOM   900  N  NZ  . LYS B 1 58 ? -7.808  12.353  16.335  1.00 32.61 ? 55  LYS B NZ  1 
ATOM   901  N  N   . THR B 1 59 ? -5.772  7.572   12.706  1.00 19.06 ? 56  THR B N   1 
ATOM   902  C  CA  . THR B 1 59 ? -4.854  6.457   12.841  1.00 18.51 ? 56  THR B CA  1 
ATOM   903  C  C   . THR B 1 59 ? -4.794  5.658   11.535  1.00 17.52 ? 56  THR B C   1 
ATOM   904  O  O   . THR B 1 59 ? -3.714  5.321   11.047  1.00 18.29 ? 56  THR B O   1 
ATOM   905  C  CB  . THR B 1 59 ? -5.281  5.572   14.017  1.00 18.87 ? 56  THR B CB  1 
ATOM   906  O  OG1 . THR B 1 59 ? -5.291  6.365   15.204  1.00 19.08 ? 56  THR B OG1 1 
ATOM   907  C  CG2 . THR B 1 59 ? -4.255  4.417   14.196  1.00 20.71 ? 56  THR B CG2 1 
ATOM   908  N  N   . TYR B 1 60 ? -5.954  5.378   10.962  1.00 18.25 ? 57  TYR B N   1 
ATOM   909  C  CA  . TYR B 1 60 ? -6.006  4.600   9.715   1.00 18.03 ? 57  TYR B CA  1 
ATOM   910  C  C   . TYR B 1 60 ? -5.202  5.276   8.609   1.00 18.72 ? 57  TYR B C   1 
ATOM   911  O  O   . TYR B 1 60 ? -4.412  4.643   7.919   1.00 17.42 ? 57  TYR B O   1 
ATOM   912  C  CB  . TYR B 1 60 ? -7.454  4.394   9.276   1.00 19.07 ? 57  TYR B CB  1 
ATOM   913  C  CG  . TYR B 1 60 ? -7.524  3.945   7.849   1.00 20.23 ? 57  TYR B CG  1 
ATOM   914  C  CD1 . TYR B 1 60 ? -7.209  2.632   7.500   1.00 19.38 ? 57  TYR B CD1 1 
ATOM   915  C  CD2 . TYR B 1 60 ? -7.880  4.852   6.837   1.00 22.00 ? 57  TYR B CD2 1 
ATOM   916  C  CE1 . TYR B 1 60 ? -7.244  2.228   6.180   1.00 20.49 ? 57  TYR B CE1 1 
ATOM   917  C  CE2 . TYR B 1 60 ? -7.911  4.472   5.527   1.00 24.00 ? 57  TYR B CE2 1 
ATOM   918  C  CZ  . TYR B 1 60 ? -7.611  3.149   5.198   1.00 23.90 ? 57  TYR B CZ  1 
ATOM   919  O  OH  . TYR B 1 60 ? -7.638  2.759   3.869   1.00 24.78 ? 57  TYR B OH  1 
ATOM   920  N  N   . GLU B 1 61 ? -5.380  6.597   8.465   1.00 19.18 ? 58  GLU B N   1 
ATOM   921  C  CA  . GLU B 1 61 ? -4.759  7.305   7.389   1.00 19.04 ? 58  GLU B CA  1 
ATOM   922  C  C   . GLU B 1 61 ? -3.259  7.279   7.431   1.00 18.50 ? 58  GLU B C   1 
ATOM   923  O  O   . GLU B 1 61 ? -2.620  7.088   6.410   1.00 17.72 ? 58  GLU B O   1 
ATOM   924  C  CB  . GLU B 1 61 ? -5.301  8.740   7.341   1.00 20.28 ? 58  GLU B CB  1 
ATOM   925  C  CG  . GLU B 1 61 ? -6.781  8.761   6.973   1.00 23.13 ? 58  GLU B CG  1 
ATOM   926  C  CD  . GLU B 1 61 ? -7.122  8.074   5.641   1.00 31.87 ? 58  GLU B CD  1 
ATOM   927  O  OE1 . GLU B 1 61 ? -6.236  7.895   4.770   1.00 36.72 ? 58  GLU B OE1 1 
ATOM   928  O  OE2 . GLU B 1 61 ? -8.315  7.720   5.462   1.00 37.02 ? 58  GLU B OE2 1 
ATOM   929  N  N   . ILE B 1 62 ? -2.689  7.461   8.622   1.00 19.06 ? 59  ILE B N   1 
ATOM   930  C  CA  . ILE B 1 62 ? -1.271  7.406   8.773   1.00 18.88 ? 59  ILE B CA  1 
ATOM   931  C  C   . ILE B 1 62 ? -0.709  5.984   8.484   1.00 17.45 ? 59  ILE B C   1 
ATOM   932  O  O   . ILE B 1 62 ? 0.295   5.822   7.803   1.00 15.93 ? 59  ILE B O   1 
ATOM   933  C  CB  . ILE B 1 62 ? -0.800  8.032   10.161  1.00 19.99 ? 59  ILE B CB  1 
ATOM   934  C  CG1 . ILE B 1 62 ? 0.724   8.185   10.204  1.00 21.94 ? 59  ILE B CG1 1 
ATOM   935  C  CG2 . ILE B 1 62 ? -1.312  7.286   11.384  1.00 21.82 ? 59  ILE B CG2 1 
ATOM   936  C  CD1 . ILE B 1 62 ? 1.458   6.920   10.271  1.00 29.98 ? 59  ILE B CD1 1 
ATOM   937  N  N   . PHE B 1 63 ? -1.370  4.960   8.986   1.00 18.21 ? 60  PHE B N   1 
ATOM   938  C  CA  . PHE B 1 63 ? -0.911  3.593   8.674   1.00 17.68 ? 60  PHE B CA  1 
ATOM   939  C  C   . PHE B 1 63 ? -1.073  3.234   7.221   1.00 17.03 ? 60  PHE B C   1 
ATOM   940  O  O   . PHE B 1 63 ? -0.237  2.509   6.650   1.00 17.19 ? 60  PHE B O   1 
ATOM   941  C  CB  . PHE B 1 63 ? -1.561  2.575   9.619   1.00 17.31 ? 60  PHE B CB  1 
ATOM   942  C  CG  . PHE B 1 63 ? -0.859  2.477   10.950  1.00 18.50 ? 60  PHE B CG  1 
ATOM   943  C  CD1 . PHE B 1 63 ? 0.266   1.655   11.096  1.00 19.90 ? 60  PHE B CD1 1 
ATOM   944  C  CD2 . PHE B 1 63 ? -1.297  3.212   12.049  1.00 16.90 ? 60  PHE B CD2 1 
ATOM   945  C  CE1 . PHE B 1 63 ? 0.926   1.563   12.327  1.00 18.73 ? 60  PHE B CE1 1 
ATOM   946  C  CE2 . PHE B 1 63 ? -0.618  3.149   13.280  1.00 18.24 ? 60  PHE B CE2 1 
ATOM   947  C  CZ  . PHE B 1 63 ? 0.474   2.319   13.417  1.00 19.50 ? 60  PHE B CZ  1 
ATOM   948  N  N   . ARG B 1 64 ? -2.115  3.771   6.579   1.00 17.60 ? 61  ARG B N   1 
ATOM   949  C  CA  . ARG B 1 64 ? -2.268  3.543   5.139   1.00 18.43 ? 61  ARG B CA  1 
ATOM   950  C  C   . ARG B 1 64 ? -1.130  4.188   4.398   1.00 17.66 ? 61  ARG B C   1 
ATOM   951  O  O   . ARG B 1 64 ? -0.547  3.592   3.489   1.00 17.26 ? 61  ARG B O   1 
ATOM   952  C  CB  . ARG B 1 64 ? -3.578  4.119   4.592   1.00 18.16 ? 61  ARG B CB  1 
ATOM   953  C  CG  . ARG B 1 64 ? -3.711  3.828   3.082   1.00 23.66 ? 61  ARG B CG  1 
ATOM   954  C  CD  . ARG B 1 64 ? -5.025  4.343   2.586   1.00 30.14 ? 61  ARG B CD  1 
ATOM   955  N  NE  . ARG B 1 64 ? -5.226  4.163   1.139   1.00 38.64 ? 61  ARG B NE  1 
ATOM   956  C  CZ  . ARG B 1 64 ? -5.516  3.003   0.531   1.00 39.85 ? 61  ARG B CZ  1 
ATOM   957  N  NH1 . ARG B 1 64 ? -5.629  1.873   1.215   1.00 41.16 ? 61  ARG B NH1 1 
ATOM   958  N  NH2 . ARG B 1 64 ? -5.675  2.976   -0.785  1.00 41.89 ? 61  ARG B NH2 1 
ATOM   959  N  N   . GLU B 1 65 ? -0.812  5.440   4.756   1.00 16.84 ? 62  GLU B N   1 
ATOM   960  C  CA  . GLU B 1 65 ? 0.308   6.092   4.062   1.00 15.94 ? 62  GLU B CA  1 
ATOM   961  C  C   . GLU B 1 65 ? 1.621   5.325   4.307   1.00 16.15 ? 62  GLU B C   1 
ATOM   962  O  O   . GLU B 1 65 ? 2.461   5.120   3.410   1.00 15.80 ? 62  GLU B O   1 
ATOM   963  C  CB  . GLU B 1 65 ? 0.448   7.571   4.483   1.00 16.09 ? 62  GLU B CB  1 
ATOM   964  C  CG  . GLU B 1 65 ? 1.453   8.304   3.563   1.00 18.18 ? 62  GLU B CG  1 
ATOM   965  C  CD  . GLU B 1 65 ? 2.011   9.593   4.174   1.00 22.08 ? 62  GLU B CD  1 
ATOM   966  O  OE1 . GLU B 1 65 ? 1.660   9.904   5.323   1.00 19.74 ? 62  GLU B OE1 1 
ATOM   967  O  OE2 . GLU B 1 65 ? 2.786   10.296  3.481   1.00 25.22 ? 62  GLU B OE2 1 
ATOM   968  N  N   . LEU B 1 66 ? 1.830   4.938   5.544   1.00 16.85 ? 63  LEU B N   1 
ATOM   969  C  CA  . LEU B 1 66 ? 3.021   4.191   5.883   1.00 17.61 ? 63  LEU B CA  1 
ATOM   970  C  C   . LEU B 1 66 ? 3.141   2.895   5.070   1.00 17.89 ? 63  LEU B C   1 
ATOM   971  O  O   . LEU B 1 66 ? 4.230   2.539   4.601   1.00 17.42 ? 63  LEU B O   1 
ATOM   972  C  CB  . LEU B 1 66 ? 3.038   3.892   7.386   1.00 17.81 ? 63  LEU B CB  1 
ATOM   973  C  CG  . LEU B 1 66 ? 4.310   3.220   7.925   1.00 18.35 ? 63  LEU B CG  1 
ATOM   974  C  CD1 . LEU B 1 66 ? 5.589   4.029   7.701   1.00 21.31 ? 63  LEU B CD1 1 
ATOM   975  C  CD2 . LEU B 1 66 ? 4.059   2.951   9.440   1.00 18.75 ? 63  LEU B CD2 1 
ATOM   976  N  N   . ASP B 1 67 ? 2.028   2.198   4.921   1.00 18.45 ? 64  ASP B N   1 
ATOM   977  C  CA  . ASP B 1 67 ? 2.007   0.895   4.198   1.00 19.10 ? 64  ASP B CA  1 
ATOM   978  C  C   . ASP B 1 67 ? 2.318   1.153   2.720   1.00 19.92 ? 64  ASP B C   1 
ATOM   979  O  O   . ASP B 1 67 ? 3.124   0.466   2.131   1.00 20.14 ? 64  ASP B O   1 
ATOM   980  C  CB  . ASP B 1 67 ? 0.617   0.286   4.352   1.00 18.89 ? 64  ASP B CB  1 
ATOM   981  C  CG  . ASP B 1 67 ? 0.515   -1.163  3.840   1.00 20.67 ? 64  ASP B CG  1 
ATOM   982  O  OD1 . ASP B 1 67 ? 1.503   -1.921  3.877   1.00 26.51 ? 64  ASP B OD1 1 
ATOM   983  O  OD2 . ASP B 1 67 ? -0.598  -1.509  3.416   1.00 22.78 ? 64  ASP B OD2 1 
ATOM   984  N  N   . GLN B 1 68 ? 1.718   2.190   2.136   1.00 19.54 ? 65  GLN B N   1 
ATOM   985  C  CA  . GLN B 1 68 ? 2.062   2.547   0.751   1.00 20.64 ? 65  GLN B CA  1 
ATOM   986  C  C   . GLN B 1 68 ? 3.537   2.810   0.562   1.00 19.34 ? 65  GLN B C   1 
ATOM   987  O  O   . GLN B 1 68 ? 4.128   2.383   -0.425  1.00 18.38 ? 65  GLN B O   1 
ATOM   988  C  CB  . GLN B 1 68 ? 1.273   3.785   0.250   1.00 20.23 ? 65  GLN B CB  1 
ATOM   989  C  CG  . GLN B 1 68 ? -0.223  3.585   0.221   1.00 24.05 ? 65  GLN B CG  1 
ATOM   990  C  CD  . GLN B 1 68 ? -0.742  2.898   -1.047  1.00 27.96 ? 65  GLN B CD  1 
ATOM   991  O  OE1 . GLN B 1 68 ? 0.007   2.275   -1.769  1.00 28.96 ? 65  GLN B OE1 1 
ATOM   992  N  NE2 . GLN B 1 68 ? -2.051  3.024   -1.305  1.00 31.64 ? 65  GLN B NE2 1 
ATOM   993  N  N   . LEU B 1 69 ? 4.154   3.529   1.502   1.00 20.05 ? 66  LEU B N   1 
ATOM   994  C  CA  . LEU B 1 69 ? 5.540   3.884   1.314   1.00 20.31 ? 66  LEU B CA  1 
ATOM   995  C  C   . LEU B 1 69 ? 6.431   2.652   1.491   1.00 20.42 ? 66  LEU B C   1 
ATOM   996  O  O   . LEU B 1 69 ? 7.395   2.451   0.750   1.00 20.60 ? 66  LEU B O   1 
ATOM   997  C  CB  . LEU B 1 69 ? 5.927   5.010   2.266   1.00 20.28 ? 66  LEU B CB  1 
ATOM   998  C  CG  . LEU B 1 69 ? 5.296   6.371   1.976   1.00 20.56 ? 66  LEU B CG  1 
ATOM   999  C  CD1 . LEU B 1 69 ? 5.677   7.302   3.144   1.00 21.98 ? 66  LEU B CD1 1 
ATOM   1000 C  CD2 . LEU B 1 69 ? 5.768   6.921   0.612   1.00 20.60 ? 66  LEU B CD2 1 
ATOM   1001 N  N   . LYS B 1 70 ? 6.075   1.817   2.458   1.00 20.26 ? 67  LYS B N   1 
ATOM   1002 C  CA  . LYS B 1 70 ? 6.836   0.592   2.674   1.00 21.34 ? 67  LYS B CA  1 
ATOM   1003 C  C   . LYS B 1 70 ? 6.815   -0.337  1.463   1.00 21.59 ? 67  LYS B C   1 
ATOM   1004 O  O   . LYS B 1 70 ? 7.857   -0.843  1.039   1.00 22.69 ? 67  LYS B O   1 
ATOM   1005 C  CB  . LYS B 1 70 ? 6.387   -0.100  3.970   1.00 21.27 ? 67  LYS B CB  1 
ATOM   1006 C  CG  . LYS B 1 70 ? 7.020   0.566   5.178   1.00 21.56 ? 67  LYS B CG  1 
ATOM   1007 C  CD  . LYS B 1 70 ? 6.584   -0.079  6.476   1.00 25.82 ? 67  LYS B CD  1 
ATOM   1008 C  CE  . LYS B 1 70 ? 7.026   0.744   7.679   1.00 27.01 ? 67  LYS B CE  1 
ATOM   1009 N  NZ  . LYS B 1 70 ? 6.930   -0.108  8.910   1.00 29.68 ? 67  LYS B NZ  1 
ATOM   1010 N  N   . LYS B 1 71 ? 5.634   -0.532  0.897   1.00 22.04 ? 68  LYS B N   1 
ATOM   1011 C  CA  . LYS B 1 71 ? 5.459   -1.300  -0.350  1.00 23.02 ? 68  LYS B CA  1 
ATOM   1012 C  C   . LYS B 1 71 ? 6.215   -0.676  -1.527  1.00 23.84 ? 68  LYS B C   1 
ATOM   1013 O  O   . LYS B 1 71 ? 6.838   -1.398  -2.294  1.00 22.75 ? 68  LYS B O   1 
ATOM   1014 C  CB  . LYS B 1 71 ? 3.974   -1.434  -0.685  1.00 22.74 ? 68  LYS B CB  1 
ATOM   1015 C  CG  . LYS B 1 71 ? 3.238   -2.370  0.290   1.00 24.93 ? 68  LYS B CG  1 
ATOM   1016 C  CD  . LYS B 1 71 ? 1.706   -2.290  0.182   1.00 25.51 ? 68  LYS B CD  1 
ATOM   1017 C  CE  . LYS B 1 71 ? 1.049   -3.618  0.642   1.00 28.68 ? 68  LYS B CE  1 
ATOM   1018 N  NZ  . LYS B 1 71 ? 1.746   -4.230  1.847   1.00 32.60 ? 68  LYS B NZ  1 
ATOM   1019 N  N   . LYS B 1 72 ? 6.147   0.657   -1.665  1.00 22.81 ? 69  LYS B N   1 
ATOM   1020 C  CA  . LYS B 1 72 ? 6.930   1.377   -2.679  1.00 24.06 ? 69  LYS B CA  1 
ATOM   1021 C  C   . LYS B 1 72 ? 8.425   1.113   -2.493  1.00 24.49 ? 69  LYS B C   1 
ATOM   1022 O  O   . LYS B 1 72 ? 9.127   0.795   -3.468  1.00 23.76 ? 69  LYS B O   1 
ATOM   1023 C  CB  . LYS B 1 72 ? 6.648   2.904   -2.639  1.00 24.09 ? 69  LYS B CB  1 
ATOM   1024 C  CG  . LYS B 1 72 ? 7.227   3.661   -3.840  1.00 25.39 ? 69  LYS B CG  1 
ATOM   1025 C  CD  . LYS B 1 72 ? 6.723   5.092   -3.950  1.00 23.65 ? 69  LYS B CD  1 
ATOM   1026 C  CE  . LYS B 1 72 ? 7.409   6.043   -2.932  1.00 23.34 ? 69  LYS B CE  1 
ATOM   1027 N  NZ  . LYS B 1 72 ? 6.786   7.390   -3.036  1.00 23.13 ? 69  LYS B NZ  1 
ATOM   1028 N  N   . LEU B 1 73 ? 8.900   1.241   -1.248  1.00 26.09 ? 70  LEU B N   1 
ATOM   1029 C  CA  . LEU B 1 73 ? 10.324  1.007   -0.924  1.00 27.24 ? 70  LEU B CA  1 
ATOM   1030 C  C   . LEU B 1 73 ? 10.773  -0.378  -1.376  1.00 28.68 ? 70  LEU B C   1 
ATOM   1031 O  O   . LEU B 1 73 ? 11.795  -0.519  -2.062  1.00 29.00 ? 70  LEU B O   1 
ATOM   1032 C  CB  . LEU B 1 73 ? 10.608  1.199   0.571   1.00 27.21 ? 70  LEU B CB  1 
ATOM   1033 C  CG  . LEU B 1 73 ? 12.042  0.899   1.068   1.00 27.25 ? 70  LEU B CG  1 
ATOM   1034 C  CD1 . LEU B 1 73 ? 13.051  1.798   0.373   1.00 27.50 ? 70  LEU B CD1 1 
ATOM   1035 C  CD2 . LEU B 1 73 ? 12.148  1.066   2.563   1.00 27.26 ? 70  LEU B CD2 1 
ATOM   1036 N  N   . ASN B 1 74 ? 9.998   -1.396  -1.036  1.00 30.11 ? 71  ASN B N   1 
ATOM   1037 C  CA  . ASN B 1 74 ? 10.336  -2.751  -1.478  1.00 32.27 ? 71  ASN B CA  1 
ATOM   1038 C  C   . ASN B 1 74 ? 10.439  -2.825  -2.995  1.00 32.45 ? 71  ASN B C   1 
ATOM   1039 O  O   . ASN B 1 74 ? 11.434  -3.335  -3.530  1.00 32.77 ? 71  ASN B O   1 
ATOM   1040 C  CB  . ASN B 1 74 ? 9.346   -3.787  -0.948  1.00 32.96 ? 71  ASN B CB  1 
ATOM   1041 C  CG  . ASN B 1 74 ? 9.526   -4.075  0.528   1.00 36.65 ? 71  ASN B CG  1 
ATOM   1042 O  OD1 . ASN B 1 74 ? 10.656  -4.161  1.033   1.00 43.20 ? 71  ASN B OD1 1 
ATOM   1043 N  ND2 . ASN B 1 74 ? 8.405   -4.239  1.243   1.00 39.47 ? 71  ASN B ND2 1 
ATOM   1044 N  N   . ILE B 1 75 ? 9.441   -2.275  -3.686  1.00 32.87 ? 72  ILE B N   1 
ATOM   1045 C  CA  . ILE B 1 75 ? 9.442   -2.253  -5.156  1.00 33.70 ? 72  ILE B CA  1 
ATOM   1046 C  C   . ILE B 1 75 ? 10.656  -1.498  -5.706  1.00 34.43 ? 72  ILE B C   1 
ATOM   1047 O  O   . ILE B 1 75 ? 11.313  -1.982  -6.637  1.00 35.13 ? 72  ILE B O   1 
ATOM   1048 C  CB  . ILE B 1 75 ? 8.122   -1.685  -5.735  1.00 33.20 ? 72  ILE B CB  1 
ATOM   1049 C  CG1 . ILE B 1 75 ? 7.019   -2.757  -5.700  1.00 34.14 ? 72  ILE B CG1 1 
ATOM   1050 C  CG2 . ILE B 1 75 ? 8.296   -1.205  -7.177  1.00 33.64 ? 72  ILE B CG2 1 
ATOM   1051 C  CD1 . ILE B 1 75 ? 5.592   -2.184  -5.640  1.00 33.94 ? 72  ILE B CD1 1 
ATOM   1052 N  N   . TRP B 1 76 ? 10.967  -0.341  -5.120  1.00 34.63 ? 73  TRP B N   1 
ATOM   1053 C  CA  . TRP B 1 76 ? 12.107  0.470   -5.552  1.00 35.99 ? 73  TRP B CA  1 
ATOM   1054 C  C   . TRP B 1 76 ? 13.425  -0.284  -5.414  1.00 38.52 ? 73  TRP B C   1 
ATOM   1055 O  O   . TRP B 1 76 ? 14.205  -0.395  -6.383  1.00 39.25 ? 73  TRP B O   1 
ATOM   1056 C  CB  . TRP B 1 76 ? 12.176  1.768   -4.743  1.00 33.36 ? 73  TRP B CB  1 
ATOM   1057 C  CG  . TRP B 1 76 ? 11.273  2.851   -5.254  1.00 31.54 ? 73  TRP B CG  1 
ATOM   1058 C  CD1 . TRP B 1 76 ? 10.211  2.709   -6.098  1.00 28.27 ? 73  TRP B CD1 1 
ATOM   1059 C  CD2 . TRP B 1 76 ? 11.343  4.246   -4.920  1.00 28.77 ? 73  TRP B CD2 1 
ATOM   1060 N  NE1 . TRP B 1 76 ? 9.628   3.943   -6.330  1.00 29.47 ? 73  TRP B NE1 1 
ATOM   1061 C  CE2 . TRP B 1 76 ? 10.287  4.893   -5.601  1.00 27.58 ? 73  TRP B CE2 1 
ATOM   1062 C  CE3 . TRP B 1 76 ? 12.200  5.010   -4.114  1.00 29.81 ? 73  TRP B CE3 1 
ATOM   1063 C  CZ2 . TRP B 1 76 ? 10.075  6.271   -5.514  1.00 28.58 ? 73  TRP B CZ2 1 
ATOM   1064 C  CZ3 . TRP B 1 76 ? 11.981  6.372   -4.014  1.00 29.19 ? 73  TRP B CZ3 1 
ATOM   1065 C  CH2 . TRP B 1 76 ? 10.924  6.995   -4.720  1.00 28.83 ? 73  TRP B CH2 1 
ATOM   1066 N  N   . GLU B 1 77 ? 13.661  -0.796  -4.204  1.00 40.91 ? 74  GLU B N   1 
ATOM   1067 C  CA  . GLU B 1 77 ? 14.868  -1.547  -3.873  1.00 43.34 ? 74  GLU B CA  1 
ATOM   1068 C  C   . GLU B 1 77 ? 15.085  -2.690  -4.855  1.00 44.97 ? 74  GLU B C   1 
ATOM   1069 O  O   . GLU B 1 77 ? 16.214  -2.914  -5.305  1.00 45.39 ? 74  GLU B O   1 
ATOM   1070 C  CB  . GLU B 1 77 ? 14.806  -2.051  -2.427  1.00 42.80 ? 74  GLU B CB  1 
ATOM   1071 C  CG  . GLU B 1 77 ? 15.029  -0.933  -1.399  1.00 43.41 ? 74  GLU B CG  1 
ATOM   1072 C  CD  . GLU B 1 77 ? 15.239  -1.426  0.015   1.00 44.08 ? 74  GLU B CD  1 
ATOM   1073 O  OE1 . GLU B 1 77 ? 14.939  -2.599  0.319   1.00 44.64 ? 74  GLU B OE1 1 
ATOM   1074 O  OE2 . GLU B 1 77 ? 15.712  -0.621  0.839   1.00 46.56 ? 74  GLU B OE2 1 
ATOM   1075 N  N   . GLU B 1 78 ? 13.990  -3.406  -5.143  1.00 46.62 ? 75  GLU B N   1 
ATOM   1076 C  CA  . GLU B 1 78 ? 13.793  -4.314  -6.296  1.00 48.13 ? 75  GLU B CA  1 
ATOM   1077 C  C   . GLU B 1 78 ? 14.504  -5.666  -6.299  1.00 48.93 ? 75  GLU B C   1 
ATOM   1078 O  O   . GLU B 1 78 ? 13.896  -6.697  -5.962  1.00 49.89 ? 75  GLU B O   1 
ATOM   1079 C  CB  . GLU B 1 78 ? 13.921  -3.590  -7.658  1.00 48.24 ? 75  GLU B CB  1 
ATOM   1080 C  CG  . GLU B 1 78 ? 15.334  -3.351  -8.211  1.00 49.06 ? 75  GLU B CG  1 
ATOM   1081 C  CD  . GLU B 1 78 ? 15.330  -2.540  -9.506  1.00 49.05 ? 75  GLU B CD  1 
ATOM   1082 O  OE1 . GLU B 1 78 ? 16.415  -2.037  -9.891  1.00 49.91 ? 75  GLU B OE1 1 
ATOM   1083 O  OE2 . GLU B 1 78 ? 14.254  -2.407  -10.142 1.00 49.28 ? 75  GLU B OE2 1 
HETATM 1084 NI NI  . NI  C 2 .  ? -7.652  -7.882  5.996   1.00 19.58 ? 78  NI  A NI  1 
HETATM 1085 O  O   . HOH D 3 .  ? -19.045 -4.861  -10.775 1.00 16.17 ? 79  HOH A O   1 
HETATM 1086 O  O   . HOH D 3 .  ? -13.204 -1.774  4.118   1.00 19.61 ? 80  HOH A O   1 
HETATM 1087 O  O   . HOH D 3 .  ? -5.447  -3.037  1.870   1.00 28.71 ? 81  HOH A O   1 
HETATM 1088 O  O   . HOH D 3 .  ? -22.877 -3.739  -10.458 1.00 27.47 ? 82  HOH A O   1 
HETATM 1089 O  O   . HOH D 3 .  ? -17.039 -2.626  0.706   1.00 18.72 ? 83  HOH A O   1 
HETATM 1090 O  O   . HOH D 3 .  ? -11.820 -0.473  -2.476  1.00 18.58 ? 84  HOH A O   1 
HETATM 1091 O  O   . HOH D 3 .  ? -20.221 -7.108  -8.528  1.00 22.92 ? 85  HOH A O   1 
HETATM 1092 O  O   . HOH D 3 .  ? -7.049  -4.082  -15.330 1.00 35.63 ? 86  HOH A O   1 
HETATM 1093 O  O   . HOH D 3 .  ? 1.307   -5.488  -2.458  1.00 30.05 ? 87  HOH A O   1 
HETATM 1094 O  O   . HOH D 3 .  ? -17.682 3.942   -3.561  1.00 44.16 ? 88  HOH A O   1 
HETATM 1095 O  O   . HOH D 3 .  ? 3.775   -1.485  -17.290 1.00 32.82 ? 89  HOH A O   1 
HETATM 1096 O  O   . HOH D 3 .  ? -10.271 -0.125  -7.711  1.00 34.07 ? 90  HOH A O   1 
HETATM 1097 O  O   . HOH D 3 .  ? -15.812 0.414   -4.763  1.00 31.39 ? 91  HOH A O   1 
HETATM 1098 O  O   . HOH D 3 .  ? -25.112 -2.469  0.426   1.00 34.28 ? 92  HOH A O   1 
HETATM 1099 O  O   . HOH D 3 .  ? -7.601  0.818   -0.847  1.00 43.17 ? 93  HOH A O   1 
HETATM 1100 O  O   . HOH D 3 .  ? -16.095 -0.343  0.510   1.00 23.92 ? 94  HOH A O   1 
HETATM 1101 O  O   . HOH D 3 .  ? 3.214   -3.712  -3.783  1.00 35.88 ? 95  HOH A O   1 
HETATM 1102 O  O   . HOH D 3 .  ? -13.595 -9.777  5.656   1.00 26.47 ? 96  HOH A O   1 
HETATM 1103 O  O   . HOH D 3 .  ? 6.079   -14.477 -12.798 1.00 41.56 ? 97  HOH A O   1 
HETATM 1104 O  O   . HOH D 3 .  ? -20.211 -6.528  -13.200 1.00 37.85 ? 98  HOH A O   1 
HETATM 1105 O  O   . HOH D 3 .  ? -21.240 -9.617  5.790   1.00 35.38 ? 99  HOH A O   1 
HETATM 1106 O  O   . HOH D 3 .  ? -19.463 -2.754  -12.877 1.00 41.50 ? 100 HOH A O   1 
HETATM 1107 O  O   . HOH D 3 .  ? -16.846 -0.777  6.678   1.00 27.94 ? 101 HOH A O   1 
HETATM 1108 O  O   . HOH D 3 .  ? -24.013 -1.215  -2.235  1.00 30.67 ? 102 HOH A O   1 
HETATM 1109 O  O   . HOH D 3 .  ? -25.095 -0.892  2.231   1.00 44.77 ? 103 HOH A O   1 
HETATM 1110 O  O   . HOH D 3 .  ? 5.156   2.428   -6.249  1.00 48.00 ? 104 HOH A O   1 
HETATM 1111 O  O   . HOH D 3 .  ? -1.142  -4.357  -1.662  1.00 27.09 ? 105 HOH A O   1 
HETATM 1112 O  O   . HOH D 3 .  ? -4.242  0.570   -9.256  1.00 54.83 ? 106 HOH A O   1 
HETATM 1113 O  O   . HOH D 3 .  ? -22.444 0.422   -5.185  1.00 22.56 ? 107 HOH A O   1 
HETATM 1114 O  O   . HOH D 3 .  ? -6.158  -8.430  5.573   1.00 18.48 ? 108 HOH A O   1 
HETATM 1115 O  O   . HOH D 3 .  ? -9.002  -7.177  6.490   1.00 14.82 ? 109 HOH A O   1 
HETATM 1116 O  O   . HOH D 3 .  ? -18.278 -0.619  4.554   1.00 29.39 ? 110 HOH A O   1 
HETATM 1117 O  O   . HOH D 3 .  ? -10.664 -9.376  -16.524 1.00 40.70 ? 111 HOH A O   1 
HETATM 1118 O  O   . HOH D 3 .  ? -7.611  3.145   -5.986  1.00 40.72 ? 112 HOH A O   1 
HETATM 1119 O  O   . HOH D 3 .  ? 1.208   6.438   -15.235 1.00 36.14 ? 113 HOH A O   1 
HETATM 1120 O  O   . HOH D 3 .  ? 1.336   -11.516 -10.670 1.00 32.14 ? 114 HOH A O   1 
HETATM 1121 O  O   . HOH D 3 .  ? -18.013 -4.806  6.624   1.00 30.79 ? 115 HOH A O   1 
HETATM 1122 O  O   . HOH D 3 .  ? -22.811 2.326   -2.314  1.00 44.41 ? 116 HOH A O   1 
HETATM 1123 O  O   . HOH D 3 .  ? -7.455  -8.967  7.686   1.00 27.74 ? 117 HOH A O   1 
HETATM 1124 O  O   . HOH D 3 .  ? -10.412 -9.108  8.409   1.00 41.58 ? 118 HOH A O   1 
HETATM 1125 O  O   . HOH D 3 .  ? 2.969   -5.458  -5.876  1.00 31.53 ? 119 HOH A O   1 
HETATM 1126 O  O   . HOH D 3 .  ? -18.179 -6.302  -14.811 1.00 39.86 ? 120 HOH A O   1 
HETATM 1127 O  O   . HOH D 3 .  ? -13.120 -0.068  -0.032  1.00 35.40 ? 121 HOH A O   1 
HETATM 1128 O  O   . HOH D 3 .  ? -16.488 1.012   2.710   1.00 33.71 ? 122 HOH A O   1 
HETATM 1129 O  O   . HOH D 3 .  ? -2.464  2.442   -8.761  1.00 36.94 ? 123 HOH A O   1 
HETATM 1130 O  O   . HOH D 3 .  ? 12.502  0.313   -12.680 1.00 42.69 ? 124 HOH A O   1 
HETATM 1131 O  O   . HOH D 3 .  ? 0.751   -7.382  -4.917  1.00 38.43 ? 125 HOH A O   1 
HETATM 1132 O  O   . HOH E 3 .  ? 20.361  3.685   -0.621  1.00 36.15 ? 92  HOH B O   1 
HETATM 1133 O  O   . HOH E 3 .  ? -10.926 6.757   26.881  1.00 17.79 ? 93  HOH B O   1 
HETATM 1134 O  O   . HOH E 3 .  ? 5.857   -3.873  -2.445  1.00 27.83 ? 94  HOH B O   1 
HETATM 1135 O  O   . HOH E 3 .  ? 3.325   12.000  5.950   1.00 26.67 ? 95  HOH B O   1 
HETATM 1136 O  O   . HOH E 3 .  ? 3.887   6.965   -2.665  1.00 27.16 ? 96  HOH B O   1 
HETATM 1137 O  O   . HOH E 3 .  ? 12.987  11.986  2.850   1.00 26.85 ? 97  HOH B O   1 
HETATM 1138 O  O   . HOH E 3 .  ? -16.984 8.294   17.560  1.00 27.93 ? 98  HOH B O   1 
HETATM 1139 O  O   . HOH E 3 .  ? 7.932   9.544   -1.670  1.00 27.06 ? 99  HOH B O   1 
HETATM 1140 O  O   . HOH E 3 .  ? 4.531   0.246   11.887  1.00 27.82 ? 100 HOH B O   1 
HETATM 1141 O  O   . HOH E 3 .  ? -9.216  -1.112  30.378  1.00 38.54 ? 101 HOH B O   1 
HETATM 1142 O  O   . HOH E 3 .  ? -12.077 6.074   31.711  1.00 29.81 ? 102 HOH B O   1 
HETATM 1143 O  O   . HOH E 3 .  ? -6.131  9.015   23.218  1.00 23.69 ? 103 HOH B O   1 
HETATM 1144 O  O   . HOH E 3 .  ? 7.187   7.978   -5.958  1.00 23.79 ? 104 HOH B O   1 
HETATM 1145 O  O   . HOH E 3 .  ? -0.305  2.444   26.995  1.00 29.47 ? 105 HOH B O   1 
HETATM 1146 O  O   . HOH E 3 .  ? 9.582   -1.476  3.174   1.00 28.22 ? 106 HOH B O   1 
HETATM 1147 O  O   . HOH E 3 .  ? 2.877   4.602   -3.698  1.00 21.56 ? 107 HOH B O   1 
HETATM 1148 O  O   . HOH E 3 .  ? -15.504 10.713  16.529  1.00 21.70 ? 108 HOH B O   1 
HETATM 1149 O  O   . HOH E 3 .  ? 11.667  8.664   13.906  1.00 34.94 ? 109 HOH B O   1 
HETATM 1150 O  O   . HOH E 3 .  ? 1.319   0.438   8.021   1.00 22.01 ? 110 HOH B O   1 
HETATM 1151 O  O   . HOH E 3 .  ? 7.882   11.045  6.971   1.00 29.93 ? 111 HOH B O   1 
HETATM 1152 O  O   . HOH E 3 .  ? 1.127   -2.143  7.000   1.00 28.00 ? 112 HOH B O   1 
HETATM 1153 O  O   . HOH E 3 .  ? -3.734  10.899  10.123  1.00 20.82 ? 113 HOH B O   1 
HETATM 1154 O  O   . HOH E 3 .  ? 1.422   8.959   22.003  1.00 28.77 ? 114 HOH B O   1 
HETATM 1155 O  O   . HOH E 3 .  ? -10.947 2.450   3.139   1.00 63.53 ? 115 HOH B O   1 
HETATM 1156 O  O   . HOH E 3 .  ? -2.285  8.959   25.201  1.00 27.92 ? 116 HOH B O   1 
HETATM 1157 O  O   . HOH E 3 .  ? -6.640  3.244   32.406  1.00 26.75 ? 117 HOH B O   1 
HETATM 1158 O  O   . HOH E 3 .  ? -3.357  8.081   4.074   1.00 28.97 ? 118 HOH B O   1 
HETATM 1159 O  O   . HOH E 3 .  ? 3.730   -0.108  9.073   1.00 23.71 ? 119 HOH B O   1 
HETATM 1160 O  O   . HOH E 3 .  ? 2.777   2.088   -2.725  1.00 24.78 ? 120 HOH B O   1 
HETATM 1161 O  O   . HOH E 3 .  ? 8.427   11.696  12.878  1.00 34.53 ? 121 HOH B O   1 
HETATM 1162 O  O   . HOH E 3 .  ? -8.440  10.102  24.166  1.00 26.63 ? 122 HOH B O   1 
HETATM 1163 O  O   . HOH E 3 .  ? 12.744  9.257   -2.597  1.00 31.91 ? 123 HOH B O   1 
HETATM 1164 O  O   . HOH E 3 .  ? 3.310   2.964   19.753  1.00 31.10 ? 124 HOH B O   1 
HETATM 1165 O  O   . HOH E 3 .  ? 18.454  11.911  -10.637 1.00 49.08 ? 125 HOH B O   1 
HETATM 1166 O  O   . HOH E 3 .  ? 3.924   0.654   -4.387  1.00 41.80 ? 126 HOH B O   1 
HETATM 1167 O  O   . HOH E 3 .  ? -9.957  11.814  12.015  1.00 32.67 ? 127 HOH B O   1 
HETATM 1168 O  O   . HOH E 3 .  ? -10.867 2.620   6.546   1.00 23.99 ? 128 HOH B O   1 
HETATM 1169 O  O   . HOH E 3 .  ? 14.623  6.231   15.484  1.00 51.15 ? 129 HOH B O   1 
HETATM 1170 O  O   . HOH E 3 .  ? 7.908   11.950  15.680  1.00 29.21 ? 130 HOH B O   1 
HETATM 1171 O  O   . HOH E 3 .  ? 18.026  6.876   4.763   1.00 35.79 ? 131 HOH B O   1 
HETATM 1172 O  O   . HOH E 3 .  ? 3.988   13.076  8.463   1.00 44.23 ? 132 HOH B O   1 
HETATM 1173 O  O   . HOH E 3 .  ? -7.708  10.547  4.287   1.00 36.47 ? 133 HOH B O   1 
HETATM 1174 O  O   . HOH E 3 .  ? -8.813  10.863  6.580   1.00 46.25 ? 134 HOH B O   1 
HETATM 1175 O  O   . HOH E 3 .  ? 5.594   10.799  5.021   1.00 29.95 ? 135 HOH B O   1 
HETATM 1176 O  O   . HOH E 3 .  ? -12.097 13.240  18.634  1.00 47.94 ? 136 HOH B O   1 
HETATM 1177 O  O   . HOH E 3 .  ? -12.099 14.970  23.746  1.00 36.89 ? 137 HOH B O   1 
HETATM 1178 O  O   . HOH E 3 .  ? 12.382  12.270  5.306   1.00 45.17 ? 138 HOH B O   1 
HETATM 1179 O  O   . HOH E 3 .  ? -8.426  11.794  9.556   1.00 45.80 ? 139 HOH B O   1 
HETATM 1180 O  O   . HOH E 3 .  ? 4.736   5.833   20.449  1.00 44.74 ? 140 HOH B O   1 
# 
